data_7YOX
#
_entry.id   7YOX
#
_cell.length_a   1.00
_cell.length_b   1.00
_cell.length_c   1.00
_cell.angle_alpha   90.00
_cell.angle_beta   90.00
_cell.angle_gamma   90.00
#
_symmetry.space_group_name_H-M   'P 1'
#
loop_
_entity.id
_entity.type
_entity.pdbx_description
1 polymer 'DNA helicase MCM8'
2 polymer 'DNA helicase MCM9'
#
loop_
_entity_poly.entity_id
_entity_poly.type
_entity_poly.pdbx_seq_one_letter_code
_entity_poly.pdbx_strand_id
1 'polypeptide(L)'
;TPQSMQSTLDRFIPYKGWKLYFSEVYSDSSPLIEKIQAFEKFFTRHIDLYDKDEIERKGSILVDFKELTEGGEVTNLIPD
IATELRDAPEKTLACMGLAIHQVLTKDLERHAAELQAQEGLSNDGETMVNVPHIHARVYNYEPLTQLKNVRANYYGKYIA
LRGTVVRVSNIKPLCTKMAFLCAACGEIQSFPLPDGKYSLPTKCPVPVCRGRSFTALRSSPLTVTMDWQSIKIQELMSDD
QREAGRIPRTIECELVHDLVDSCVPGDTVTITGIVKVSNAEEGSRNKNDKCMFLLYIEANSISNSKGQKTKSSEDG
;
A,C,F
2 'polypeptide(L)'
;MNSDQVTLVGQVFESYVSEYHKNDILLILKERDEDAHYPVVVNAMTLFETNMEIGEYFNMFPSEVLTIFDSALRRSALTI
LQSLSQPEAVSMKQNLHARISGLPVCPELVREHIPKTKDVGHFLSVTGTVIRTSLVKVLEFERDYMCNKCKHVFVIKADF
EQYYTFCRPSSCPSLESCDSSKFTCLSGLSSSPTRCRDYQEIKIQEQVQRLSVGSIPRSMKVILEDDLVDSCKSGDDLTI
YGIVMQRWKPFQQDVRCEVEIVLKANYIQVNNEQSS
;
B,D,E
#
# COMPACT_ATOMS: atom_id res chain seq x y z
N GLN A 3 -3.78 -40.92 38.37
CA GLN A 3 -2.64 -40.06 38.11
C GLN A 3 -3.08 -38.62 37.89
N SER A 4 -3.81 -38.06 38.84
CA SER A 4 -4.33 -36.70 38.69
C SER A 4 -3.25 -35.64 38.56
N MET A 5 -2.18 -35.76 39.35
CA MET A 5 -1.10 -34.78 39.31
C MET A 5 -0.39 -34.83 37.97
N GLN A 6 0.05 -33.67 37.49
CA GLN A 6 0.69 -33.62 36.18
C GLN A 6 1.97 -34.44 36.14
N SER A 7 2.77 -34.37 37.19
CA SER A 7 4.00 -35.15 37.22
C SER A 7 3.70 -36.63 37.18
N THR A 8 2.71 -37.07 37.95
CA THR A 8 2.34 -38.47 37.96
C THR A 8 1.78 -38.95 36.61
N LEU A 9 0.94 -38.13 35.99
CA LEU A 9 0.40 -38.51 34.69
C LEU A 9 1.48 -38.62 33.62
N ASP A 10 2.43 -37.69 33.63
CA ASP A 10 3.49 -37.72 32.64
C ASP A 10 4.29 -39.00 32.81
N ARG A 11 4.59 -39.36 34.06
CA ARG A 11 5.33 -40.58 34.32
C ARG A 11 4.55 -41.84 33.91
N PHE A 12 3.26 -41.86 34.22
CA PHE A 12 2.44 -43.03 33.90
C PHE A 12 2.36 -43.20 32.40
N ILE A 13 2.17 -42.10 31.69
CA ILE A 13 2.11 -42.16 30.25
C ILE A 13 3.50 -42.52 29.73
N PRO A 14 3.58 -43.40 28.72
CA PRO A 14 4.89 -43.83 28.26
C PRO A 14 5.75 -42.68 27.74
N TYR A 15 5.16 -41.74 27.01
CA TYR A 15 5.90 -40.63 26.46
C TYR A 15 5.61 -39.33 27.22
N LYS A 16 6.60 -38.82 27.94
CA LYS A 16 6.41 -37.61 28.75
C LYS A 16 6.12 -36.31 28.02
N GLY A 17 6.84 -36.05 26.92
CA GLY A 17 6.69 -34.78 26.20
C GLY A 17 5.74 -34.83 25.04
N TRP A 18 5.04 -35.95 24.87
CA TRP A 18 4.14 -36.11 23.73
C TRP A 18 3.03 -35.07 23.72
N LYS A 19 2.53 -34.70 24.90
CA LYS A 19 1.41 -33.77 24.95
C LYS A 19 1.80 -32.47 24.27
N LEU A 20 3.02 -32.01 24.51
CA LEU A 20 3.48 -30.80 23.85
C LEU A 20 3.52 -30.97 22.33
N TYR A 21 4.07 -32.08 21.86
CA TYR A 21 4.19 -32.29 20.42
C TYR A 21 2.85 -32.48 19.75
N PHE A 22 1.98 -33.28 20.35
CA PHE A 22 0.71 -33.60 19.71
C PHE A 22 -0.50 -33.31 20.57
N SER A 23 -1.46 -32.59 20.03
CA SER A 23 -2.71 -32.31 20.75
C SER A 23 -3.49 -33.58 21.01
N GLU A 24 -3.46 -34.51 20.05
CA GLU A 24 -4.24 -35.74 20.19
C GLU A 24 -3.86 -36.57 21.40
N VAL A 25 -4.86 -37.17 22.03
CA VAL A 25 -4.61 -37.97 23.21
C VAL A 25 -4.64 -39.44 22.86
N TYR A 26 -3.57 -40.16 23.20
CA TYR A 26 -3.52 -41.58 22.93
C TYR A 26 -4.55 -42.35 23.74
N SER A 27 -5.13 -43.38 23.14
CA SER A 27 -6.11 -44.19 23.85
C SER A 27 -5.84 -45.65 23.53
N ASP A 28 -6.18 -46.55 24.43
CA ASP A 28 -6.01 -47.97 24.16
C ASP A 28 -6.87 -48.36 22.99
N SER A 29 -8.09 -47.83 22.93
CA SER A 29 -8.98 -48.09 21.82
C SER A 29 -8.41 -47.56 20.51
N SER A 30 -7.73 -46.43 20.56
CA SER A 30 -7.22 -45.81 19.33
C SER A 30 -6.24 -46.70 18.59
N PRO A 31 -6.37 -46.74 17.25
CA PRO A 31 -5.50 -47.59 16.42
C PRO A 31 -4.03 -47.21 16.46
N LEU A 32 -3.70 -45.94 16.62
CA LEU A 32 -2.30 -45.54 16.54
C LEU A 32 -1.40 -46.20 17.58
N ILE A 33 -1.88 -46.41 18.80
CA ILE A 33 -1.01 -46.94 19.86
C ILE A 33 -0.39 -48.32 19.62
N GLU A 34 -1.14 -49.26 19.06
CA GLU A 34 -0.56 -50.56 18.78
C GLU A 34 0.57 -50.41 17.77
N LYS A 35 0.40 -49.53 16.80
CA LYS A 35 1.46 -49.28 15.82
C LYS A 35 2.72 -48.68 16.45
N ILE A 36 2.59 -47.75 17.40
CA ILE A 36 3.79 -47.25 18.08
C ILE A 36 4.48 -48.39 18.82
N GLN A 37 3.71 -49.29 19.42
CA GLN A 37 4.31 -50.43 20.10
C GLN A 37 5.08 -51.30 19.11
N ALA A 38 4.52 -51.51 17.92
CA ALA A 38 5.22 -52.28 16.91
C ALA A 38 6.50 -51.59 16.49
N PHE A 39 6.44 -50.27 16.31
CA PHE A 39 7.63 -49.52 15.94
C PHE A 39 8.67 -49.60 17.04
N GLU A 40 8.25 -49.53 18.30
CA GLU A 40 9.17 -49.60 19.42
C GLU A 40 9.90 -50.92 19.43
N LYS A 41 9.19 -52.01 19.18
CA LYS A 41 9.82 -53.32 19.13
C LYS A 41 10.82 -53.36 18.01
N PHE A 42 10.45 -52.80 16.86
CA PHE A 42 11.37 -52.74 15.75
C PHE A 42 12.57 -51.85 16.07
N PHE A 43 12.33 -50.72 16.73
CA PHE A 43 13.41 -49.80 17.06
C PHE A 43 14.40 -50.46 18.02
N THR A 44 13.89 -51.16 19.03
CA THR A 44 14.78 -51.84 19.96
C THR A 44 15.58 -52.94 19.27
N ARG A 45 14.94 -53.67 18.37
CA ARG A 45 15.62 -54.72 17.64
C ARG A 45 16.74 -54.12 16.83
N HIS A 46 16.47 -52.98 16.19
CA HIS A 46 17.53 -52.30 15.46
C HIS A 46 18.26 -51.36 16.40
N ILE A 47 19.02 -51.91 17.34
CA ILE A 47 19.75 -51.10 18.29
C ILE A 47 20.77 -50.26 17.53
N ASP A 48 21.38 -50.84 16.51
CA ASP A 48 22.34 -50.10 15.69
C ASP A 48 21.69 -48.90 15.01
N LEU A 49 20.46 -49.04 14.53
CA LEU A 49 19.79 -47.96 13.81
C LEU A 49 19.60 -46.71 14.69
N TYR A 50 19.22 -46.91 15.95
CA TYR A 50 18.96 -45.76 16.81
C TYR A 50 20.03 -45.53 17.85
N ASP A 51 20.59 -44.33 17.88
CA ASP A 51 21.57 -44.00 18.91
C ASP A 51 20.91 -42.92 19.71
N LYS A 52 20.89 -43.06 21.04
CA LYS A 52 20.16 -42.09 21.85
C LYS A 52 20.70 -40.68 21.67
N ASP A 53 22.02 -40.53 21.63
CA ASP A 53 22.62 -39.22 21.46
C ASP A 53 22.21 -38.63 20.13
N GLU A 54 22.18 -39.45 19.08
CA GLU A 54 21.81 -38.95 17.77
C GLU A 54 20.38 -38.45 17.73
N ILE A 55 19.46 -39.19 18.36
CA ILE A 55 18.08 -38.73 18.41
C ILE A 55 17.97 -37.45 19.22
N GLU A 56 18.69 -37.36 20.33
CA GLU A 56 18.66 -36.15 21.13
C GLU A 56 19.20 -34.96 20.38
N ARG A 57 20.31 -35.15 19.67
CA ARG A 57 20.93 -34.05 18.96
C ARG A 57 20.09 -33.44 17.82
N LYS A 58 19.43 -34.27 17.03
CA LYS A 58 18.66 -33.75 15.91
C LYS A 58 17.15 -33.81 16.07
N GLY A 59 16.69 -34.37 17.20
CA GLY A 59 15.26 -34.52 17.42
C GLY A 59 14.60 -35.40 16.39
N SER A 60 15.32 -36.37 15.85
CA SER A 60 14.77 -37.19 14.78
C SER A 60 15.45 -38.53 14.60
N ILE A 61 14.80 -39.45 13.91
CA ILE A 61 15.44 -40.72 13.59
C ILE A 61 15.14 -40.97 12.11
N LEU A 62 16.04 -41.62 11.39
CA LEU A 62 15.79 -41.94 10.00
C LEU A 62 15.64 -43.45 9.82
N VAL A 63 14.54 -43.87 9.19
CA VAL A 63 14.30 -45.30 9.01
C VAL A 63 14.18 -45.69 7.56
N ASP A 64 14.90 -46.72 7.14
CA ASP A 64 14.74 -47.18 5.77
C ASP A 64 13.38 -47.82 5.73
N PHE A 65 12.54 -47.38 4.81
CA PHE A 65 11.20 -47.92 4.74
C PHE A 65 11.19 -49.39 4.36
N LYS A 66 12.06 -49.77 3.44
CA LYS A 66 12.08 -51.16 3.01
C LYS A 66 12.42 -52.04 4.19
N GLU A 67 13.41 -51.65 4.97
CA GLU A 67 13.77 -52.41 6.16
C GLU A 67 12.62 -52.39 7.17
N LEU A 68 11.96 -51.23 7.32
CA LEU A 68 10.85 -51.13 8.25
C LEU A 68 9.72 -52.05 7.85
N THR A 69 9.37 -52.08 6.56
CA THR A 69 8.32 -52.97 6.08
C THR A 69 8.73 -54.41 6.23
N GLU A 70 10.00 -54.71 6.01
CA GLU A 70 10.49 -56.08 6.09
C GLU A 70 10.28 -56.68 7.47
N GLY A 71 10.44 -55.88 8.52
CA GLY A 71 10.33 -56.42 9.87
C GLY A 71 8.98 -57.05 10.13
N GLY A 72 8.99 -58.23 10.73
CA GLY A 72 7.75 -58.96 10.97
C GLY A 72 6.74 -58.32 11.89
N GLU A 73 7.20 -57.68 12.95
CA GLU A 73 6.28 -57.12 13.94
C GLU A 73 5.30 -56.06 13.41
N VAL A 74 5.78 -55.12 12.61
CA VAL A 74 4.88 -54.14 12.02
C VAL A 74 3.92 -54.82 11.05
N THR A 75 4.40 -55.83 10.34
CA THR A 75 3.55 -56.58 9.42
C THR A 75 2.43 -57.26 10.20
N ASN A 76 2.72 -57.75 11.40
CA ASN A 76 1.66 -58.32 12.21
C ASN A 76 0.63 -57.26 12.58
N LEU A 77 1.09 -56.07 12.97
CA LEU A 77 0.16 -55.01 13.36
C LEU A 77 -0.73 -54.51 12.21
N ILE A 78 -0.14 -54.29 11.05
CA ILE A 78 -0.91 -53.84 9.89
C ILE A 78 -0.58 -54.75 8.73
N PRO A 79 -1.60 -55.22 8.01
CA PRO A 79 -1.31 -56.18 6.94
C PRO A 79 -0.33 -55.59 5.97
N ASP A 80 -0.53 -54.35 5.56
CA ASP A 80 0.48 -53.71 4.74
C ASP A 80 0.84 -52.42 5.44
N ILE A 81 2.09 -52.31 5.86
CA ILE A 81 2.54 -51.09 6.48
C ILE A 81 2.54 -49.96 5.46
N ALA A 82 2.88 -50.28 4.21
CA ALA A 82 2.94 -49.27 3.16
C ALA A 82 1.62 -48.58 2.90
N THR A 83 0.53 -49.35 2.87
CA THR A 83 -0.77 -48.76 2.61
C THR A 83 -1.11 -47.79 3.71
N GLU A 84 -0.85 -48.16 4.95
CA GLU A 84 -1.19 -47.31 6.07
C GLU A 84 -0.42 -46.01 6.04
N LEU A 85 0.86 -46.07 5.66
CA LEU A 85 1.64 -44.86 5.54
C LEU A 85 1.04 -43.96 4.48
N ARG A 86 0.63 -44.52 3.36
CA ARG A 86 -0.05 -43.71 2.35
C ARG A 86 -1.39 -43.17 2.84
N ASP A 87 -2.18 -44.01 3.50
CA ASP A 87 -3.51 -43.61 3.93
C ASP A 87 -3.52 -42.51 4.98
N ALA A 88 -2.66 -42.65 5.98
CA ALA A 88 -2.60 -41.66 7.05
C ALA A 88 -1.17 -41.28 7.33
N PRO A 89 -0.55 -40.49 6.45
CA PRO A 89 0.87 -40.21 6.71
C PRO A 89 1.12 -39.48 8.01
N GLU A 90 0.30 -38.48 8.34
CA GLU A 90 0.50 -37.73 9.55
C GLU A 90 0.35 -38.61 10.76
N LYS A 91 -0.71 -39.42 10.78
CA LYS A 91 -0.94 -40.25 11.95
C LYS A 91 0.13 -41.30 12.16
N THR A 92 0.56 -41.94 11.08
CA THR A 92 1.61 -42.94 11.20
C THR A 92 2.89 -42.28 11.63
N LEU A 93 3.18 -41.10 11.08
CA LEU A 93 4.38 -40.38 11.46
C LEU A 93 4.36 -39.98 12.92
N ALA A 94 3.21 -39.51 13.39
CA ALA A 94 3.09 -39.11 14.78
C ALA A 94 3.31 -40.30 15.67
N CYS A 95 2.70 -41.43 15.32
CA CYS A 95 2.88 -42.64 16.09
C CYS A 95 4.32 -43.15 16.05
N MET A 96 4.95 -43.10 14.87
CA MET A 96 6.34 -43.50 14.77
C MET A 96 7.21 -42.57 15.59
N GLY A 97 6.91 -41.27 15.54
CA GLY A 97 7.67 -40.29 16.29
C GLY A 97 7.51 -40.58 17.76
N LEU A 98 6.30 -40.95 18.17
CA LEU A 98 6.04 -41.27 19.56
C LEU A 98 6.87 -42.46 19.99
N ALA A 99 7.02 -43.44 19.11
CA ALA A 99 7.78 -44.62 19.47
C ALA A 99 9.23 -44.29 19.76
N ILE A 100 9.87 -43.49 18.91
CA ILE A 100 11.24 -43.09 19.22
C ILE A 100 11.28 -42.21 20.45
N HIS A 101 10.31 -41.31 20.57
CA HIS A 101 10.27 -40.41 21.71
C HIS A 101 10.08 -41.15 23.03
N GLN A 102 9.21 -42.16 23.05
CA GLN A 102 9.00 -42.92 24.27
C GLN A 102 10.28 -43.61 24.64
N VAL A 103 10.96 -44.17 23.65
CA VAL A 103 12.22 -44.83 23.90
C VAL A 103 13.22 -43.83 24.43
N LEU A 104 13.25 -42.64 23.84
CA LEU A 104 14.18 -41.61 24.28
C LEU A 104 13.91 -41.21 25.72
N THR A 105 12.65 -40.98 26.07
CA THR A 105 12.33 -40.54 27.42
C THR A 105 12.70 -41.62 28.43
N LYS A 106 12.32 -42.85 28.13
CA LYS A 106 12.64 -43.95 29.02
C LYS A 106 14.13 -44.16 29.10
N ASP A 107 14.79 -44.12 27.94
CA ASP A 107 16.23 -44.36 27.92
C ASP A 107 17.01 -43.29 28.64
N LEU A 108 16.65 -42.03 28.45
CA LEU A 108 17.33 -40.93 29.12
C LEU A 108 17.15 -41.04 30.62
N GLU A 109 15.92 -41.32 31.04
CA GLU A 109 15.64 -41.44 32.47
C GLU A 109 16.38 -42.60 33.07
N ARG A 110 16.41 -43.73 32.37
CA ARG A 110 17.12 -44.90 32.86
C ARG A 110 18.61 -44.63 32.96
N HIS A 111 19.16 -43.97 31.95
CA HIS A 111 20.59 -43.67 31.96
C HIS A 111 20.92 -42.78 33.12
N ALA A 112 20.08 -41.77 33.35
CA ALA A 112 20.33 -40.85 34.45
C ALA A 112 20.25 -41.59 35.78
N ALA A 113 19.26 -42.46 35.91
CA ALA A 113 19.11 -43.18 37.17
C ALA A 113 20.30 -44.06 37.43
N GLU A 114 20.78 -44.77 36.41
CA GLU A 114 21.93 -45.64 36.58
C GLU A 114 23.19 -44.86 36.92
N LEU A 115 23.40 -43.76 36.21
CA LEU A 115 24.59 -42.94 36.44
C LEU A 115 24.60 -42.31 37.82
N GLN A 116 23.45 -41.82 38.26
CA GLN A 116 23.39 -41.10 39.52
C GLN A 116 22.93 -41.90 40.72
N ALA A 117 22.73 -43.21 40.57
CA ALA A 117 22.30 -44.04 41.68
C ALA A 117 23.33 -44.03 42.77
N GLN A 118 24.59 -44.11 42.39
CA GLN A 118 25.67 -44.07 43.37
C GLN A 118 25.69 -42.73 44.09
N GLU A 119 25.48 -41.66 43.35
CA GLU A 119 25.45 -40.32 43.95
C GLU A 119 24.33 -40.12 44.95
N GLY A 120 23.15 -40.65 44.64
CA GLY A 120 21.99 -40.43 45.50
C GLY A 120 20.76 -40.90 44.78
N LEU A 121 19.60 -40.37 45.15
CA LEU A 121 18.40 -40.74 44.41
C LEU A 121 18.40 -39.80 43.23
N SER A 122 18.86 -40.27 42.06
CA SER A 122 19.00 -39.40 40.89
C SER A 122 19.83 -38.18 41.26
N ASN A 123 20.96 -38.39 41.95
CA ASN A 123 21.83 -37.29 42.41
C ASN A 123 21.09 -36.35 43.34
N ASP A 124 20.16 -36.89 44.13
CA ASP A 124 19.40 -36.08 45.09
C ASP A 124 18.74 -34.87 44.44
N GLY A 125 18.19 -35.06 43.25
CA GLY A 125 17.57 -33.95 42.54
C GLY A 125 16.51 -34.40 41.55
N GLU A 126 15.65 -33.48 41.12
CA GLU A 126 14.63 -33.82 40.13
C GLU A 126 15.29 -34.17 38.81
N THR A 127 14.76 -35.17 38.13
CA THR A 127 15.29 -35.53 36.82
C THR A 127 14.32 -35.06 35.76
N MET A 128 14.79 -34.19 34.87
CA MET A 128 13.94 -33.69 33.81
C MET A 128 14.45 -34.19 32.48
N VAL A 129 13.57 -34.78 31.70
CA VAL A 129 13.97 -35.31 30.40
C VAL A 129 14.44 -34.27 29.41
N ASN A 130 13.76 -33.12 29.34
CA ASN A 130 14.10 -32.05 28.37
C ASN A 130 14.24 -32.59 26.95
N VAL A 131 13.30 -33.44 26.55
CA VAL A 131 13.37 -34.07 25.24
C VAL A 131 13.16 -33.09 24.10
N PRO A 132 13.92 -33.24 23.00
CA PRO A 132 13.70 -32.38 21.83
C PRO A 132 12.43 -32.77 21.11
N HIS A 133 11.88 -31.87 20.29
CA HIS A 133 10.70 -32.25 19.53
C HIS A 133 11.08 -33.41 18.66
N ILE A 134 10.26 -34.46 18.66
CA ILE A 134 10.64 -35.65 17.91
C ILE A 134 9.80 -35.83 16.66
N HIS A 135 10.46 -35.90 15.51
CA HIS A 135 9.75 -36.13 14.26
C HIS A 135 10.34 -37.37 13.62
N ALA A 136 9.49 -38.31 13.24
CA ALA A 136 9.99 -39.49 12.56
C ALA A 136 10.29 -39.14 11.13
N ARG A 137 11.47 -39.52 10.65
CA ARG A 137 11.77 -39.28 9.25
C ARG A 137 11.93 -40.64 8.58
N VAL A 138 11.16 -40.89 7.53
CA VAL A 138 11.23 -42.17 6.86
C VAL A 138 11.80 -41.96 5.48
N TYR A 139 12.81 -42.72 5.13
CA TYR A 139 13.46 -42.56 3.83
C TYR A 139 13.52 -43.89 3.13
N ASN A 140 13.91 -43.92 1.86
CA ASN A 140 13.91 -45.15 1.07
C ASN A 140 12.51 -45.74 1.01
N TYR A 141 11.52 -44.87 0.85
CA TYR A 141 10.14 -45.32 0.81
C TYR A 141 9.96 -46.17 -0.44
N GLU A 142 9.49 -47.41 -0.27
CA GLU A 142 9.37 -48.30 -1.42
C GLU A 142 8.36 -47.90 -2.50
N PRO A 143 7.15 -47.45 -2.09
CA PRO A 143 6.29 -47.02 -3.20
C PRO A 143 6.82 -45.71 -3.74
N LEU A 144 6.98 -45.61 -5.05
CA LEU A 144 7.55 -44.39 -5.60
C LEU A 144 6.60 -43.73 -6.58
N THR A 145 6.39 -42.43 -6.40
CA THR A 145 5.52 -41.70 -7.31
C THR A 145 6.29 -40.60 -8.01
N GLN A 146 6.17 -40.53 -9.33
CA GLN A 146 6.82 -39.46 -10.07
C GLN A 146 6.06 -38.16 -9.85
N LEU A 147 6.70 -37.03 -10.11
CA LEU A 147 6.06 -35.75 -9.84
C LEU A 147 4.79 -35.54 -10.64
N LYS A 148 4.76 -36.00 -11.89
CA LYS A 148 3.55 -35.89 -12.69
C LYS A 148 2.43 -36.69 -12.05
N ASN A 149 2.75 -37.85 -11.50
CA ASN A 149 1.74 -38.68 -10.84
C ASN A 149 1.11 -37.99 -9.65
N VAL A 150 1.90 -37.23 -8.89
CA VAL A 150 1.36 -36.62 -7.67
C VAL A 150 0.14 -35.80 -8.02
N ARG A 151 -0.94 -35.97 -7.28
CA ARG A 151 -2.20 -35.30 -7.60
C ARG A 151 -2.93 -35.05 -6.31
N ALA A 152 -4.16 -34.56 -6.41
CA ALA A 152 -4.97 -34.31 -5.23
C ALA A 152 -5.23 -35.58 -4.45
N ASN A 153 -5.50 -36.68 -5.14
CA ASN A 153 -5.69 -37.95 -4.45
C ASN A 153 -4.40 -38.37 -3.75
N TYR A 154 -3.25 -38.11 -4.39
CA TYR A 154 -1.96 -38.43 -3.77
C TYR A 154 -1.75 -37.61 -2.51
N TYR A 155 -2.23 -36.38 -2.49
CA TYR A 155 -2.09 -35.52 -1.32
C TYR A 155 -2.76 -36.16 -0.12
N GLY A 156 -2.13 -36.06 1.04
CA GLY A 156 -2.66 -36.70 2.23
C GLY A 156 -2.10 -38.09 2.41
N LYS A 157 -1.24 -38.53 1.49
CA LYS A 157 -0.61 -39.83 1.60
C LYS A 157 0.91 -39.65 1.43
N TYR A 158 1.70 -40.45 2.12
CA TYR A 158 3.16 -40.32 2.03
C TYR A 158 3.62 -40.65 0.62
N ILE A 159 4.58 -39.89 0.10
CA ILE A 159 5.08 -40.13 -1.24
C ILE A 159 6.60 -40.11 -1.32
N ALA A 160 7.17 -40.84 -2.28
CA ALA A 160 8.61 -40.81 -2.48
C ALA A 160 8.92 -40.33 -3.89
N LEU A 161 9.82 -39.38 -4.00
CA LEU A 161 10.16 -38.84 -5.31
C LEU A 161 11.64 -38.61 -5.48
N ARG A 162 12.10 -38.60 -6.72
CA ARG A 162 13.51 -38.29 -6.97
C ARG A 162 13.55 -36.97 -7.70
N GLY A 163 14.33 -36.02 -7.19
CA GLY A 163 14.37 -34.71 -7.78
C GLY A 163 15.63 -33.91 -7.54
N THR A 164 15.84 -32.86 -8.31
CA THR A 164 17.01 -32.02 -8.13
C THR A 164 16.59 -30.74 -7.42
N VAL A 165 17.32 -30.31 -6.40
CA VAL A 165 16.87 -29.13 -5.68
C VAL A 165 17.33 -27.89 -6.43
N VAL A 166 16.39 -27.12 -6.93
CA VAL A 166 16.74 -25.89 -7.65
C VAL A 166 17.35 -24.81 -6.79
N ARG A 167 16.80 -24.56 -5.62
CA ARG A 167 17.28 -23.47 -4.79
C ARG A 167 17.05 -23.71 -3.31
N VAL A 168 17.87 -23.11 -2.45
CA VAL A 168 17.63 -23.21 -1.00
C VAL A 168 17.42 -21.82 -0.41
N SER A 169 16.40 -21.67 0.42
CA SER A 169 16.12 -20.39 1.06
C SER A 169 17.06 -20.05 2.21
N ASN A 170 17.21 -18.78 2.53
CA ASN A 170 18.02 -18.41 3.69
C ASN A 170 17.24 -18.84 4.93
N ILE A 171 17.95 -19.26 5.97
CA ILE A 171 17.27 -19.73 7.18
C ILE A 171 16.49 -18.59 7.81
N LYS A 172 15.24 -18.84 8.16
CA LYS A 172 14.41 -17.82 8.77
C LYS A 172 13.84 -18.33 10.06
N PRO A 173 14.00 -17.57 11.14
CA PRO A 173 13.35 -18.05 12.36
C PRO A 173 11.84 -18.06 12.20
N LEU A 174 11.21 -19.16 12.59
CA LEU A 174 9.76 -19.27 12.50
C LEU A 174 9.31 -19.64 13.88
N CYS A 175 8.29 -18.98 14.41
CA CYS A 175 7.95 -19.24 15.79
C CYS A 175 7.04 -20.45 15.92
N THR A 176 7.62 -21.58 16.30
CA THR A 176 6.84 -22.78 16.52
C THR A 176 5.89 -22.60 17.69
N LYS A 177 6.36 -21.93 18.73
CA LYS A 177 5.53 -21.65 19.88
C LYS A 177 5.60 -20.18 20.20
N MET A 178 4.54 -19.63 20.77
CA MET A 178 4.55 -18.23 21.17
C MET A 178 4.21 -18.08 22.64
N ALA A 179 5.04 -17.37 23.38
CA ALA A 179 4.73 -17.12 24.78
C ALA A 179 3.52 -16.23 24.78
N PHE A 180 2.51 -16.61 25.55
CA PHE A 180 1.29 -15.83 25.55
C PHE A 180 0.79 -15.49 26.94
N LEU A 181 0.63 -14.21 27.22
CA LEU A 181 0.21 -13.80 28.54
C LEU A 181 -1.22 -13.31 28.49
N CYS A 182 -2.11 -13.97 29.22
CA CYS A 182 -3.46 -13.46 29.28
C CYS A 182 -3.40 -12.25 30.17
N ALA A 183 -4.06 -11.17 29.77
CA ALA A 183 -3.97 -9.95 30.55
C ALA A 183 -4.56 -10.17 31.94
N ALA A 184 -5.71 -10.84 32.00
CA ALA A 184 -6.32 -11.13 33.30
C ALA A 184 -5.49 -12.09 34.15
N CYS A 185 -4.99 -13.15 33.54
CA CYS A 185 -4.17 -14.11 34.27
C CYS A 185 -2.85 -13.55 34.75
N GLY A 186 -2.18 -12.77 33.89
CA GLY A 186 -0.86 -12.28 34.23
C GLY A 186 0.16 -13.39 34.10
N GLU A 187 -0.19 -14.47 33.41
CA GLU A 187 0.71 -15.61 33.28
C GLU A 187 1.04 -15.94 31.84
N ILE A 188 2.33 -16.13 31.57
CA ILE A 188 2.75 -16.44 30.20
C ILE A 188 2.78 -17.93 29.96
N GLN A 189 2.07 -18.38 28.93
CA GLN A 189 2.07 -19.80 28.58
C GLN A 189 2.51 -19.98 27.13
N SER A 190 3.41 -20.93 26.89
CA SER A 190 3.79 -21.18 25.51
C SER A 190 2.57 -21.72 24.80
N PHE A 191 2.27 -21.17 23.65
CA PHE A 191 1.07 -21.58 22.94
C PHE A 191 1.48 -22.08 21.57
N PRO A 192 1.06 -23.30 21.19
CA PRO A 192 1.50 -23.83 19.92
C PRO A 192 0.99 -23.00 18.77
N LEU A 193 1.86 -22.72 17.80
CA LEU A 193 1.44 -21.96 16.64
C LEU A 193 1.48 -22.95 15.51
N PRO A 194 0.33 -23.14 14.82
CA PRO A 194 0.33 -24.18 13.80
C PRO A 194 1.27 -23.82 12.67
N ASP A 195 2.19 -24.71 12.31
CA ASP A 195 3.14 -24.48 11.21
C ASP A 195 3.88 -23.14 11.29
N GLY A 196 4.22 -22.71 12.49
CA GLY A 196 4.85 -21.41 12.66
C GLY A 196 4.03 -20.26 12.10
N LYS A 197 2.72 -20.33 12.25
CA LYS A 197 1.84 -19.29 11.75
C LYS A 197 1.17 -18.69 12.96
N TYR A 198 1.17 -17.36 13.07
CA TYR A 198 0.65 -16.73 14.28
C TYR A 198 -0.78 -17.08 14.63
N SER A 199 -1.03 -17.40 15.89
CA SER A 199 -2.36 -17.73 16.33
C SER A 199 -2.55 -17.14 17.71
N LEU A 200 -3.79 -16.87 18.11
CA LEU A 200 -4.07 -16.34 19.43
C LEU A 200 -4.98 -17.28 20.20
N PRO A 201 -4.64 -17.58 21.46
CA PRO A 201 -5.57 -18.42 22.23
C PRO A 201 -6.87 -17.67 22.52
N THR A 202 -8.00 -18.33 22.32
CA THR A 202 -9.29 -17.72 22.60
C THR A 202 -9.48 -17.44 24.07
N LYS A 203 -9.07 -18.37 24.92
CA LYS A 203 -9.24 -18.21 26.36
C LYS A 203 -7.99 -18.72 27.03
N CYS A 204 -7.74 -18.31 28.26
CA CYS A 204 -6.61 -18.85 28.99
C CYS A 204 -6.85 -20.33 29.20
N PRO A 205 -5.81 -21.16 29.04
CA PRO A 205 -6.02 -22.61 29.16
C PRO A 205 -6.54 -23.03 30.52
N VAL A 206 -6.06 -22.41 31.58
CA VAL A 206 -6.49 -22.78 32.91
C VAL A 206 -7.98 -22.56 33.09
N PRO A 207 -8.64 -23.48 33.80
CA PRO A 207 -10.10 -23.38 33.98
C PRO A 207 -10.50 -22.11 34.70
N VAL A 208 -9.72 -21.70 35.69
CA VAL A 208 -10.05 -20.52 36.48
C VAL A 208 -10.13 -19.26 35.62
N CYS A 209 -9.20 -19.09 34.69
CA CYS A 209 -9.19 -17.86 33.89
C CYS A 209 -9.72 -18.06 32.49
N ARG A 210 -10.74 -17.29 32.12
CA ARG A 210 -11.31 -17.41 30.79
C ARG A 210 -11.00 -16.19 29.95
N GLY A 211 -10.06 -15.36 30.38
CA GLY A 211 -9.83 -14.11 29.67
C GLY A 211 -9.43 -14.22 28.23
N ARG A 212 -10.16 -13.52 27.36
CA ARG A 212 -9.85 -13.52 25.93
C ARG A 212 -8.56 -12.83 25.56
N SER A 213 -8.28 -11.69 26.19
CA SER A 213 -7.11 -10.91 25.79
C SER A 213 -5.82 -11.65 26.01
N PHE A 214 -4.96 -11.64 24.99
CA PHE A 214 -3.68 -12.31 25.11
C PHE A 214 -2.57 -11.46 24.53
N THR A 215 -1.42 -11.43 25.20
CA THR A 215 -0.29 -10.65 24.71
C THR A 215 0.86 -11.58 24.39
N ALA A 216 1.46 -11.42 23.21
CA ALA A 216 2.54 -12.32 22.84
C ALA A 216 3.84 -11.73 23.33
N LEU A 217 4.49 -12.43 24.27
CA LEU A 217 5.70 -11.87 24.84
C LEU A 217 6.94 -12.46 24.19
N ARG A 218 7.54 -11.71 23.29
CA ARG A 218 8.76 -12.16 22.62
C ARG A 218 9.90 -12.25 23.61
N SER A 219 9.96 -11.30 24.53
CA SER A 219 11.01 -11.29 25.53
C SER A 219 10.98 -12.53 26.41
N SER A 220 9.78 -12.99 26.75
CA SER A 220 9.65 -14.16 27.61
C SER A 220 10.26 -15.41 26.98
N PRO A 221 10.93 -16.24 27.78
CA PRO A 221 11.59 -17.45 27.27
C PRO A 221 10.65 -18.51 26.72
N LEU A 222 9.37 -18.48 27.07
CA LEU A 222 8.44 -19.53 26.66
C LEU A 222 8.29 -19.70 25.14
N THR A 223 8.34 -18.62 24.38
CA THR A 223 8.27 -18.77 22.93
C THR A 223 9.42 -19.60 22.38
N VAL A 224 9.11 -20.48 21.45
CA VAL A 224 10.14 -21.31 20.85
C VAL A 224 10.23 -20.91 19.38
N THR A 225 11.44 -20.63 18.92
CA THR A 225 11.64 -20.30 17.53
C THR A 225 12.45 -21.37 16.84
N MET A 226 12.00 -21.81 15.67
CA MET A 226 12.70 -22.86 14.95
C MET A 226 13.16 -22.35 13.59
N ASP A 227 14.40 -22.65 13.24
CA ASP A 227 14.92 -22.23 11.95
C ASP A 227 14.13 -22.90 10.84
N TRP A 228 13.82 -22.15 9.79
CA TRP A 228 13.05 -22.70 8.68
C TRP A 228 13.76 -22.48 7.36
N GLN A 229 13.79 -23.52 6.54
CA GLN A 229 14.43 -23.41 5.23
C GLN A 229 13.47 -23.91 4.17
N SER A 230 13.57 -23.39 2.96
CA SER A 230 12.73 -23.91 1.90
C SER A 230 13.54 -24.36 0.68
N ILE A 231 13.31 -25.58 0.24
CA ILE A 231 14.00 -26.07 -0.96
C ILE A 231 12.96 -26.37 -2.03
N LYS A 232 13.26 -26.06 -3.27
CA LYS A 232 12.33 -26.36 -4.34
C LYS A 232 12.84 -27.58 -5.06
N ILE A 233 11.99 -28.57 -5.27
CA ILE A 233 12.47 -29.80 -5.88
C ILE A 233 11.84 -30.05 -7.25
N GLN A 234 12.68 -30.30 -8.25
CA GLN A 234 12.15 -30.49 -9.59
C GLN A 234 12.44 -31.89 -10.10
N GLU A 235 11.46 -32.50 -10.75
CA GLU A 235 11.63 -33.87 -11.22
C GLU A 235 12.78 -33.92 -12.21
N LEU A 236 13.65 -34.89 -12.06
CA LEU A 236 14.80 -34.98 -12.94
C LEU A 236 14.30 -35.22 -14.36
N MET A 237 14.89 -34.54 -15.33
CA MET A 237 14.41 -34.66 -16.68
C MET A 237 15.26 -35.66 -17.44
N SER A 238 14.64 -36.75 -17.88
CA SER A 238 15.34 -37.74 -18.66
C SER A 238 14.50 -37.97 -19.89
N ASP A 239 15.14 -38.13 -21.04
CA ASP A 239 14.40 -38.32 -22.28
C ASP A 239 13.60 -39.61 -22.28
N ASP A 240 14.17 -40.68 -21.73
CA ASP A 240 13.43 -41.91 -21.63
C ASP A 240 12.21 -41.73 -20.71
N GLN A 241 12.41 -41.09 -19.57
CA GLN A 241 11.33 -40.86 -18.62
C GLN A 241 10.23 -39.94 -19.15
N ARG A 242 10.62 -38.83 -19.79
CA ARG A 242 9.63 -37.85 -20.23
C ARG A 242 9.98 -37.26 -21.58
N GLU A 243 8.99 -36.71 -22.26
CA GLU A 243 9.22 -36.10 -23.57
C GLU A 243 10.25 -34.99 -23.39
N ALA A 244 11.19 -34.87 -24.32
CA ALA A 244 12.23 -33.87 -24.15
C ALA A 244 11.63 -32.49 -24.07
N GLY A 245 12.09 -31.71 -23.10
CA GLY A 245 11.55 -30.37 -22.91
C GLY A 245 10.28 -30.31 -22.08
N ARG A 246 9.80 -31.44 -21.57
CA ARG A 246 8.66 -31.39 -20.68
C ARG A 246 9.14 -30.70 -19.43
N ILE A 247 8.36 -29.77 -18.92
CA ILE A 247 8.78 -29.02 -17.75
C ILE A 247 8.77 -29.91 -16.52
N PRO A 248 9.87 -29.89 -15.76
CA PRO A 248 9.86 -30.65 -14.51
C PRO A 248 8.91 -29.99 -13.55
N ARG A 249 8.06 -30.76 -12.88
CA ARG A 249 7.19 -30.17 -11.88
C ARG A 249 8.07 -29.76 -10.72
N THR A 250 7.84 -28.56 -10.21
CA THR A 250 8.64 -28.09 -9.10
C THR A 250 7.77 -27.96 -7.86
N ILE A 251 8.15 -28.68 -6.80
CA ILE A 251 7.37 -28.66 -5.58
C ILE A 251 8.19 -28.15 -4.41
N GLU A 252 7.66 -27.19 -3.67
CA GLU A 252 8.39 -26.65 -2.53
C GLU A 252 8.47 -27.63 -1.39
N CYS A 253 9.56 -27.58 -0.63
CA CYS A 253 9.69 -28.44 0.52
C CYS A 253 9.89 -27.58 1.74
N GLU A 254 9.11 -27.84 2.79
CA GLU A 254 9.28 -27.09 4.01
C GLU A 254 10.24 -27.85 4.87
N LEU A 255 11.34 -27.20 5.23
CA LEU A 255 12.35 -27.87 6.03
C LEU A 255 12.50 -27.15 7.36
N VAL A 256 12.43 -27.89 8.45
CA VAL A 256 12.54 -27.30 9.78
C VAL A 256 13.43 -28.19 10.60
N HIS A 257 13.98 -27.67 11.71
CA HIS A 257 14.80 -28.48 12.62
C HIS A 257 16.01 -29.06 11.93
N ASP A 258 16.19 -30.38 12.05
CA ASP A 258 17.35 -31.04 11.46
C ASP A 258 17.40 -30.90 9.95
N LEU A 259 16.25 -30.92 9.30
CA LEU A 259 16.21 -30.86 7.85
C LEU A 259 16.78 -29.58 7.24
N VAL A 260 16.78 -28.48 7.97
CA VAL A 260 17.24 -27.21 7.39
C VAL A 260 18.64 -27.32 6.86
N ASP A 261 18.85 -26.79 5.65
CA ASP A 261 20.17 -26.86 5.02
C ASP A 261 20.59 -28.30 4.76
N SER A 262 19.62 -29.18 4.53
CA SER A 262 19.92 -30.59 4.31
C SER A 262 20.70 -30.86 3.02
N CYS A 263 20.34 -30.19 1.93
CA CYS A 263 20.99 -30.47 0.64
C CYS A 263 21.49 -29.25 -0.10
N VAL A 264 22.70 -29.34 -0.64
CA VAL A 264 23.25 -28.24 -1.44
C VAL A 264 22.44 -28.15 -2.74
N PRO A 265 22.10 -26.93 -3.18
CA PRO A 265 21.29 -26.79 -4.39
C PRO A 265 22.02 -27.22 -5.65
N GLY A 266 21.27 -27.71 -6.64
CA GLY A 266 21.89 -28.18 -7.87
C GLY A 266 22.35 -29.62 -7.77
N ASP A 267 22.00 -30.28 -6.68
CA ASP A 267 22.37 -31.67 -6.50
C ASP A 267 21.12 -32.53 -6.48
N THR A 268 21.09 -33.57 -7.30
CA THR A 268 19.92 -34.44 -7.32
C THR A 268 19.85 -35.27 -6.05
N VAL A 269 18.68 -35.31 -5.43
CA VAL A 269 18.52 -36.04 -4.18
C VAL A 269 17.19 -36.78 -4.15
N THR A 270 17.10 -37.83 -3.34
CA THR A 270 15.84 -38.53 -3.19
C THR A 270 15.16 -37.88 -2.00
N ILE A 271 13.99 -37.30 -2.22
CA ILE A 271 13.30 -36.62 -1.14
C ILE A 271 12.03 -37.38 -0.79
N THR A 272 11.90 -37.75 0.48
CA THR A 272 10.72 -38.49 0.92
C THR A 272 9.97 -37.64 1.93
N GLY A 273 8.69 -37.41 1.68
CA GLY A 273 7.92 -36.56 2.56
C GLY A 273 6.42 -36.75 2.43
N ILE A 274 5.65 -36.20 3.35
CA ILE A 274 4.21 -36.26 3.21
C ILE A 274 3.77 -34.98 2.50
N VAL A 275 3.06 -35.12 1.40
CA VAL A 275 2.64 -33.95 0.64
C VAL A 275 1.65 -33.11 1.44
N LYS A 276 1.83 -31.78 1.42
CA LYS A 276 0.98 -30.90 2.20
C LYS A 276 0.48 -29.74 1.34
N VAL A 277 -0.54 -29.04 1.80
CA VAL A 277 -1.01 -27.90 1.05
C VAL A 277 -0.81 -26.60 1.83
N SER A 278 -0.36 -25.56 1.15
CA SER A 278 -0.10 -24.28 1.82
C SER A 278 -0.80 -23.19 1.05
N ASN A 279 -1.11 -22.08 1.72
CA ASN A 279 -1.85 -21.04 1.04
C ASN A 279 -0.91 -20.11 0.31
N ALA A 280 -0.89 -20.20 -1.02
CA ALA A 280 -0.05 -19.31 -1.81
C ALA A 280 -0.51 -17.86 -1.68
N GLU A 281 -1.82 -17.64 -1.75
CA GLU A 281 -2.36 -16.29 -1.61
C GLU A 281 -3.84 -16.35 -1.23
N GLU A 282 -4.37 -15.26 -0.71
CA GLU A 282 -5.79 -15.22 -0.39
C GLU A 282 -6.35 -13.95 -0.97
N GLY A 283 -6.38 -13.84 -2.30
CA GLY A 283 -6.82 -12.60 -2.89
C GLY A 283 -5.90 -11.53 -2.34
N SER A 284 -6.45 -10.51 -1.72
CA SER A 284 -5.62 -9.51 -1.08
C SER A 284 -6.02 -9.56 0.38
N ARG A 285 -5.46 -10.51 1.12
CA ARG A 285 -5.80 -10.69 2.54
C ARG A 285 -7.29 -10.91 2.82
N ASN A 286 -7.96 -11.69 1.99
CA ASN A 286 -9.37 -12.01 2.24
C ASN A 286 -9.53 -13.52 2.15
N LYS A 287 -9.17 -14.23 3.21
CA LYS A 287 -9.22 -15.68 3.15
C LYS A 287 -10.61 -16.25 2.92
N ASN A 288 -11.61 -15.69 3.59
CA ASN A 288 -12.95 -16.21 3.45
C ASN A 288 -13.49 -16.07 2.03
N ASP A 289 -13.30 -14.89 1.43
CA ASP A 289 -13.73 -14.70 0.05
C ASP A 289 -12.92 -15.48 -0.97
N LYS A 290 -11.61 -15.47 -0.81
CA LYS A 290 -10.75 -16.13 -1.79
C LYS A 290 -9.73 -17.04 -1.14
N CYS A 291 -9.67 -18.29 -1.56
CA CYS A 291 -8.63 -19.18 -1.05
C CYS A 291 -7.87 -19.83 -2.17
N MET A 292 -6.54 -19.70 -2.15
CA MET A 292 -5.72 -20.38 -3.16
C MET A 292 -4.74 -21.29 -2.46
N PHE A 293 -4.71 -22.56 -2.85
CA PHE A 293 -3.83 -23.52 -2.19
C PHE A 293 -2.82 -24.06 -3.18
N LEU A 294 -1.56 -24.10 -2.78
CA LEU A 294 -0.55 -24.63 -3.66
C LEU A 294 0.06 -25.90 -3.09
N LEU A 295 0.10 -26.94 -3.90
CA LEU A 295 0.66 -28.21 -3.43
C LEU A 295 2.14 -28.11 -3.22
N TYR A 296 2.62 -28.63 -2.10
CA TYR A 296 4.05 -28.65 -1.83
C TYR A 296 4.29 -29.95 -1.10
N ILE A 297 5.51 -30.46 -1.11
CA ILE A 297 5.70 -31.66 -0.32
C ILE A 297 6.60 -31.40 0.88
N GLU A 298 6.08 -31.62 2.08
CA GLU A 298 6.94 -31.46 3.24
C GLU A 298 7.83 -32.67 3.22
N ALA A 299 9.14 -32.46 3.34
CA ALA A 299 10.04 -33.60 3.22
C ALA A 299 10.56 -34.01 4.58
N ASN A 300 10.18 -35.19 5.04
CA ASN A 300 10.71 -35.69 6.30
C ASN A 300 12.20 -35.97 6.22
N SER A 301 12.62 -36.62 5.14
CA SER A 301 14.04 -36.93 5.00
C SER A 301 14.54 -36.70 3.60
N ILE A 302 15.75 -36.16 3.50
CA ILE A 302 16.36 -36.00 2.19
C ILE A 302 17.56 -36.91 2.15
N SER A 303 17.61 -37.80 1.17
CA SER A 303 18.72 -38.74 1.06
C SER A 303 19.41 -38.41 -0.24
N ASN A 304 20.74 -38.44 -0.26
CA ASN A 304 21.43 -38.22 -1.50
C ASN A 304 21.09 -39.32 -2.49
N SER A 305 20.96 -38.95 -3.76
CA SER A 305 20.60 -39.94 -4.77
C SER A 305 21.67 -41.00 -4.87
N LYS A 306 21.27 -42.24 -5.09
CA LYS A 306 22.23 -43.34 -5.14
C LYS A 306 23.22 -43.17 -6.27
N GLY A 307 22.77 -42.71 -7.43
CA GLY A 307 23.68 -42.46 -8.54
C GLY A 307 24.67 -41.37 -8.19
N GLN A 308 24.21 -40.30 -7.55
CA GLN A 308 25.09 -39.23 -7.14
C GLN A 308 26.12 -39.72 -6.14
N LYS A 309 25.69 -40.56 -5.20
CA LYS A 309 26.61 -41.11 -4.22
C LYS A 309 27.76 -41.86 -4.89
N MET B 1 -33.68 -31.56 -17.67
CA MET B 1 -33.27 -32.89 -17.21
C MET B 1 -34.31 -33.51 -16.30
N ASN B 2 -35.34 -34.11 -16.88
CA ASN B 2 -36.36 -34.77 -16.07
C ASN B 2 -35.72 -35.94 -15.33
N SER B 3 -36.11 -36.15 -14.07
CA SER B 3 -35.50 -37.22 -13.29
C SER B 3 -35.75 -38.62 -13.85
N ASP B 4 -36.97 -38.88 -14.29
CA ASP B 4 -37.29 -40.19 -14.87
C ASP B 4 -36.47 -40.34 -16.14
N GLN B 5 -36.35 -39.26 -16.90
CA GLN B 5 -35.57 -39.30 -18.12
C GLN B 5 -34.11 -39.58 -17.77
N VAL B 6 -33.63 -39.00 -16.68
CA VAL B 6 -32.24 -39.18 -16.28
C VAL B 6 -31.93 -40.65 -16.05
N THR B 7 -32.83 -41.36 -15.39
CA THR B 7 -32.60 -42.80 -15.22
C THR B 7 -32.57 -43.47 -16.58
N LEU B 8 -33.48 -43.07 -17.48
CA LEU B 8 -33.52 -43.64 -18.82
C LEU B 8 -32.27 -43.35 -19.63
N VAL B 9 -31.74 -42.13 -19.53
CA VAL B 9 -30.50 -41.79 -20.24
C VAL B 9 -29.38 -42.66 -19.70
N GLY B 10 -29.35 -42.84 -18.38
CA GLY B 10 -28.34 -43.70 -17.78
C GLY B 10 -28.49 -45.13 -18.26
N GLN B 11 -29.71 -45.61 -18.39
CA GLN B 11 -29.95 -46.97 -18.89
C GLN B 11 -29.46 -47.13 -20.31
N VAL B 12 -29.70 -46.13 -21.15
CA VAL B 12 -29.23 -46.18 -22.52
C VAL B 12 -27.72 -46.21 -22.55
N PHE B 13 -27.09 -45.40 -21.71
CA PHE B 13 -25.65 -45.39 -21.64
C PHE B 13 -25.14 -46.73 -21.17
N GLU B 14 -25.81 -47.34 -20.20
CA GLU B 14 -25.36 -48.60 -19.65
C GLU B 14 -25.35 -49.72 -20.68
N SER B 15 -26.41 -49.81 -21.49
CA SER B 15 -26.45 -50.82 -22.54
C SER B 15 -25.36 -50.53 -23.55
N TYR B 16 -25.16 -49.26 -23.87
CA TYR B 16 -24.12 -48.88 -24.82
C TYR B 16 -22.77 -49.26 -24.24
N VAL B 17 -22.58 -49.05 -22.94
CA VAL B 17 -21.32 -49.38 -22.31
C VAL B 17 -21.04 -50.86 -22.46
N SER B 18 -22.06 -51.70 -22.30
CA SER B 18 -21.77 -53.13 -22.36
C SER B 18 -21.20 -53.55 -23.70
N GLU B 19 -21.79 -53.12 -24.81
CA GLU B 19 -21.18 -53.44 -26.10
C GLU B 19 -19.89 -52.69 -26.40
N TYR B 20 -19.90 -51.38 -26.20
CA TYR B 20 -18.73 -50.56 -26.49
C TYR B 20 -17.54 -50.66 -25.58
N HIS B 21 -17.78 -50.75 -24.29
CA HIS B 21 -16.69 -50.69 -23.33
C HIS B 21 -16.36 -51.94 -22.57
N LYS B 22 -16.54 -53.10 -23.18
CA LYS B 22 -16.11 -54.31 -22.50
C LYS B 22 -14.61 -54.20 -22.29
N ASN B 23 -13.89 -53.73 -23.30
CA ASN B 23 -12.45 -53.49 -23.14
C ASN B 23 -12.12 -52.41 -22.11
N ASP B 24 -12.90 -51.33 -22.12
CA ASP B 24 -12.68 -50.26 -21.15
C ASP B 24 -12.90 -50.78 -19.75
N ILE B 25 -13.93 -51.59 -19.57
CA ILE B 25 -14.20 -52.19 -18.26
C ILE B 25 -13.06 -53.12 -17.84
N LEU B 26 -12.49 -53.85 -18.78
CA LEU B 26 -11.34 -54.70 -18.46
C LEU B 26 -10.18 -53.83 -18.01
N LEU B 27 -9.97 -52.70 -18.67
CA LEU B 27 -8.92 -51.79 -18.27
C LEU B 27 -9.21 -51.26 -16.87
N ILE B 28 -10.47 -50.93 -16.61
CA ILE B 28 -10.86 -50.41 -15.30
C ILE B 28 -10.59 -51.45 -14.21
N LEU B 29 -10.88 -52.71 -14.49
CA LEU B 29 -10.58 -53.77 -13.52
C LEU B 29 -9.08 -53.86 -13.28
N LYS B 30 -8.28 -53.69 -14.34
CA LYS B 30 -6.84 -53.81 -14.20
C LYS B 30 -6.24 -52.77 -13.28
N GLU B 31 -6.70 -51.53 -13.36
CA GLU B 31 -6.20 -50.53 -12.42
C GLU B 31 -6.97 -50.72 -11.13
N ARG B 32 -6.26 -50.89 -10.03
CA ARG B 32 -6.91 -51.15 -8.75
C ARG B 32 -7.15 -49.91 -7.89
N ASP B 33 -6.71 -48.76 -8.35
CA ASP B 33 -6.83 -47.56 -7.51
C ASP B 33 -8.08 -46.75 -7.80
N GLU B 34 -9.09 -46.89 -6.95
CA GLU B 34 -10.34 -46.14 -7.12
C GLU B 34 -10.16 -44.64 -6.95
N ASP B 35 -9.34 -44.25 -5.98
CA ASP B 35 -9.12 -42.82 -5.69
C ASP B 35 -8.49 -42.13 -6.88
N ALA B 36 -7.56 -42.81 -7.55
CA ALA B 36 -6.93 -42.22 -8.71
C ALA B 36 -7.99 -41.96 -9.75
N HIS B 37 -7.91 -40.79 -10.36
CA HIS B 37 -8.91 -40.41 -11.34
C HIS B 37 -8.74 -41.23 -12.60
N TYR B 38 -9.83 -41.80 -13.10
CA TYR B 38 -9.74 -42.66 -14.27
C TYR B 38 -10.76 -42.34 -15.34
N PRO B 39 -10.36 -42.49 -16.61
CA PRO B 39 -11.26 -42.12 -17.71
C PRO B 39 -11.79 -43.27 -18.56
N VAL B 40 -13.09 -43.27 -18.83
CA VAL B 40 -13.64 -44.27 -19.74
C VAL B 40 -13.93 -43.47 -21.00
N VAL B 41 -13.42 -43.92 -22.14
CA VAL B 41 -13.59 -43.12 -23.35
C VAL B 41 -14.77 -43.60 -24.17
N VAL B 42 -15.73 -42.72 -24.39
CA VAL B 42 -16.92 -43.08 -25.14
C VAL B 42 -16.97 -42.24 -26.42
N ASN B 43 -17.21 -42.90 -27.55
CA ASN B 43 -17.33 -42.14 -28.78
C ASN B 43 -18.73 -41.54 -28.79
N ALA B 44 -18.81 -40.22 -28.93
CA ALA B 44 -20.10 -39.56 -28.85
C ALA B 44 -21.04 -39.97 -29.96
N MET B 45 -20.54 -40.08 -31.18
CA MET B 45 -21.43 -40.37 -32.31
C MET B 45 -22.18 -41.69 -32.20
N THR B 46 -21.50 -42.76 -31.79
CA THR B 46 -22.16 -44.05 -31.63
C THR B 46 -23.22 -44.02 -30.54
N LEU B 47 -22.90 -43.38 -29.42
CA LEU B 47 -23.86 -43.26 -28.33
C LEU B 47 -25.06 -42.44 -28.77
N PHE B 48 -24.79 -41.39 -29.53
CA PHE B 48 -25.87 -40.53 -30.02
C PHE B 48 -26.77 -41.34 -30.94
N GLU B 49 -26.18 -42.22 -31.73
CA GLU B 49 -26.99 -43.09 -32.58
C GLU B 49 -27.91 -44.01 -31.76
N THR B 50 -27.40 -44.55 -30.65
CA THR B 50 -28.22 -45.42 -29.82
C THR B 50 -29.40 -44.67 -29.22
N ASN B 51 -29.17 -43.47 -28.71
CA ASN B 51 -30.29 -42.67 -28.21
C ASN B 51 -30.29 -41.27 -28.78
N MET B 52 -31.34 -40.94 -29.51
CA MET B 52 -31.47 -39.60 -30.07
C MET B 52 -31.58 -38.58 -28.95
N GLU B 53 -32.33 -38.93 -27.91
CA GLU B 53 -32.55 -38.00 -26.80
C GLU B 53 -31.24 -37.63 -26.16
N ILE B 54 -30.36 -38.62 -25.99
CA ILE B 54 -29.09 -38.36 -25.33
C ILE B 54 -28.28 -37.33 -26.12
N GLY B 55 -28.31 -37.42 -27.45
CA GLY B 55 -27.56 -36.46 -28.24
C GLY B 55 -28.02 -35.04 -28.05
N GLU B 56 -29.34 -34.83 -28.07
CA GLU B 56 -29.86 -33.48 -27.87
C GLU B 56 -29.53 -33.00 -26.48
N TYR B 57 -29.70 -33.86 -25.49
CA TYR B 57 -29.51 -33.47 -24.11
C TYR B 57 -28.09 -33.04 -23.85
N PHE B 58 -27.15 -33.75 -24.46
CA PHE B 58 -25.76 -33.42 -24.24
C PHE B 58 -25.50 -32.02 -24.72
N ASN B 59 -26.05 -31.64 -25.86
CA ASN B 59 -25.74 -30.32 -26.39
C ASN B 59 -26.22 -29.21 -25.46
N MET B 60 -27.46 -29.29 -24.99
CA MET B 60 -27.97 -28.26 -24.08
C MET B 60 -27.33 -28.22 -22.71
N PHE B 61 -27.15 -29.39 -22.09
CA PHE B 61 -26.55 -29.44 -20.76
C PHE B 61 -25.45 -30.47 -20.65
N PRO B 62 -24.25 -30.12 -21.12
CA PRO B 62 -23.18 -31.11 -21.10
C PRO B 62 -22.83 -31.56 -19.70
N SER B 63 -22.76 -30.64 -18.75
CA SER B 63 -22.37 -31.00 -17.40
C SER B 63 -23.35 -31.97 -16.76
N GLU B 64 -24.64 -31.71 -16.93
CA GLU B 64 -25.65 -32.59 -16.37
C GLU B 64 -25.58 -33.96 -17.01
N VAL B 65 -25.41 -33.99 -18.33
CA VAL B 65 -25.30 -35.26 -19.03
C VAL B 65 -24.05 -36.05 -18.64
N LEU B 66 -22.94 -35.35 -18.43
CA LEU B 66 -21.72 -36.03 -18.02
C LEU B 66 -21.96 -36.67 -16.67
N THR B 67 -22.68 -35.99 -15.79
CA THR B 67 -23.01 -36.55 -14.48
C THR B 67 -23.84 -37.81 -14.61
N ILE B 68 -24.80 -37.79 -15.54
CA ILE B 68 -25.64 -38.96 -15.75
C ILE B 68 -24.77 -40.11 -16.24
N PHE B 69 -23.84 -39.81 -17.13
CA PHE B 69 -22.96 -40.84 -17.66
C PHE B 69 -22.12 -41.44 -16.56
N ASP B 70 -21.63 -40.60 -15.66
CA ASP B 70 -20.84 -41.08 -14.54
C ASP B 70 -21.66 -41.97 -13.61
N SER B 71 -22.90 -41.59 -13.35
CA SER B 71 -23.75 -42.43 -12.51
C SER B 71 -23.98 -43.77 -13.19
N ALA B 72 -24.19 -43.75 -14.50
CA ALA B 72 -24.37 -44.98 -15.25
C ALA B 72 -23.11 -45.82 -15.20
N LEU B 73 -21.95 -45.17 -15.22
CA LEU B 73 -20.69 -45.89 -15.16
C LEU B 73 -20.56 -46.65 -13.85
N ARG B 74 -20.97 -46.05 -12.74
CA ARG B 74 -20.93 -46.76 -11.47
C ARG B 74 -21.83 -47.98 -11.51
N ARG B 75 -23.04 -47.80 -12.06
CA ARG B 75 -23.97 -48.91 -12.17
C ARG B 75 -23.44 -49.99 -13.09
N SER B 76 -22.81 -49.58 -14.19
CA SER B 76 -22.25 -50.55 -15.11
C SER B 76 -21.16 -51.33 -14.40
N ALA B 77 -20.36 -50.64 -13.58
CA ALA B 77 -19.27 -51.31 -12.90
C ALA B 77 -19.76 -52.38 -11.92
N LEU B 78 -20.83 -52.10 -11.17
CA LEU B 78 -21.37 -53.13 -10.29
C LEU B 78 -21.94 -54.34 -11.03
N THR B 79 -22.62 -54.10 -12.15
CA THR B 79 -23.12 -55.23 -12.93
C THR B 79 -21.95 -56.04 -13.48
N ILE B 80 -20.91 -55.36 -13.94
CA ILE B 80 -19.72 -56.06 -14.42
C ILE B 80 -19.12 -56.83 -13.25
N LEU B 81 -19.15 -56.23 -12.07
CA LEU B 81 -18.58 -56.88 -10.89
C LEU B 81 -19.30 -58.19 -10.64
N GLN B 82 -20.63 -58.16 -10.74
CA GLN B 82 -21.43 -59.37 -10.57
C GLN B 82 -21.16 -60.39 -11.67
N SER B 83 -21.03 -59.91 -12.90
CA SER B 83 -20.80 -60.78 -14.04
C SER B 83 -19.48 -61.53 -13.91
N LEU B 84 -18.44 -60.84 -13.44
CA LEU B 84 -17.15 -61.47 -13.25
C LEU B 84 -17.24 -62.54 -12.18
N SER B 85 -16.47 -63.61 -12.34
CA SER B 85 -16.52 -64.71 -11.39
C SER B 85 -16.14 -64.23 -10.00
N GLN B 86 -15.12 -63.39 -9.92
CA GLN B 86 -14.76 -62.83 -8.63
C GLN B 86 -15.06 -61.34 -8.61
N PRO B 87 -15.96 -60.91 -7.71
CA PRO B 87 -16.23 -59.48 -7.57
C PRO B 87 -14.99 -58.77 -7.07
N GLU B 88 -14.24 -59.41 -6.19
CA GLU B 88 -13.02 -58.83 -5.66
C GLU B 88 -11.98 -58.56 -6.74
N ALA B 89 -11.84 -59.47 -7.69
CA ALA B 89 -10.82 -59.31 -8.73
C ALA B 89 -11.06 -58.09 -9.59
N VAL B 90 -12.31 -57.85 -9.99
CA VAL B 90 -12.62 -56.65 -10.75
C VAL B 90 -12.60 -55.43 -9.83
N SER B 91 -11.97 -54.35 -10.26
CA SER B 91 -11.89 -53.16 -9.43
C SER B 91 -12.74 -52.04 -10.01
N MET B 92 -13.55 -51.42 -9.18
CA MET B 92 -14.43 -50.34 -9.64
C MET B 92 -13.95 -49.00 -9.08
N LYS B 93 -13.86 -48.00 -9.93
CA LYS B 93 -13.33 -46.72 -9.48
C LYS B 93 -14.41 -45.70 -9.20
N GLN B 94 -14.37 -45.10 -8.01
CA GLN B 94 -15.33 -44.06 -7.68
C GLN B 94 -15.07 -42.89 -8.60
N ASN B 95 -13.80 -42.60 -8.86
CA ASN B 95 -13.46 -41.53 -9.79
C ASN B 95 -13.45 -42.07 -11.21
N LEU B 96 -14.62 -42.34 -11.76
CA LEU B 96 -14.69 -42.81 -13.14
C LEU B 96 -15.41 -41.76 -13.95
N HIS B 97 -14.76 -41.26 -14.99
CA HIS B 97 -15.37 -40.18 -15.74
C HIS B 97 -15.54 -40.52 -17.20
N ALA B 98 -16.75 -40.34 -17.72
CA ALA B 98 -16.97 -40.59 -19.13
C ALA B 98 -16.30 -39.48 -19.91
N ARG B 99 -15.56 -39.87 -20.95
CA ARG B 99 -14.85 -38.88 -21.74
C ARG B 99 -15.46 -38.85 -23.11
N ILE B 100 -15.93 -37.69 -23.53
CA ILE B 100 -16.62 -37.61 -24.81
C ILE B 100 -15.62 -37.46 -25.94
N SER B 101 -15.72 -38.34 -26.93
CA SER B 101 -14.79 -38.31 -28.05
C SER B 101 -15.54 -38.49 -29.35
N GLY B 102 -14.96 -38.05 -30.46
CA GLY B 102 -15.63 -38.18 -31.75
C GLY B 102 -16.97 -37.51 -31.85
N LEU B 103 -17.07 -36.29 -31.34
CA LEU B 103 -18.32 -35.55 -31.43
C LEU B 103 -18.70 -35.31 -32.87
N PRO B 104 -19.99 -35.47 -33.20
CA PRO B 104 -20.38 -35.13 -34.57
C PRO B 104 -20.17 -33.64 -34.76
N VAL B 105 -19.63 -33.23 -35.90
CA VAL B 105 -19.31 -31.82 -36.05
C VAL B 105 -20.55 -30.94 -36.13
N CYS B 106 -20.59 -29.91 -35.30
CA CYS B 106 -21.70 -28.97 -35.33
C CYS B 106 -20.98 -27.66 -35.05
N PRO B 107 -21.57 -26.53 -35.44
CA PRO B 107 -20.82 -25.31 -35.11
C PRO B 107 -20.66 -25.13 -33.61
N GLU B 108 -21.72 -25.36 -32.83
CA GLU B 108 -21.59 -25.30 -31.38
C GLU B 108 -20.67 -26.38 -30.86
N LEU B 109 -20.86 -27.61 -31.33
CA LEU B 109 -20.08 -28.73 -30.81
C LEU B 109 -18.59 -28.63 -31.08
N VAL B 110 -18.23 -28.24 -32.30
CA VAL B 110 -16.82 -28.04 -32.61
C VAL B 110 -16.66 -26.62 -33.10
N ARG B 111 -15.96 -25.80 -32.34
CA ARG B 111 -15.68 -24.44 -32.79
C ARG B 111 -14.19 -24.21 -32.72
N GLU B 112 -13.58 -23.89 -33.85
CA GLU B 112 -12.14 -23.67 -33.89
C GLU B 112 -11.70 -22.46 -33.08
N HIS B 113 -12.47 -21.38 -33.13
CA HIS B 113 -12.08 -20.16 -32.44
C HIS B 113 -12.13 -20.26 -30.92
N ILE B 114 -11.37 -19.39 -30.24
CA ILE B 114 -11.36 -19.38 -28.78
C ILE B 114 -12.80 -19.13 -28.34
N PRO B 115 -13.26 -19.90 -27.34
CA PRO B 115 -14.67 -19.78 -26.92
C PRO B 115 -15.06 -18.45 -26.31
N LYS B 116 -16.33 -18.08 -26.47
CA LYS B 116 -16.79 -16.79 -25.97
C LYS B 116 -17.85 -16.92 -24.88
N THR B 117 -18.20 -15.81 -24.26
CA THR B 117 -19.19 -15.81 -23.18
C THR B 117 -20.55 -16.32 -23.62
N LYS B 118 -20.93 -16.05 -24.86
CA LYS B 118 -22.20 -16.54 -25.39
C LYS B 118 -22.20 -18.06 -25.37
N ASP B 119 -21.06 -18.68 -25.65
CA ASP B 119 -20.98 -20.14 -25.70
C ASP B 119 -20.86 -20.82 -24.34
N VAL B 120 -20.82 -20.05 -23.25
CA VAL B 120 -20.69 -20.62 -21.92
C VAL B 120 -21.85 -21.57 -21.65
N GLY B 121 -21.56 -22.73 -21.07
CA GLY B 121 -22.59 -23.71 -20.81
C GLY B 121 -22.86 -24.63 -21.97
N HIS B 122 -22.05 -24.54 -23.02
CA HIS B 122 -22.21 -25.41 -24.17
C HIS B 122 -20.90 -26.11 -24.50
N PHE B 123 -21.00 -27.39 -24.83
CA PHE B 123 -19.80 -28.15 -25.14
C PHE B 123 -19.11 -27.65 -26.39
N LEU B 124 -17.80 -27.59 -26.34
CA LEU B 124 -17.04 -27.06 -27.46
C LEU B 124 -15.79 -27.87 -27.72
N SER B 125 -15.40 -28.02 -28.98
CA SER B 125 -14.14 -28.68 -29.26
C SER B 125 -13.24 -27.70 -29.98
N VAL B 126 -12.10 -27.38 -29.38
CA VAL B 126 -11.17 -26.43 -29.99
C VAL B 126 -9.78 -27.05 -30.03
N THR B 127 -9.14 -27.07 -31.21
CA THR B 127 -7.77 -27.57 -31.22
C THR B 127 -6.92 -26.46 -30.67
N GLY B 128 -6.16 -26.72 -29.63
CA GLY B 128 -5.41 -25.64 -29.00
C GLY B 128 -3.95 -25.84 -28.77
N THR B 129 -3.14 -24.86 -29.14
CA THR B 129 -1.72 -24.94 -28.86
C THR B 129 -1.54 -24.03 -27.67
N VAL B 130 -0.96 -24.53 -26.58
CA VAL B 130 -0.90 -23.70 -25.39
C VAL B 130 0.41 -22.93 -25.26
N ILE B 131 0.32 -21.61 -25.26
CA ILE B 131 1.52 -20.80 -25.06
C ILE B 131 2.12 -20.91 -23.65
N ARG B 132 1.28 -20.87 -22.62
CA ARG B 132 1.79 -20.91 -21.26
C ARG B 132 1.09 -21.93 -20.38
N THR B 133 1.86 -22.78 -19.70
CA THR B 133 1.25 -23.73 -18.80
C THR B 133 1.59 -23.35 -17.37
N SER B 134 0.56 -23.10 -16.55
CA SER B 134 0.79 -22.76 -15.15
C SER B 134 1.18 -23.99 -14.34
N LEU B 135 1.84 -23.78 -13.21
CA LEU B 135 2.21 -24.89 -12.35
C LEU B 135 0.97 -25.50 -11.68
N VAL B 136 1.01 -26.80 -11.44
CA VAL B 136 -0.13 -27.46 -10.81
C VAL B 136 -0.38 -26.96 -9.40
N LYS B 137 -1.64 -26.73 -9.07
CA LYS B 137 -1.99 -26.29 -7.73
C LYS B 137 -3.12 -27.22 -7.36
N VAL B 138 -3.40 -27.39 -6.08
CA VAL B 138 -4.56 -28.19 -5.74
C VAL B 138 -5.55 -27.32 -5.01
N LEU B 139 -6.77 -27.22 -5.52
CA LEU B 139 -7.80 -26.42 -4.87
C LEU B 139 -8.97 -27.32 -4.58
N GLU B 140 -9.47 -27.29 -3.36
CA GLU B 140 -10.52 -28.25 -3.02
C GLU B 140 -11.77 -28.12 -3.88
N PHE B 141 -12.22 -29.24 -4.43
CA PHE B 141 -13.46 -29.23 -5.19
C PHE B 141 -14.56 -28.90 -4.21
N GLU B 142 -14.51 -29.54 -3.06
CA GLU B 142 -15.51 -29.28 -2.04
C GLU B 142 -14.84 -28.98 -0.73
N ARG B 143 -15.40 -28.04 0.02
CA ARG B 143 -14.84 -27.70 1.31
C ARG B 143 -15.88 -27.99 2.39
N ASP B 144 -15.46 -28.61 3.47
CA ASP B 144 -16.41 -28.94 4.52
C ASP B 144 -16.60 -27.77 5.46
N TYR B 145 -17.23 -26.70 4.98
CA TYR B 145 -17.51 -25.60 5.87
C TYR B 145 -18.73 -26.00 6.65
N MET B 146 -18.65 -25.87 7.97
CA MET B 146 -19.75 -26.31 8.80
C MET B 146 -20.27 -25.19 9.68
N CYS B 147 -21.58 -24.99 9.69
CA CYS B 147 -22.15 -24.01 10.58
C CYS B 147 -22.44 -24.83 11.80
N ASN B 148 -21.84 -24.46 12.93
CA ASN B 148 -21.96 -25.29 14.12
C ASN B 148 -23.37 -25.47 14.67
N LYS B 149 -24.15 -24.41 14.73
CA LYS B 149 -25.53 -24.55 15.20
C LYS B 149 -26.40 -25.36 14.26
N CYS B 150 -26.29 -25.12 12.96
CA CYS B 150 -27.11 -25.85 12.00
C CYS B 150 -26.81 -27.35 11.90
N LYS B 151 -25.53 -27.73 11.91
CA LYS B 151 -25.12 -29.15 11.80
C LYS B 151 -25.60 -29.82 10.53
N HIS B 152 -25.74 -29.05 9.45
CA HIS B 152 -26.27 -29.63 8.22
C HIS B 152 -25.41 -29.46 6.99
N VAL B 153 -24.39 -28.61 7.05
CA VAL B 153 -23.61 -28.37 5.84
C VAL B 153 -22.26 -29.05 5.87
N PHE B 154 -22.03 -29.93 4.90
CA PHE B 154 -20.77 -30.64 4.81
C PHE B 154 -20.37 -30.68 3.36
N VAL B 155 -19.08 -30.66 3.06
CA VAL B 155 -18.58 -30.78 1.68
C VAL B 155 -19.24 -29.84 0.66
N ILE B 156 -19.44 -28.58 1.04
CA ILE B 156 -20.04 -27.64 0.12
C ILE B 156 -19.03 -27.33 -0.98
N LYS B 157 -19.48 -27.38 -2.22
CA LYS B 157 -18.55 -27.17 -3.33
C LYS B 157 -18.00 -25.76 -3.42
N ALA B 158 -16.73 -25.63 -3.75
CA ALA B 158 -16.14 -24.31 -3.94
C ALA B 158 -16.80 -23.71 -5.16
N ASP B 159 -17.06 -22.41 -5.15
CA ASP B 159 -17.78 -21.85 -6.28
C ASP B 159 -16.84 -21.51 -7.41
N PHE B 160 -16.97 -22.25 -8.50
CA PHE B 160 -16.13 -22.00 -9.67
C PHE B 160 -16.39 -20.62 -10.24
N GLU B 161 -17.65 -20.21 -10.22
CA GLU B 161 -17.99 -18.93 -10.80
C GLU B 161 -17.26 -17.82 -10.10
N GLN B 162 -17.13 -17.89 -8.78
CA GLN B 162 -16.33 -16.88 -8.10
C GLN B 162 -14.86 -17.26 -8.09
N TYR B 163 -14.22 -17.30 -9.26
CA TYR B 163 -12.78 -17.59 -9.36
C TYR B 163 -12.37 -18.89 -8.69
N TYR B 164 -13.21 -19.93 -8.75
CA TYR B 164 -12.92 -21.21 -8.09
C TYR B 164 -12.63 -21.06 -6.60
N THR B 165 -13.33 -20.15 -5.94
CA THR B 165 -13.15 -19.98 -4.51
C THR B 165 -14.45 -20.02 -3.76
N PHE B 166 -14.51 -20.81 -2.70
CA PHE B 166 -15.71 -20.82 -1.88
C PHE B 166 -15.75 -19.52 -1.10
N CYS B 167 -16.95 -19.00 -0.85
CA CYS B 167 -17.05 -17.82 -0.02
C CYS B 167 -17.76 -18.22 1.25
N ARG B 168 -17.14 -17.92 2.39
CA ARG B 168 -17.76 -18.26 3.66
C ARG B 168 -19.03 -17.43 3.82
N PRO B 169 -20.12 -18.06 4.26
CA PRO B 169 -21.36 -17.29 4.34
C PRO B 169 -21.77 -16.92 5.75
N SER B 170 -22.04 -15.64 5.99
CA SER B 170 -22.52 -15.22 7.31
C SER B 170 -23.87 -15.87 7.57
N SER B 171 -24.71 -15.91 6.56
CA SER B 171 -26.00 -16.59 6.70
C SER B 171 -25.73 -18.09 6.78
N CYS B 172 -26.58 -18.81 7.49
CA CYS B 172 -26.41 -20.25 7.59
C CYS B 172 -26.52 -20.85 6.19
N PRO B 173 -25.58 -21.74 5.85
CA PRO B 173 -25.61 -22.38 4.53
C PRO B 173 -26.86 -23.22 4.33
N SER B 174 -27.27 -23.94 5.36
CA SER B 174 -28.46 -24.78 5.27
C SER B 174 -29.75 -23.98 5.28
N LEU B 175 -30.81 -24.56 4.74
CA LEU B 175 -32.10 -23.87 4.71
C LEU B 175 -32.63 -23.58 6.10
N GLU B 176 -32.44 -24.51 7.02
CA GLU B 176 -32.88 -24.30 8.40
C GLU B 176 -32.15 -23.09 8.96
N SER B 177 -32.88 -22.21 9.64
CA SER B 177 -32.28 -20.99 10.15
C SER B 177 -31.66 -21.19 11.53
N CYS B 178 -30.44 -21.71 11.56
CA CYS B 178 -29.75 -21.90 12.83
C CYS B 178 -28.36 -21.33 12.66
N ASP B 179 -28.27 -20.01 12.61
CA ASP B 179 -26.98 -19.35 12.41
C ASP B 179 -26.03 -19.55 13.59
N SER B 180 -24.74 -19.69 13.30
CA SER B 180 -23.76 -19.82 14.37
C SER B 180 -22.66 -18.79 14.21
N SER B 181 -22.13 -18.29 15.31
CA SER B 181 -21.04 -17.35 15.25
C SER B 181 -19.80 -17.99 14.64
N LYS B 182 -19.56 -19.25 14.97
CA LYS B 182 -18.36 -19.93 14.49
C LYS B 182 -18.59 -20.85 13.32
N PHE B 183 -17.85 -20.65 12.25
CA PHE B 183 -17.97 -21.53 11.10
C PHE B 183 -16.63 -22.22 10.96
N THR B 184 -16.64 -23.55 10.89
CA THR B 184 -15.39 -24.29 10.82
C THR B 184 -15.24 -25.02 9.52
N CYS B 185 -14.11 -24.83 8.85
CA CYS B 185 -13.89 -25.58 7.63
C CYS B 185 -13.01 -26.76 7.94
N LEU B 186 -13.57 -27.96 7.88
CA LEU B 186 -12.78 -29.16 8.11
C LEU B 186 -11.73 -29.27 7.04
N SER B 187 -12.09 -28.95 5.81
CA SER B 187 -11.16 -29.04 4.69
C SER B 187 -9.97 -28.13 4.90
N GLY B 188 -10.21 -26.93 5.42
CA GLY B 188 -9.12 -26.01 5.60
C GLY B 188 -8.06 -26.52 6.54
N LEU B 189 -8.44 -27.07 7.69
CA LEU B 189 -7.43 -27.66 8.57
C LEU B 189 -6.83 -28.93 7.98
N SER B 190 -7.68 -29.82 7.47
CA SER B 190 -7.19 -31.05 6.85
C SER B 190 -8.06 -31.40 5.66
N SER B 191 -7.47 -31.57 4.48
CA SER B 191 -8.30 -31.83 3.32
C SER B 191 -8.25 -33.28 2.93
N SER B 192 -9.42 -33.88 2.77
CA SER B 192 -9.49 -35.26 2.34
C SER B 192 -9.03 -35.31 0.87
N PRO B 193 -8.42 -36.43 0.46
CA PRO B 193 -7.93 -36.51 -0.92
C PRO B 193 -9.09 -36.37 -1.88
N THR B 194 -10.23 -36.98 -1.58
CA THR B 194 -11.42 -36.81 -2.40
C THR B 194 -11.92 -35.37 -2.39
N ARG B 195 -11.88 -34.71 -1.24
CA ARG B 195 -12.40 -33.35 -1.12
C ARG B 195 -11.65 -32.39 -2.03
N CYS B 196 -10.33 -32.50 -2.06
CA CYS B 196 -9.54 -31.65 -2.93
C CYS B 196 -9.51 -32.10 -4.38
N ARG B 197 -9.36 -31.16 -5.30
CA ARG B 197 -9.24 -31.53 -6.71
C ARG B 197 -8.05 -30.80 -7.30
N ASP B 198 -7.39 -31.43 -8.27
CA ASP B 198 -6.27 -30.78 -8.91
C ASP B 198 -6.75 -29.57 -9.70
N TYR B 199 -5.99 -28.49 -9.68
CA TYR B 199 -6.35 -27.29 -10.43
C TYR B 199 -5.20 -26.82 -11.31
N GLN B 200 -5.43 -26.63 -12.60
CA GLN B 200 -4.39 -26.07 -13.45
C GLN B 200 -4.95 -25.16 -14.52
N GLU B 201 -4.16 -24.19 -14.96
CA GLU B 201 -4.61 -23.32 -16.04
C GLU B 201 -3.61 -23.34 -17.19
N ILE B 202 -4.09 -23.61 -18.40
CA ILE B 202 -3.21 -23.57 -19.55
C ILE B 202 -3.72 -22.53 -20.55
N LYS B 203 -2.82 -21.70 -21.05
CA LYS B 203 -3.24 -20.64 -21.94
C LYS B 203 -3.37 -21.15 -23.36
N ILE B 204 -4.52 -21.75 -23.67
CA ILE B 204 -4.74 -22.25 -25.01
C ILE B 204 -4.72 -21.06 -25.94
N GLN B 205 -4.00 -21.17 -27.04
CA GLN B 205 -3.87 -20.04 -27.95
C GLN B 205 -4.31 -20.46 -29.32
N GLU B 206 -4.98 -19.55 -30.02
CA GLU B 206 -5.47 -19.86 -31.35
C GLU B 206 -4.33 -20.16 -32.30
N GLN B 207 -4.53 -21.13 -33.18
CA GLN B 207 -3.49 -21.41 -34.16
C GLN B 207 -3.35 -20.25 -35.11
N VAL B 208 -2.13 -19.95 -35.49
CA VAL B 208 -1.88 -18.83 -36.39
C VAL B 208 -2.54 -19.03 -37.73
N GLN B 209 -2.54 -20.26 -38.23
CA GLN B 209 -3.12 -20.55 -39.52
C GLN B 209 -4.62 -20.22 -39.55
N ARG B 210 -5.33 -20.55 -38.48
CA ARG B 210 -6.75 -20.25 -38.42
C ARG B 210 -7.02 -18.77 -38.46
N LEU B 211 -6.23 -17.99 -37.73
CA LEU B 211 -6.41 -16.54 -37.72
C LEU B 211 -5.90 -15.85 -38.99
N SER B 212 -6.43 -14.67 -39.29
CA SER B 212 -5.97 -13.92 -40.45
C SER B 212 -4.55 -13.44 -40.22
N VAL B 213 -3.77 -13.33 -41.29
CA VAL B 213 -2.42 -12.83 -41.15
C VAL B 213 -2.44 -11.40 -40.65
N GLY B 214 -1.55 -11.08 -39.72
CA GLY B 214 -1.51 -9.74 -39.16
C GLY B 214 -2.50 -9.51 -38.03
N SER B 215 -3.22 -10.55 -37.62
CA SER B 215 -4.13 -10.41 -36.50
C SER B 215 -3.70 -11.35 -35.38
N ILE B 216 -3.58 -10.81 -34.16
CA ILE B 216 -3.11 -11.61 -33.04
C ILE B 216 -4.07 -12.74 -32.69
N PRO B 217 -3.55 -13.96 -32.50
CA PRO B 217 -4.42 -15.04 -32.06
C PRO B 217 -4.90 -14.83 -30.63
N ARG B 218 -6.16 -15.11 -30.36
CA ARG B 218 -6.69 -14.97 -29.00
C ARG B 218 -6.20 -16.07 -28.07
N SER B 219 -5.98 -15.74 -26.81
CA SER B 219 -5.57 -16.74 -25.83
C SER B 219 -6.55 -16.82 -24.67
N MET B 220 -6.97 -18.03 -24.32
CA MET B 220 -7.86 -18.20 -23.17
C MET B 220 -7.34 -19.24 -22.20
N LYS B 221 -7.55 -19.02 -20.91
CA LYS B 221 -7.13 -20.01 -19.93
C LYS B 221 -8.04 -21.22 -20.02
N VAL B 222 -7.47 -22.41 -19.89
CA VAL B 222 -8.28 -23.63 -19.91
C VAL B 222 -8.03 -24.42 -18.64
N ILE B 223 -9.09 -24.81 -17.95
CA ILE B 223 -8.94 -25.60 -16.74
C ILE B 223 -8.63 -27.03 -17.10
N LEU B 224 -7.60 -27.60 -16.47
CA LEU B 224 -7.27 -29.00 -16.70
C LEU B 224 -7.52 -29.70 -15.38
N GLU B 225 -8.25 -30.81 -15.42
CA GLU B 225 -8.61 -31.47 -14.16
C GLU B 225 -8.41 -32.97 -14.15
N ASP B 226 -8.22 -33.53 -12.96
CA ASP B 226 -8.12 -34.98 -12.81
C ASP B 226 -7.06 -35.66 -13.65
N ASP B 227 -7.43 -36.73 -14.34
CA ASP B 227 -6.48 -37.47 -15.18
C ASP B 227 -5.96 -36.63 -16.33
N LEU B 228 -6.81 -35.77 -16.88
CA LEU B 228 -6.43 -34.95 -18.04
C LEU B 228 -5.28 -34.00 -17.77
N VAL B 229 -5.09 -33.61 -16.51
CA VAL B 229 -4.02 -32.68 -16.20
C VAL B 229 -2.64 -33.22 -16.55
N ASP B 230 -1.79 -32.37 -17.13
CA ASP B 230 -0.39 -32.74 -17.48
C ASP B 230 -0.28 -33.55 -18.76
N SER B 231 -1.39 -33.96 -19.35
CA SER B 231 -1.33 -34.63 -20.63
C SER B 231 -0.88 -33.60 -21.64
N CYS B 232 -1.46 -32.41 -21.53
CA CYS B 232 -1.09 -31.32 -22.41
C CYS B 232 0.27 -30.75 -22.05
N LYS B 233 1.05 -30.36 -23.04
CA LYS B 233 2.34 -29.74 -22.79
C LYS B 233 2.38 -28.46 -23.60
N SER B 234 3.10 -27.45 -23.12
CA SER B 234 3.14 -26.18 -23.82
C SER B 234 3.76 -26.31 -25.20
N GLY B 235 3.20 -25.61 -26.18
CA GLY B 235 3.71 -25.71 -27.53
C GLY B 235 3.19 -26.90 -28.32
N ASP B 236 2.21 -27.61 -27.76
CA ASP B 236 1.64 -28.75 -28.45
C ASP B 236 0.18 -28.53 -28.77
N ASP B 237 -0.22 -28.83 -30.00
CA ASP B 237 -1.59 -28.62 -30.41
C ASP B 237 -2.42 -29.83 -30.04
N LEU B 238 -3.36 -29.65 -29.14
CA LEU B 238 -4.23 -30.75 -28.73
C LEU B 238 -5.69 -30.31 -28.77
N THR B 239 -6.55 -31.14 -29.34
CA THR B 239 -7.98 -30.79 -29.31
C THR B 239 -8.45 -30.77 -27.88
N ILE B 240 -9.23 -29.77 -27.53
CA ILE B 240 -9.75 -29.71 -26.18
C ILE B 240 -11.24 -29.87 -26.27
N TYR B 241 -11.78 -30.89 -25.61
CA TYR B 241 -13.20 -31.08 -25.60
C TYR B 241 -13.62 -30.56 -24.25
N GLY B 242 -14.42 -29.50 -24.23
CA GLY B 242 -14.76 -28.91 -22.95
C GLY B 242 -16.00 -28.06 -22.92
N ILE B 243 -16.50 -27.77 -21.73
CA ILE B 243 -17.65 -26.88 -21.62
C ILE B 243 -17.18 -25.52 -21.11
N VAL B 244 -17.53 -24.45 -21.83
CA VAL B 244 -17.10 -23.11 -21.45
C VAL B 244 -17.69 -22.63 -20.14
N MET B 245 -16.91 -21.89 -19.35
CA MET B 245 -17.39 -21.40 -18.06
C MET B 245 -16.92 -19.96 -17.81
N GLN B 246 -17.53 -19.25 -16.88
CA GLN B 246 -17.06 -17.91 -16.57
C GLN B 246 -16.48 -17.79 -15.16
N ARG B 247 -15.32 -17.16 -15.06
CA ARG B 247 -14.67 -17.00 -13.77
C ARG B 247 -14.75 -15.54 -13.38
N TRP B 248 -15.22 -15.26 -12.18
CA TRP B 248 -15.44 -13.87 -11.78
C TRP B 248 -14.53 -13.41 -10.66
N LYS B 249 -13.87 -12.27 -10.85
CA LYS B 249 -13.05 -11.71 -9.79
C LYS B 249 -13.94 -11.21 -8.68
N PRO B 250 -13.44 -11.18 -7.43
CA PRO B 250 -14.37 -10.72 -6.39
C PRO B 250 -14.84 -9.31 -6.68
N PHE B 251 -16.15 -9.09 -6.61
CA PHE B 251 -16.70 -7.78 -6.93
C PHE B 251 -16.46 -6.73 -5.87
N GLN B 252 -16.19 -5.50 -6.30
CA GLN B 252 -15.99 -4.41 -5.36
C GLN B 252 -17.00 -3.32 -5.64
N GLN B 253 -17.64 -2.80 -4.59
CA GLN B 253 -18.68 -1.79 -4.79
C GLN B 253 -18.14 -0.51 -5.41
N ASP B 254 -18.84 0.04 -6.40
CA ASP B 254 -18.43 1.30 -7.06
C ASP B 254 -17.19 1.23 -7.93
N VAL B 255 -16.77 0.03 -8.32
CA VAL B 255 -15.65 -0.12 -9.24
C VAL B 255 -16.01 -1.23 -10.21
N ARG B 256 -15.39 -1.25 -11.37
CA ARG B 256 -15.70 -2.27 -12.37
C ARG B 256 -15.35 -3.68 -11.91
N CYS B 257 -16.19 -4.65 -12.25
CA CYS B 257 -15.93 -6.04 -11.86
C CYS B 257 -15.45 -6.81 -13.07
N GLU B 258 -14.40 -7.62 -12.91
CA GLU B 258 -13.83 -8.32 -14.05
C GLU B 258 -14.27 -9.77 -14.17
N VAL B 259 -14.75 -10.15 -15.35
CA VAL B 259 -15.16 -11.52 -15.58
C VAL B 259 -14.19 -12.08 -16.59
N GLU B 260 -13.67 -13.27 -16.35
CA GLU B 260 -12.68 -13.84 -17.25
C GLU B 260 -13.19 -15.10 -17.90
N ILE B 261 -13.10 -15.18 -19.22
CA ILE B 261 -13.54 -16.37 -19.93
C ILE B 261 -12.61 -17.56 -19.66
N VAL B 262 -13.19 -18.74 -19.47
CA VAL B 262 -12.39 -19.92 -19.16
C VAL B 262 -13.08 -21.17 -19.72
N LEU B 263 -12.36 -22.25 -19.96
CA LEU B 263 -13.03 -23.48 -20.40
C LEU B 263 -12.66 -24.65 -19.51
N LYS B 264 -13.66 -25.36 -18.99
CA LYS B 264 -13.37 -26.55 -18.21
C LYS B 264 -13.31 -27.68 -19.20
N ALA B 265 -12.24 -28.44 -19.22
CA ALA B 265 -12.10 -29.47 -20.24
C ALA B 265 -12.54 -30.85 -19.82
N ASN B 266 -13.63 -31.35 -20.41
CA ASN B 266 -14.06 -32.71 -20.12
C ASN B 266 -13.09 -33.77 -20.61
N TYR B 267 -12.56 -33.61 -21.82
CA TYR B 267 -11.64 -34.59 -22.38
C TYR B 267 -10.48 -33.93 -23.12
N ILE B 268 -9.28 -34.51 -22.99
CA ILE B 268 -8.15 -33.98 -23.73
C ILE B 268 -7.60 -35.03 -24.67
N GLN B 269 -7.60 -34.74 -25.96
CA GLN B 269 -6.99 -35.66 -26.92
C GLN B 269 -6.06 -34.81 -27.75
N VAL B 270 -4.80 -35.19 -27.90
CA VAL B 270 -3.89 -34.33 -28.62
C VAL B 270 -3.96 -34.65 -30.10
N ASN B 271 -4.29 -33.64 -30.92
CA ASN B 271 -4.31 -33.86 -32.37
C ASN B 271 -2.92 -34.18 -32.88
N ASN B 272 -1.91 -33.54 -32.31
CA ASN B 272 -0.55 -33.76 -32.75
C ASN B 272 -0.21 -35.23 -32.54
N GLU B 273 -0.61 -35.77 -31.38
CA GLU B 273 -0.37 -37.19 -31.11
C GLU B 273 -1.14 -38.05 -32.09
N GLN B 274 -2.38 -37.65 -32.41
CA GLN B 274 -3.19 -38.41 -33.36
C GLN B 274 -2.53 -38.40 -34.73
N SER B 275 -1.96 -37.26 -35.12
CA SER B 275 -1.29 -37.17 -36.40
C SER B 275 -0.08 -38.09 -36.46
N SER B 276 0.67 -38.16 -35.36
CA SER B 276 1.86 -39.02 -35.30
C SER B 276 2.73 -38.97 -36.56
N GLN C 3 -7.82 49.90 34.50
CA GLN C 3 -6.78 50.39 33.60
C GLN C 3 -6.47 49.37 32.53
N SER C 4 -6.00 49.83 31.37
CA SER C 4 -5.62 48.92 30.29
C SER C 4 -4.47 48.03 30.71
N MET C 5 -3.53 48.60 31.47
CA MET C 5 -2.34 47.85 31.88
C MET C 5 -1.22 48.07 30.87
N GLN C 6 -1.51 48.85 29.83
CA GLN C 6 -0.46 49.17 28.86
C GLN C 6 0.59 49.98 29.59
N SER C 7 0.14 50.90 30.45
CA SER C 7 1.08 51.73 31.19
C SER C 7 1.94 50.89 32.13
N THR C 8 1.33 49.92 32.81
CA THR C 8 2.09 49.03 33.70
C THR C 8 3.08 48.21 32.92
N LEU C 9 2.68 47.75 31.74
CA LEU C 9 3.57 46.97 30.89
C LEU C 9 4.76 47.82 30.49
N ASP C 10 4.51 49.07 30.12
CA ASP C 10 5.59 49.96 29.73
C ASP C 10 6.52 50.21 30.91
N ARG C 11 5.93 50.40 32.09
CA ARG C 11 6.74 50.64 33.27
C ARG C 11 7.63 49.45 33.64
N PHE C 12 7.07 48.26 33.65
CA PHE C 12 7.88 47.09 33.95
C PHE C 12 8.91 46.75 32.87
N ILE C 13 8.52 46.80 31.60
CA ILE C 13 9.50 46.60 30.53
C ILE C 13 9.40 47.71 29.49
N PRO C 14 10.54 48.37 29.21
CA PRO C 14 10.52 49.47 28.24
C PRO C 14 10.11 48.95 26.87
N TYR C 15 10.63 47.80 26.49
CA TYR C 15 10.27 47.21 25.21
C TYR C 15 8.85 46.67 25.19
N LYS C 16 8.14 46.90 24.10
CA LYS C 16 6.81 46.33 23.97
C LYS C 16 6.84 45.27 22.87
N GLY C 17 8.03 44.94 22.39
CA GLY C 17 8.17 43.97 21.31
C GLY C 17 8.41 42.58 21.83
N TRP C 18 8.33 42.41 23.14
CA TRP C 18 8.60 41.12 23.77
C TRP C 18 7.69 40.01 23.27
N LYS C 19 6.42 40.33 23.01
CA LYS C 19 5.48 39.33 22.56
C LYS C 19 5.90 38.74 21.23
N LEU C 20 6.39 39.59 20.33
CA LEU C 20 6.87 39.09 19.04
C LEU C 20 8.04 38.15 19.26
N TYR C 21 8.96 38.55 20.12
CA TYR C 21 10.14 37.74 20.39
C TYR C 21 9.86 36.40 21.06
N PHE C 22 8.99 36.42 22.08
CA PHE C 22 8.63 35.18 22.75
C PHE C 22 7.17 35.02 23.13
N SER C 23 6.68 33.79 23.07
CA SER C 23 5.30 33.50 23.45
C SER C 23 5.07 33.77 24.93
N GLU C 24 6.06 33.49 25.77
CA GLU C 24 5.89 33.63 27.22
C GLU C 24 5.50 35.03 27.65
N VAL C 25 4.54 35.13 28.56
CA VAL C 25 4.16 36.43 29.08
C VAL C 25 5.29 36.86 29.99
N TYR C 26 5.83 38.05 29.77
CA TYR C 26 6.99 38.49 30.54
C TYR C 26 6.74 38.86 32.00
N SER C 27 7.74 38.63 32.85
CA SER C 27 7.64 39.01 34.25
C SER C 27 8.88 39.83 34.61
N ASP C 28 8.72 40.81 35.49
CA ASP C 28 9.85 41.66 35.89
C ASP C 28 10.95 40.88 36.58
N SER C 29 10.57 39.87 37.36
CA SER C 29 11.53 39.07 38.10
C SER C 29 12.56 38.38 37.20
N SER C 30 12.14 37.94 36.02
CA SER C 30 13.03 37.22 35.13
C SER C 30 14.28 38.05 34.82
N PRO C 31 15.46 37.42 34.83
CA PRO C 31 16.72 38.14 34.62
C PRO C 31 16.97 38.67 33.22
N LEU C 32 16.21 38.24 32.23
CA LEU C 32 16.47 38.65 30.85
C LEU C 32 16.39 40.16 30.69
N ILE C 33 15.47 40.82 31.38
CA ILE C 33 15.36 42.27 31.29
C ILE C 33 16.63 42.96 31.79
N GLU C 34 17.24 42.48 32.87
CA GLU C 34 18.50 43.06 33.32
C GLU C 34 19.58 42.86 32.27
N LYS C 35 19.60 41.68 31.66
CA LYS C 35 20.55 41.42 30.58
C LYS C 35 20.26 42.32 29.40
N ILE C 36 18.99 42.58 29.12
CA ILE C 36 18.61 43.43 28.00
C ILE C 36 19.20 44.81 28.25
N GLN C 37 19.14 45.30 29.49
CA GLN C 37 19.64 46.63 29.76
C GLN C 37 21.12 46.67 29.47
N ALA C 38 21.84 45.64 29.88
CA ALA C 38 23.27 45.59 29.64
C ALA C 38 23.63 45.55 28.16
N PHE C 39 22.93 44.70 27.42
CA PHE C 39 23.19 44.60 25.98
C PHE C 39 22.84 45.90 25.32
N GLU C 40 21.71 46.48 25.72
CA GLU C 40 21.24 47.73 25.12
C GLU C 40 22.21 48.87 25.41
N LYS C 41 22.81 48.89 26.60
CA LYS C 41 23.80 49.92 26.89
C LYS C 41 24.98 49.80 25.96
N PHE C 42 25.43 48.57 25.70
CA PHE C 42 26.51 48.40 24.73
C PHE C 42 26.02 48.84 23.36
N PHE C 43 24.78 48.50 23.03
CA PHE C 43 24.22 48.91 21.75
C PHE C 43 24.12 50.42 21.63
N THR C 44 23.84 51.12 22.72
CA THR C 44 23.82 52.58 22.69
C THR C 44 25.20 53.10 22.34
N ARG C 45 26.24 52.50 22.93
CA ARG C 45 27.61 52.88 22.59
C ARG C 45 27.89 52.57 21.13
N HIS C 46 27.33 51.47 20.64
CA HIS C 46 27.52 51.06 19.26
C HIS C 46 26.46 51.62 18.32
N ILE C 47 25.58 52.49 18.82
CA ILE C 47 24.48 53.00 18.00
C ILE C 47 25.00 53.74 16.79
N ASP C 48 26.07 54.50 16.96
CA ASP C 48 26.66 55.20 15.83
C ASP C 48 27.18 54.22 14.78
N LEU C 49 27.83 53.15 15.22
CA LEU C 49 28.32 52.13 14.28
C LEU C 49 27.17 51.45 13.57
N TYR C 50 26.10 51.15 14.30
CA TYR C 50 24.93 50.49 13.73
C TYR C 50 24.11 51.44 12.88
N ASP C 51 23.34 50.92 11.94
CA ASP C 51 22.43 51.79 11.19
C ASP C 51 21.03 51.36 11.54
N LYS C 52 20.22 52.30 12.00
CA LYS C 52 18.87 51.96 12.41
C LYS C 52 18.05 51.45 11.25
N ASP C 53 18.17 52.12 10.11
CA ASP C 53 17.42 51.71 8.93
C ASP C 53 17.81 50.34 8.46
N GLU C 54 19.12 50.05 8.46
CA GLU C 54 19.59 48.76 7.98
C GLU C 54 19.06 47.63 8.84
N ILE C 55 19.06 47.83 10.15
CA ILE C 55 18.57 46.80 11.04
C ILE C 55 17.09 46.57 10.80
N GLU C 56 16.34 47.64 10.63
CA GLU C 56 14.90 47.50 10.44
C GLU C 56 14.55 46.75 9.16
N ARG C 57 15.19 47.10 8.05
CA ARG C 57 14.94 46.37 6.81
C ARG C 57 15.44 44.93 6.84
N LYS C 58 16.62 44.72 7.42
CA LYS C 58 17.20 43.38 7.47
C LYS C 58 16.36 42.43 8.30
N GLY C 59 15.83 42.93 9.42
CA GLY C 59 15.10 42.05 10.32
C GLY C 59 16.10 41.29 11.16
N SER C 60 17.36 41.71 11.12
CA SER C 60 18.42 41.04 11.88
C SER C 60 19.58 41.99 12.13
N ILE C 61 20.40 41.71 13.14
CA ILE C 61 21.57 42.53 13.39
C ILE C 61 22.85 41.71 13.39
N LEU C 62 23.88 42.17 12.69
CA LEU C 62 25.15 41.46 12.72
C LEU C 62 25.93 42.05 13.86
N VAL C 63 26.07 41.29 14.94
CA VAL C 63 26.81 41.78 16.09
C VAL C 63 27.93 40.79 16.41
N ASP C 64 29.15 41.30 16.56
CA ASP C 64 30.28 40.42 16.83
C ASP C 64 30.18 39.81 18.21
N PHE C 65 30.54 38.54 18.33
CA PHE C 65 30.55 37.90 19.63
C PHE C 65 31.59 38.65 20.46
N LYS C 66 32.73 38.95 19.83
CA LYS C 66 33.81 39.63 20.53
C LYS C 66 33.40 41.02 21.01
N GLU C 67 32.69 41.76 20.17
CA GLU C 67 32.33 43.12 20.57
C GLU C 67 31.42 43.12 21.79
N LEU C 68 30.49 42.17 21.86
CA LEU C 68 29.66 42.10 23.04
C LEU C 68 30.49 41.78 24.28
N THR C 69 31.43 40.85 24.16
CA THR C 69 32.23 40.48 25.32
C THR C 69 33.07 41.65 25.83
N GLU C 70 33.67 42.41 24.92
CA GLU C 70 34.46 43.57 25.32
C GLU C 70 33.66 44.68 26.01
N GLY C 71 32.42 44.91 25.56
CA GLY C 71 31.65 45.99 26.14
C GLY C 71 31.45 45.76 27.62
N GLY C 72 31.72 46.78 28.44
CA GLY C 72 31.67 46.60 29.88
C GLY C 72 30.37 46.25 30.57
N GLU C 73 29.27 46.89 30.20
CA GLU C 73 28.01 46.66 30.90
C GLU C 73 27.51 45.23 30.74
N VAL C 74 27.64 44.69 29.54
CA VAL C 74 27.23 43.31 29.31
C VAL C 74 28.09 42.38 30.16
N THR C 75 29.39 42.68 30.25
CA THR C 75 30.27 41.86 31.07
C THR C 75 29.85 41.90 32.54
N ASN C 76 29.44 43.07 33.02
CA ASN C 76 29.01 43.18 34.40
C ASN C 76 27.80 42.31 34.69
N LEU C 77 26.79 42.35 33.82
CA LEU C 77 25.61 41.52 34.02
C LEU C 77 25.86 40.02 33.85
N ILE C 78 26.59 39.64 32.82
CA ILE C 78 26.92 38.22 32.60
C ILE C 78 28.42 38.14 32.32
N PRO C 79 29.15 37.27 33.05
CA PRO C 79 30.61 37.31 32.85
C PRO C 79 31.03 37.02 31.42
N ASP C 80 30.49 35.99 30.79
CA ASP C 80 30.78 35.77 29.38
C ASP C 80 29.53 35.48 28.58
N ILE C 81 29.33 36.19 27.48
CA ILE C 81 28.16 35.99 26.66
C ILE C 81 28.13 34.58 26.08
N ALA C 82 29.30 34.03 25.80
CA ALA C 82 29.38 32.71 25.17
C ALA C 82 28.74 31.58 25.98
N THR C 83 28.95 31.55 27.29
CA THR C 83 28.30 30.52 28.09
C THR C 83 26.79 30.65 28.06
N GLU C 84 26.27 31.87 28.13
CA GLU C 84 24.84 32.08 28.07
C GLU C 84 24.33 31.62 26.72
N LEU C 85 25.09 31.93 25.67
CA LEU C 85 24.65 31.57 24.33
C LEU C 85 24.51 30.06 24.15
N ARG C 86 25.50 29.29 24.56
CA ARG C 86 25.32 27.83 24.44
C ARG C 86 24.27 27.23 25.37
N ASP C 87 24.25 27.65 26.62
CA ASP C 87 23.33 27.05 27.57
C ASP C 87 21.88 27.31 27.18
N ALA C 88 21.59 28.55 26.82
CA ALA C 88 20.25 28.90 26.39
C ALA C 88 20.34 29.74 25.15
N PRO C 89 20.59 29.10 24.00
CA PRO C 89 20.80 29.96 22.83
C PRO C 89 19.58 30.79 22.50
N GLU C 90 18.39 30.21 22.55
CA GLU C 90 17.20 30.94 22.15
C GLU C 90 16.91 32.16 23.03
N LYS C 91 17.02 32.00 24.34
CA LYS C 91 16.72 33.10 25.23
C LYS C 91 17.68 34.25 25.02
N THR C 92 18.97 33.94 24.88
CA THR C 92 19.97 34.97 24.68
C THR C 92 19.77 35.67 23.35
N LEU C 93 19.43 34.93 22.31
CA LEU C 93 19.22 35.54 21.01
C LEU C 93 18.04 36.49 21.06
N ALA C 94 16.98 36.06 21.73
CA ALA C 94 15.81 36.92 21.87
C ALA C 94 16.19 38.13 22.70
N CYS C 95 16.96 37.93 23.75
CA CYS C 95 17.35 39.02 24.62
C CYS C 95 18.20 40.05 23.89
N MET C 96 19.16 39.59 23.12
CA MET C 96 20.01 40.52 22.37
C MET C 96 19.18 41.26 21.35
N GLY C 97 18.29 40.54 20.68
CA GLY C 97 17.44 41.18 19.69
C GLY C 97 16.52 42.20 20.32
N LEU C 98 15.96 41.88 21.47
CA LEU C 98 15.08 42.80 22.17
C LEU C 98 15.82 44.04 22.60
N ALA C 99 17.05 43.86 23.05
CA ALA C 99 17.86 45.00 23.42
C ALA C 99 18.10 45.86 22.20
N ILE C 100 18.36 45.25 21.05
CA ILE C 100 18.53 46.01 19.81
C ILE C 100 17.22 46.72 19.46
N HIS C 101 16.09 46.05 19.66
CA HIS C 101 14.81 46.66 19.36
C HIS C 101 14.59 47.85 20.27
N GLN C 102 14.93 47.71 21.55
CA GLN C 102 14.78 48.81 22.48
C GLN C 102 15.69 49.96 22.10
N VAL C 103 16.93 49.66 21.76
CA VAL C 103 17.86 50.71 21.38
C VAL C 103 17.41 51.39 20.10
N LEU C 104 17.00 50.60 19.12
CA LEU C 104 16.57 51.17 17.84
C LEU C 104 15.35 52.04 18.02
N THR C 105 14.40 51.56 18.81
CA THR C 105 13.18 52.32 19.04
C THR C 105 13.50 53.60 19.79
N LYS C 106 14.39 53.52 20.77
CA LYS C 106 14.78 54.70 21.51
C LYS C 106 15.48 55.74 20.64
N ASP C 107 16.34 55.29 19.73
CA ASP C 107 17.01 56.23 18.85
C ASP C 107 15.97 56.92 18.00
N LEU C 108 15.02 56.16 17.49
CA LEU C 108 13.96 56.73 16.67
C LEU C 108 13.07 57.68 17.47
N GLU C 109 12.78 57.32 18.72
CA GLU C 109 11.98 58.19 19.58
C GLU C 109 12.72 59.48 19.80
N ARG C 110 14.03 59.40 20.00
CA ARG C 110 14.84 60.60 20.19
C ARG C 110 14.82 61.47 18.94
N HIS C 111 14.89 60.84 17.77
CA HIS C 111 14.86 61.60 16.53
C HIS C 111 13.51 62.31 16.39
N ALA C 112 12.43 61.61 16.72
CA ALA C 112 11.11 62.22 16.68
C ALA C 112 10.98 63.35 17.68
N ALA C 113 11.55 63.18 18.87
CA ALA C 113 11.52 64.24 19.87
C ALA C 113 12.29 65.46 19.38
N GLU C 114 13.42 65.23 18.74
CA GLU C 114 14.21 66.32 18.19
C GLU C 114 13.41 67.04 17.12
N LEU C 115 12.71 66.29 16.28
CA LEU C 115 11.88 66.88 15.24
C LEU C 115 10.76 67.70 15.86
N GLN C 116 10.18 67.21 16.93
CA GLN C 116 9.11 67.93 17.61
C GLN C 116 9.64 69.26 18.15
N ALA C 117 10.84 69.24 18.71
CA ALA C 117 11.43 70.47 19.22
C ALA C 117 11.70 71.50 18.12
N GLN C 118 12.21 71.05 16.98
CA GLN C 118 12.44 71.95 15.86
C GLN C 118 11.14 72.53 15.35
N GLU C 119 10.12 71.68 15.25
CA GLU C 119 8.82 72.12 14.75
C GLU C 119 7.76 71.26 15.41
N GLY C 120 6.50 71.72 15.37
CA GLY C 120 5.43 70.91 15.90
C GLY C 120 5.33 69.63 15.10
N LEU C 121 5.17 68.50 15.79
CA LEU C 121 5.12 67.22 15.10
C LEU C 121 3.87 66.45 15.46
N SER C 122 3.26 65.79 14.48
CA SER C 122 2.09 64.97 14.76
C SER C 122 2.49 63.85 15.71
N ASN C 123 3.63 63.22 15.44
CA ASN C 123 4.13 62.19 16.34
C ASN C 123 4.47 62.76 17.70
N ASP C 124 5.11 63.94 17.72
CA ASP C 124 5.54 64.57 18.98
C ASP C 124 6.39 63.63 19.83
N GLY C 125 7.40 63.00 19.23
CA GLY C 125 8.17 62.01 19.96
C GLY C 125 7.40 60.72 19.82
N GLU C 126 7.67 59.72 20.66
CA GLU C 126 6.85 58.50 20.64
C GLU C 126 6.64 57.90 19.26
N THR C 127 7.72 57.50 18.59
CA THR C 127 7.60 57.00 17.23
C THR C 127 6.67 55.81 17.09
N MET C 128 6.67 54.91 18.08
CA MET C 128 5.86 53.68 17.98
C MET C 128 6.24 52.97 16.70
N VAL C 129 7.55 52.83 16.47
CA VAL C 129 8.03 52.20 15.25
C VAL C 129 7.56 50.75 15.14
N ASN C 130 7.49 50.05 16.28
CA ASN C 130 7.09 48.64 16.27
C ASN C 130 7.96 47.85 15.33
N VAL C 131 9.27 47.94 15.53
CA VAL C 131 10.20 47.26 14.65
C VAL C 131 9.91 45.77 14.62
N PRO C 132 10.04 45.16 13.43
CA PRO C 132 9.77 43.72 13.28
C PRO C 132 10.80 42.94 14.05
N HIS C 133 10.51 41.70 14.42
CA HIS C 133 11.41 40.95 15.26
C HIS C 133 12.79 40.85 14.62
N ILE C 134 13.81 41.10 15.43
CA ILE C 134 15.17 41.07 14.92
C ILE C 134 15.85 39.88 15.55
N HIS C 135 16.41 39.00 14.73
CA HIS C 135 17.16 37.90 15.31
C HIS C 135 18.62 38.32 15.31
N ALA C 136 19.19 38.42 16.49
CA ALA C 136 20.57 38.86 16.57
C ALA C 136 21.41 37.76 15.97
N ARG C 137 22.33 38.12 15.09
CA ARG C 137 23.21 37.12 14.52
C ARG C 137 24.57 37.39 15.10
N VAL C 138 25.12 36.40 15.79
CA VAL C 138 26.40 36.59 16.42
C VAL C 138 27.47 35.89 15.60
N TYR C 139 28.42 36.67 15.10
CA TYR C 139 29.47 36.09 14.27
C TYR C 139 30.77 35.95 15.03
N ASN C 140 31.69 35.14 14.51
CA ASN C 140 32.98 34.89 15.18
C ASN C 140 32.85 34.30 16.58
N TYR C 141 31.89 33.40 16.77
CA TYR C 141 31.75 32.72 18.06
C TYR C 141 33.02 31.93 18.29
N GLU C 142 33.60 32.03 19.48
CA GLU C 142 34.89 31.38 19.73
C GLU C 142 34.96 29.83 19.67
N PRO C 143 33.99 29.13 20.28
CA PRO C 143 34.10 27.67 20.13
C PRO C 143 33.79 27.24 18.71
N LEU C 144 34.59 26.33 18.17
CA LEU C 144 34.36 25.84 16.81
C LEU C 144 34.08 24.36 16.84
N THR C 145 32.98 23.96 16.20
CA THR C 145 32.60 22.55 16.20
C THR C 145 32.56 22.04 14.77
N GLN C 146 33.27 20.95 14.52
CA GLN C 146 33.23 20.33 13.19
C GLN C 146 32.04 19.41 13.01
N LEU C 147 31.78 19.01 11.76
CA LEU C 147 30.67 18.11 11.49
C LEU C 147 30.87 16.77 12.19
N LYS C 148 32.10 16.26 12.19
CA LYS C 148 32.38 15.02 12.88
C LYS C 148 32.13 15.18 14.36
N ASN C 149 32.56 16.32 14.91
CA ASN C 149 32.36 16.58 16.33
C ASN C 149 30.90 16.65 16.71
N VAL C 150 30.07 17.22 15.85
CA VAL C 150 28.66 17.40 16.21
C VAL C 150 27.97 16.07 16.50
N ARG C 151 27.13 16.06 17.54
CA ARG C 151 26.48 14.82 17.97
C ARG C 151 25.20 15.20 18.70
N ALA C 152 24.49 14.21 19.22
CA ALA C 152 23.25 14.48 19.97
C ALA C 152 23.51 15.33 21.21
N ASN C 153 24.64 15.10 21.86
CA ASN C 153 24.99 15.90 23.03
C ASN C 153 25.13 17.37 22.67
N TYR C 154 25.70 17.64 21.49
CA TYR C 154 25.86 19.01 21.02
C TYR C 154 24.53 19.72 20.78
N TYR C 155 23.48 18.96 20.49
CA TYR C 155 22.20 19.59 20.18
C TYR C 155 21.68 20.40 21.35
N GLY C 156 21.11 21.57 21.06
CA GLY C 156 20.65 22.45 22.12
C GLY C 156 21.71 23.44 22.55
N LYS C 157 22.88 23.41 21.90
CA LYS C 157 23.93 24.36 22.21
C LYS C 157 24.26 25.21 21.01
N TYR C 158 24.36 26.52 21.19
CA TYR C 158 24.77 27.37 20.09
C TYR C 158 26.21 27.02 19.82
N ILE C 159 26.55 26.76 18.57
CA ILE C 159 27.90 26.38 18.21
C ILE C 159 28.28 27.04 16.90
N ALA C 160 29.58 27.15 16.62
CA ALA C 160 29.98 27.68 15.34
C ALA C 160 30.40 26.48 14.50
N LEU C 161 29.82 26.32 13.33
CA LEU C 161 30.10 25.14 12.51
C LEU C 161 30.66 25.51 11.15
N ARG C 162 31.72 24.84 10.74
CA ARG C 162 32.24 25.09 9.40
C ARG C 162 31.90 23.93 8.49
N GLY C 163 31.26 24.23 7.36
CA GLY C 163 30.85 23.18 6.44
C GLY C 163 30.83 23.61 4.99
N THR C 164 30.84 22.65 4.08
CA THR C 164 30.78 22.95 2.65
C THR C 164 29.44 22.48 2.11
N VAL C 165 28.74 23.33 1.37
CA VAL C 165 27.40 22.95 0.93
C VAL C 165 27.44 22.01 -0.25
N VAL C 166 26.97 20.78 -0.06
CA VAL C 166 26.90 19.84 -1.17
C VAL C 166 25.91 20.30 -2.22
N ARG C 167 24.73 20.72 -1.78
CA ARG C 167 23.70 21.21 -2.70
C ARG C 167 22.67 22.07 -2.00
N VAL C 168 21.91 22.83 -2.77
CA VAL C 168 20.84 23.62 -2.18
C VAL C 168 19.51 23.04 -2.64
N SER C 169 18.66 22.65 -1.69
CA SER C 169 17.32 22.18 -2.07
C SER C 169 16.39 23.37 -2.27
N ASN C 170 15.29 23.13 -2.97
CA ASN C 170 14.35 24.21 -3.24
C ASN C 170 13.78 24.78 -1.97
N ILE C 171 13.65 26.11 -1.93
CA ILE C 171 13.15 26.75 -0.73
C ILE C 171 11.71 26.33 -0.48
N LYS C 172 11.42 25.94 0.75
CA LYS C 172 10.09 25.52 1.10
C LYS C 172 9.61 26.39 2.24
N PRO C 173 8.39 26.91 2.14
CA PRO C 173 7.87 27.69 3.26
C PRO C 173 7.74 26.88 4.53
N LEU C 174 8.07 27.48 5.65
CA LEU C 174 7.91 26.80 6.92
C LEU C 174 6.98 27.68 7.72
N CYS C 175 5.99 27.10 8.36
CA CYS C 175 5.01 27.93 9.04
C CYS C 175 5.53 28.33 10.39
N THR C 176 6.10 29.53 10.49
CA THR C 176 6.57 30.02 11.77
C THR C 176 5.40 30.22 12.71
N LYS C 177 4.33 30.80 12.20
CA LYS C 177 3.14 31.04 13.01
C LYS C 177 1.94 30.63 12.20
N MET C 178 0.88 30.18 12.88
CA MET C 178 -0.34 29.85 12.18
C MET C 178 -1.53 30.52 12.85
N ALA C 179 -2.35 31.23 12.09
CA ALA C 179 -3.54 31.82 12.66
C ALA C 179 -4.47 30.69 13.05
N PHE C 180 -5.02 30.77 14.24
CA PHE C 180 -5.93 29.73 14.69
C PHE C 180 -7.21 30.30 15.25
N LEU C 181 -8.34 29.87 14.73
CA LEU C 181 -9.61 30.42 15.17
C LEU C 181 -10.35 29.40 15.98
N CYS C 182 -10.71 29.74 17.21
CA CYS C 182 -11.51 28.81 17.99
C CYS C 182 -12.85 28.69 17.31
N ALA C 183 -13.33 27.47 17.13
CA ALA C 183 -14.58 27.30 16.42
C ALA C 183 -15.73 27.92 17.19
N ALA C 184 -15.81 27.65 18.50
CA ALA C 184 -16.86 28.27 19.31
C ALA C 184 -16.69 29.77 19.51
N CYS C 185 -15.48 30.20 19.85
CA CYS C 185 -15.22 31.62 20.10
C CYS C 185 -15.30 32.52 18.89
N GLY C 186 -14.79 32.05 17.75
CA GLY C 186 -14.73 32.91 16.58
C GLY C 186 -13.55 33.85 16.75
N GLU C 187 -12.62 33.50 17.62
CA GLU C 187 -11.48 34.38 17.89
C GLU C 187 -10.20 33.82 17.34
N ILE C 188 -9.48 34.65 16.58
CA ILE C 188 -8.24 34.18 15.95
C ILE C 188 -7.00 34.58 16.71
N GLN C 189 -6.16 33.60 17.04
CA GLN C 189 -4.91 33.91 17.68
C GLN C 189 -3.80 33.36 16.82
N SER C 190 -2.77 34.16 16.56
CA SER C 190 -1.67 33.60 15.83
C SER C 190 -1.00 32.67 16.81
N PHE C 191 -0.77 31.44 16.38
CA PHE C 191 -0.15 30.47 17.26
C PHE C 191 1.18 30.18 16.65
N PRO C 192 2.25 30.44 17.40
CA PRO C 192 3.51 30.06 16.75
C PRO C 192 3.56 28.56 16.69
N LEU C 193 3.83 28.02 15.51
CA LEU C 193 3.98 26.58 15.43
C LEU C 193 5.31 26.33 16.12
N PRO C 194 5.35 25.34 17.03
CA PRO C 194 6.58 25.08 17.78
C PRO C 194 7.67 24.66 16.81
N ASP C 195 7.30 23.86 15.81
CA ASP C 195 8.25 23.40 14.83
C ASP C 195 7.47 23.31 13.54
N GLY C 196 8.10 22.82 12.48
CA GLY C 196 7.43 22.72 11.20
C GLY C 196 6.20 21.85 11.28
N LYS C 197 6.22 20.84 12.14
CA LYS C 197 5.07 19.97 12.30
C LYS C 197 3.83 20.73 12.74
N TYR C 198 2.70 20.39 12.15
CA TYR C 198 1.46 21.08 12.48
C TYR C 198 1.04 20.83 13.92
N SER C 199 0.60 21.89 14.59
CA SER C 199 0.14 21.75 15.96
C SER C 199 -1.12 22.56 16.20
N LEU C 200 -1.94 22.15 17.16
CA LEU C 200 -3.18 22.85 17.46
C LEU C 200 -3.18 23.33 18.90
N PRO C 201 -3.54 24.60 19.14
CA PRO C 201 -3.63 25.04 20.53
C PRO C 201 -5.04 24.92 21.07
N THR C 202 -5.23 24.09 22.10
CA THR C 202 -6.55 24.01 22.72
C THR C 202 -6.90 25.33 23.40
N LYS C 203 -5.90 25.96 24.03
CA LYS C 203 -6.16 27.19 24.77
C LYS C 203 -6.68 28.33 23.90
N CYS C 204 -7.73 28.99 24.35
CA CYS C 204 -8.28 30.12 23.63
C CYS C 204 -7.46 31.38 23.82
N PRO C 205 -7.54 32.31 22.85
CA PRO C 205 -6.82 33.58 23.08
C PRO C 205 -7.39 34.29 24.30
N VAL C 206 -8.70 34.28 24.47
CA VAL C 206 -9.32 34.91 25.61
C VAL C 206 -9.23 33.99 26.82
N PRO C 207 -8.68 34.49 27.93
CA PRO C 207 -8.66 33.68 29.14
C PRO C 207 -10.06 33.41 29.67
N VAL C 208 -10.92 34.42 29.64
CA VAL C 208 -12.26 34.29 30.21
C VAL C 208 -13.13 33.24 29.50
N CYS C 209 -13.10 33.22 28.18
CA CYS C 209 -13.89 32.23 27.46
C CYS C 209 -12.96 31.25 26.80
N ARG C 210 -13.09 29.96 27.14
CA ARG C 210 -12.16 28.98 26.61
C ARG C 210 -12.86 27.92 25.77
N GLY C 211 -12.41 27.73 24.54
CA GLY C 211 -12.96 26.67 23.71
C GLY C 211 -11.82 25.82 23.18
N ARG C 212 -11.87 24.53 23.44
CA ARG C 212 -10.82 23.62 22.96
C ARG C 212 -10.74 23.50 21.45
N SER C 213 -11.89 23.43 20.78
CA SER C 213 -11.89 23.23 19.34
C SER C 213 -11.27 24.42 18.63
N PHE C 214 -10.35 24.15 17.71
CA PHE C 214 -9.67 25.23 17.00
C PHE C 214 -9.56 24.91 15.52
N THR C 215 -9.60 25.92 14.68
CA THR C 215 -9.53 25.71 13.24
C THR C 215 -8.33 26.41 12.63
N ALA C 216 -7.56 25.68 11.84
CA ALA C 216 -6.40 26.27 11.18
C ALA C 216 -6.84 27.32 10.17
N LEU C 217 -6.17 28.46 10.16
CA LEU C 217 -6.56 29.54 9.24
C LEU C 217 -5.35 30.10 8.51
N ARG C 218 -4.83 29.34 7.55
CA ARG C 218 -3.64 29.78 6.79
C ARG C 218 -3.85 31.06 6.00
N SER C 219 -5.04 31.24 5.44
CA SER C 219 -5.33 32.42 4.62
C SER C 219 -5.17 33.72 5.40
N SER C 220 -5.52 33.71 6.68
CA SER C 220 -5.45 34.93 7.48
C SER C 220 -4.04 35.46 7.60
N PRO C 221 -3.90 36.79 7.69
CA PRO C 221 -2.57 37.43 7.75
C PRO C 221 -1.77 37.02 8.97
N LEU C 222 -2.45 36.62 10.04
CA LEU C 222 -1.77 36.24 11.27
C LEU C 222 -0.81 35.09 11.02
N THR C 223 -1.19 34.16 10.15
CA THR C 223 -0.29 33.07 9.81
C THR C 223 0.97 33.66 9.20
N VAL C 224 2.13 33.24 9.70
CA VAL C 224 3.40 33.71 9.16
C VAL C 224 4.15 32.54 8.57
N THR C 225 4.59 32.67 7.34
CA THR C 225 5.40 31.62 6.74
C THR C 225 6.78 32.19 6.54
N MET C 226 7.80 31.46 7.00
CA MET C 226 9.16 31.94 6.85
C MET C 226 9.90 31.05 5.88
N ASP C 227 10.61 31.67 4.94
CA ASP C 227 11.31 30.91 3.94
C ASP C 227 12.37 30.06 4.59
N TRP C 228 12.39 28.79 4.26
CA TRP C 228 13.37 27.89 4.83
C TRP C 228 14.11 27.22 3.70
N GLN C 229 15.43 27.25 3.76
CA GLN C 229 16.21 26.61 2.73
C GLN C 229 16.84 25.39 3.36
N SER C 230 16.64 24.24 2.73
CA SER C 230 17.25 23.03 3.24
C SER C 230 18.56 22.85 2.51
N ILE C 231 19.67 22.81 3.24
CA ILE C 231 20.96 22.59 2.63
C ILE C 231 21.71 21.52 3.40
N LYS C 232 22.49 20.70 2.70
CA LYS C 232 23.28 19.70 3.42
C LYS C 232 24.73 20.10 3.39
N ILE C 233 25.36 20.17 4.55
CA ILE C 233 26.73 20.60 4.60
C ILE C 233 27.65 19.46 4.94
N GLN C 234 28.53 19.12 4.01
CA GLN C 234 29.50 18.07 4.27
C GLN C 234 30.64 18.60 5.12
N GLU C 235 31.32 17.70 5.82
CA GLU C 235 32.48 18.12 6.59
C GLU C 235 33.46 18.65 5.57
N LEU C 236 34.11 19.76 5.87
CA LEU C 236 35.03 20.33 4.90
C LEU C 236 36.12 19.31 4.66
N MET C 237 36.42 19.03 3.39
CA MET C 237 37.38 17.98 3.11
C MET C 237 38.71 18.55 2.66
N SER C 238 39.76 18.30 3.44
CA SER C 238 41.09 18.74 3.05
C SER C 238 42.01 17.56 3.28
N ASP C 239 42.92 17.32 2.35
CA ASP C 239 43.80 16.17 2.46
C ASP C 239 44.71 16.27 3.69
N ASP C 240 45.21 17.46 3.97
CA ASP C 240 46.02 17.63 5.18
C ASP C 240 45.17 17.41 6.42
N GLN C 241 43.97 17.95 6.44
CA GLN C 241 43.10 17.82 7.61
C GLN C 241 42.65 16.38 7.88
N ARG C 242 42.27 15.65 6.84
CA ARG C 242 41.74 14.30 7.02
C ARG C 242 42.16 13.34 5.92
N GLU C 243 42.10 12.04 6.18
CA GLU C 243 42.51 11.05 5.19
C GLU C 243 41.68 11.21 3.92
N ALA C 244 42.34 11.18 2.77
CA ALA C 244 41.63 11.31 1.51
C ALA C 244 40.69 10.14 1.29
N GLY C 245 39.50 10.40 0.77
CA GLY C 245 38.53 9.35 0.58
C GLY C 245 37.69 9.06 1.82
N ARG C 246 37.84 9.87 2.86
CA ARG C 246 37.02 9.70 4.05
C ARG C 246 35.58 10.04 3.72
N ILE C 247 34.65 9.34 4.35
CA ILE C 247 33.24 9.62 4.14
C ILE C 247 32.92 10.98 4.74
N PRO C 248 32.22 11.84 3.99
CA PRO C 248 31.82 13.13 4.55
C PRO C 248 30.73 13.02 5.60
N ARG C 249 30.76 13.91 6.59
CA ARG C 249 29.68 13.92 7.57
C ARG C 249 28.79 15.04 7.10
N THR C 250 27.53 14.72 6.79
CA THR C 250 26.65 15.74 6.25
C THR C 250 25.52 16.08 7.20
N ILE C 251 25.33 17.37 7.46
CA ILE C 251 24.21 17.76 8.30
C ILE C 251 23.23 18.63 7.53
N GLU C 252 21.94 18.30 7.64
CA GLU C 252 20.94 19.12 7.01
C GLU C 252 20.83 20.40 7.80
N CYS C 253 20.55 21.52 7.12
CA CYS C 253 20.50 22.80 7.81
C CYS C 253 19.27 23.62 7.48
N GLU C 254 18.81 24.43 8.43
CA GLU C 254 17.64 25.25 8.22
C GLU C 254 18.09 26.69 8.09
N LEU C 255 17.58 27.39 7.10
CA LEU C 255 18.01 28.76 6.88
C LEU C 255 16.78 29.63 6.83
N VAL C 256 16.22 29.93 8.00
CA VAL C 256 15.00 30.74 8.06
C VAL C 256 15.22 32.25 7.95
N HIS C 257 14.15 33.01 7.69
CA HIS C 257 14.24 34.47 7.70
C HIS C 257 15.25 35.10 6.75
N ASP C 258 16.08 36.00 7.27
CA ASP C 258 17.08 36.69 6.45
C ASP C 258 18.08 35.71 5.87
N LEU C 259 18.40 34.68 6.63
CA LEU C 259 19.40 33.71 6.20
C LEU C 259 19.06 32.91 4.96
N VAL C 260 17.80 32.85 4.56
CA VAL C 260 17.48 32.02 3.40
C VAL C 260 18.28 32.43 2.17
N ASP C 261 18.88 31.45 1.49
CA ASP C 261 19.63 31.71 0.25
C ASP C 261 20.93 32.49 0.40
N SER C 262 21.37 32.72 1.63
CA SER C 262 22.65 33.38 1.85
C SER C 262 23.77 32.47 1.36
N CYS C 263 23.64 31.19 1.67
CA CYS C 263 24.66 30.23 1.24
C CYS C 263 24.62 29.94 -0.25
N VAL C 264 25.77 29.59 -0.81
CA VAL C 264 25.83 29.24 -2.22
C VAL C 264 26.32 27.80 -2.31
N PRO C 265 25.67 26.97 -3.14
CA PRO C 265 26.13 25.58 -3.15
C PRO C 265 27.55 25.45 -3.67
N GLY C 266 28.35 24.62 -3.02
CA GLY C 266 29.73 24.45 -3.42
C GLY C 266 30.65 25.52 -2.87
N ASP C 267 30.11 26.40 -2.02
CA ASP C 267 30.90 27.46 -1.44
C ASP C 267 31.01 27.23 0.06
N THR C 268 32.22 27.24 0.58
CA THR C 268 32.39 27.00 2.00
C THR C 268 31.80 28.16 2.78
N VAL C 269 30.98 27.84 3.77
CA VAL C 269 30.36 28.89 4.55
C VAL C 269 30.54 28.61 6.04
N THR C 270 30.99 29.60 6.79
CA THR C 270 31.10 29.41 8.23
C THR C 270 29.70 29.57 8.78
N ILE C 271 29.23 28.57 9.51
CA ILE C 271 27.86 28.62 10.00
C ILE C 271 27.86 28.68 11.51
N THR C 272 27.17 29.68 12.06
CA THR C 272 27.07 29.74 13.51
C THR C 272 25.61 29.55 13.86
N GLY C 273 25.28 28.41 14.46
CA GLY C 273 23.88 28.13 14.75
C GLY C 273 23.54 27.10 15.79
N ILE C 274 22.31 27.16 16.31
CA ILE C 274 21.86 26.16 17.25
C ILE C 274 21.63 24.83 16.55
N VAL C 275 22.00 23.73 17.18
CA VAL C 275 21.73 22.43 16.59
C VAL C 275 20.44 21.92 17.21
N LYS C 276 19.46 21.59 16.38
CA LYS C 276 18.24 21.02 16.92
C LYS C 276 17.94 19.71 16.23
N VAL C 277 17.77 18.64 17.01
CA VAL C 277 17.47 17.35 16.41
C VAL C 277 16.10 17.41 15.73
N SER C 278 15.99 16.80 14.57
CA SER C 278 14.74 16.86 13.83
C SER C 278 14.17 15.48 13.61
N ASN C 279 12.89 15.31 13.87
CA ASN C 279 12.28 14.04 13.60
C ASN C 279 12.31 13.76 12.11
N ALA C 280 12.70 12.55 11.75
CA ALA C 280 12.67 12.18 10.33
C ALA C 280 11.21 12.12 9.94
N GLU C 281 10.87 12.64 8.75
CA GLU C 281 9.47 12.67 8.34
C GLU C 281 8.95 11.26 8.25
N GLU C 282 9.73 10.36 7.64
CA GLU C 282 9.35 8.96 7.59
C GLU C 282 9.33 8.37 9.00
N GLY C 283 10.31 8.73 9.81
CA GLY C 283 10.40 8.21 11.17
C GLY C 283 10.48 6.71 11.17
N SER C 284 9.70 6.07 12.04
CA SER C 284 9.65 4.62 12.02
C SER C 284 8.75 4.28 10.85
N ARG C 285 9.16 3.33 10.02
CA ARG C 285 8.37 3.05 8.82
C ARG C 285 6.99 2.54 9.16
N ASN C 286 6.89 1.64 10.12
CA ASN C 286 5.58 1.20 10.58
C ASN C 286 5.21 2.25 11.60
N LYS C 287 3.99 2.76 11.57
CA LYS C 287 3.66 3.84 12.48
C LYS C 287 3.83 3.30 13.89
N ASN C 288 4.53 4.05 14.73
CA ASN C 288 4.82 3.58 16.07
C ASN C 288 4.83 4.75 17.03
N ASP C 289 4.76 4.47 18.33
CA ASP C 289 4.86 5.53 19.32
C ASP C 289 6.23 6.16 19.14
N LYS C 290 7.26 5.33 18.96
CA LYS C 290 8.59 5.85 18.68
C LYS C 290 8.70 6.41 17.28
N CYS C 291 9.48 7.47 17.12
CA CYS C 291 9.73 7.99 15.77
C CYS C 291 11.23 8.23 15.62
N MET C 292 11.77 7.96 14.44
CA MET C 292 13.21 8.12 14.21
C MET C 292 13.65 9.58 14.14
N PHE C 293 14.91 9.84 14.47
CA PHE C 293 15.41 11.22 14.49
C PHE C 293 16.66 11.40 13.66
N LEU C 294 16.85 12.60 13.13
CA LEU C 294 18.07 12.91 12.37
C LEU C 294 18.59 14.26 12.83
N LEU C 295 19.91 14.40 12.90
CA LEU C 295 20.49 15.67 13.33
C LEU C 295 20.20 16.80 12.36
N TYR C 296 19.87 17.98 12.88
CA TYR C 296 19.64 19.14 12.02
C TYR C 296 20.25 20.34 12.72
N ILE C 297 20.58 21.37 11.96
CA ILE C 297 21.11 22.58 12.56
C ILE C 297 20.36 23.77 12.01
N GLU C 298 20.16 24.82 12.79
CA GLU C 298 19.55 26.03 12.24
C GLU C 298 20.61 27.08 12.35
N ALA C 299 20.93 27.75 11.26
CA ALA C 299 22.02 28.70 11.32
C ALA C 299 21.50 30.06 11.74
N ASN C 300 21.77 30.46 12.97
CA ASN C 300 21.37 31.80 13.42
C ASN C 300 22.15 32.85 12.65
N SER C 301 23.44 32.60 12.44
CA SER C 301 24.26 33.53 11.69
C SER C 301 24.98 32.80 10.58
N ILE C 302 24.99 33.39 9.39
CA ILE C 302 25.73 32.79 8.29
C ILE C 302 26.80 33.76 7.86
N SER C 303 28.05 33.31 7.81
CA SER C 303 29.11 34.16 7.30
C SER C 303 29.72 33.35 6.19
N ASN C 304 29.77 33.88 4.98
CA ASN C 304 30.28 33.04 3.90
C ASN C 304 31.78 33.20 3.80
N SER C 305 32.50 32.13 4.11
CA SER C 305 33.95 32.18 3.99
C SER C 305 34.35 32.37 2.55
N LYS C 306 33.70 31.65 1.63
CA LYS C 306 34.00 31.87 0.22
C LYS C 306 33.57 33.25 -0.24
N GLY C 307 32.39 33.69 0.18
CA GLY C 307 31.89 34.99 -0.24
C GLY C 307 32.71 36.15 0.25
N GLN C 308 33.12 36.12 1.52
CA GLN C 308 33.97 37.17 2.06
C GLN C 308 35.27 36.52 2.48
N LYS C 309 36.37 36.92 1.85
CA LYS C 309 37.65 36.29 2.16
C LYS C 309 38.53 37.23 2.98
N MET D 1 -7.61 45.12 2.62
CA MET D 1 -8.73 44.57 1.86
C MET D 1 -10.00 45.33 2.21
N ASN D 2 -9.88 46.66 2.28
CA ASN D 2 -11.03 47.48 2.64
C ASN D 2 -12.14 47.37 1.60
N SER D 3 -13.39 47.31 2.05
CA SER D 3 -14.52 47.21 1.13
C SER D 3 -14.63 48.43 0.24
N ASP D 4 -14.42 49.61 0.82
CA ASP D 4 -14.46 50.83 0.00
C ASP D 4 -13.36 50.78 -1.03
N GLN D 5 -12.16 50.34 -0.64
CA GLN D 5 -11.05 50.31 -1.55
C GLN D 5 -11.31 49.38 -2.73
N VAL D 6 -11.85 48.21 -2.44
CA VAL D 6 -12.18 47.28 -3.53
C VAL D 6 -13.30 47.81 -4.44
N THR D 7 -14.31 48.45 -3.87
CA THR D 7 -15.35 49.02 -4.71
C THR D 7 -14.80 50.11 -5.62
N LEU D 8 -13.97 51.00 -5.07
CA LEU D 8 -13.39 52.08 -5.87
C LEU D 8 -12.48 51.50 -6.93
N VAL D 9 -11.68 50.53 -6.52
CA VAL D 9 -10.75 49.92 -7.45
C VAL D 9 -11.51 49.23 -8.57
N GLY D 10 -12.62 48.57 -8.23
CA GLY D 10 -13.42 47.89 -9.24
C GLY D 10 -14.00 48.83 -10.28
N GLN D 11 -14.46 50.01 -9.86
CA GLN D 11 -14.96 50.98 -10.83
C GLN D 11 -13.86 51.42 -11.77
N VAL D 12 -12.67 51.68 -11.22
CA VAL D 12 -11.56 52.09 -12.04
C VAL D 12 -11.17 50.97 -13.00
N PHE D 13 -11.21 49.73 -12.52
CA PHE D 13 -10.84 48.60 -13.36
C PHE D 13 -11.80 48.50 -14.53
N GLU D 14 -13.09 48.69 -14.28
CA GLU D 14 -14.07 48.62 -15.34
C GLU D 14 -13.82 49.70 -16.38
N SER D 15 -13.52 50.91 -15.91
CA SER D 15 -13.24 51.99 -16.84
C SER D 15 -11.99 51.68 -17.65
N TYR D 16 -10.96 51.15 -16.99
CA TYR D 16 -9.72 50.85 -17.67
C TYR D 16 -9.87 49.78 -18.74
N VAL D 17 -10.59 48.71 -18.41
CA VAL D 17 -10.80 47.67 -19.40
C VAL D 17 -11.64 48.15 -20.56
N SER D 18 -12.65 48.98 -20.30
CA SER D 18 -13.42 49.51 -21.41
C SER D 18 -12.56 50.40 -22.31
N GLU D 19 -11.74 51.28 -21.73
CA GLU D 19 -10.96 52.17 -22.57
C GLU D 19 -9.91 51.45 -23.41
N TYR D 20 -9.23 50.46 -22.83
CA TYR D 20 -8.16 49.80 -23.55
C TYR D 20 -8.48 48.44 -24.14
N HIS D 21 -9.22 47.62 -23.42
CA HIS D 21 -9.45 46.24 -23.86
C HIS D 21 -10.82 45.89 -24.38
N LYS D 22 -11.62 46.88 -24.79
CA LYS D 22 -12.98 46.59 -25.23
C LYS D 22 -12.95 45.66 -26.42
N ASN D 23 -12.01 45.88 -27.33
CA ASN D 23 -11.87 45.02 -28.49
C ASN D 23 -11.55 43.61 -28.07
N ASP D 24 -10.67 43.46 -27.09
CA ASP D 24 -10.29 42.14 -26.61
C ASP D 24 -11.48 41.43 -25.99
N ILE D 25 -12.31 42.17 -25.26
CA ILE D 25 -13.51 41.56 -24.68
C ILE D 25 -14.42 41.08 -25.80
N LEU D 26 -14.56 41.88 -26.85
CA LEU D 26 -15.39 41.48 -27.97
C LEU D 26 -14.85 40.23 -28.63
N LEU D 27 -13.54 40.15 -28.79
CA LEU D 27 -12.94 38.97 -29.39
C LEU D 27 -13.17 37.74 -28.54
N ILE D 28 -13.04 37.88 -27.22
CA ILE D 28 -13.27 36.76 -26.32
C ILE D 28 -14.74 36.30 -26.40
N LEU D 29 -15.67 37.24 -26.51
CA LEU D 29 -17.08 36.90 -26.66
C LEU D 29 -17.36 36.21 -27.99
N LYS D 30 -16.64 36.61 -29.05
CA LYS D 30 -16.95 36.09 -30.39
C LYS D 30 -16.87 34.57 -30.60
N GLU D 31 -15.89 33.90 -29.99
CA GLU D 31 -15.75 32.47 -30.27
C GLU D 31 -17.01 31.73 -29.87
N ARG D 32 -17.39 30.73 -30.67
CA ARG D 32 -18.65 30.03 -30.41
C ARG D 32 -18.69 29.32 -29.06
N ASP D 33 -17.60 28.65 -28.70
CA ASP D 33 -17.56 27.98 -27.41
C ASP D 33 -17.58 29.05 -26.33
N GLU D 34 -18.37 28.83 -25.29
CA GLU D 34 -18.38 29.77 -24.18
C GLU D 34 -18.00 29.06 -22.90
N ASP D 35 -17.94 27.74 -22.95
CA ASP D 35 -17.67 26.96 -21.75
C ASP D 35 -16.30 27.16 -21.12
N ALA D 36 -15.27 27.30 -21.94
CA ALA D 36 -13.94 27.57 -21.40
C ALA D 36 -13.86 28.97 -20.83
N HIS D 37 -13.15 29.14 -19.73
CA HIS D 37 -12.95 30.47 -19.17
C HIS D 37 -12.14 31.24 -20.19
N TYR D 38 -12.44 32.50 -20.40
CA TYR D 38 -11.74 33.21 -21.46
C TYR D 38 -10.80 34.31 -21.03
N PRO D 39 -9.55 34.24 -21.49
CA PRO D 39 -8.54 35.20 -21.05
C PRO D 39 -8.81 36.65 -21.43
N VAL D 40 -8.66 37.56 -20.48
CA VAL D 40 -8.79 38.97 -20.78
C VAL D 40 -7.50 39.58 -20.28
N VAL D 41 -6.73 40.22 -21.14
CA VAL D 41 -5.43 40.74 -20.73
C VAL D 41 -5.47 42.20 -20.31
N VAL D 42 -4.85 42.52 -19.19
CA VAL D 42 -4.83 43.90 -18.70
C VAL D 42 -3.38 44.31 -18.47
N ASN D 43 -3.09 45.60 -18.57
CA ASN D 43 -1.73 46.07 -18.35
C ASN D 43 -1.59 46.81 -17.02
N ALA D 44 -0.75 46.29 -16.13
CA ALA D 44 -0.60 46.90 -14.81
C ALA D 44 -0.01 48.30 -14.73
N MET D 45 1.04 48.59 -15.50
CA MET D 45 1.68 49.90 -15.36
C MET D 45 0.75 51.06 -15.72
N THR D 46 -0.01 50.91 -16.79
CA THR D 46 -0.94 51.95 -17.19
C THR D 46 -2.04 52.15 -16.15
N LEU D 47 -2.50 51.05 -15.55
CA LEU D 47 -3.50 51.16 -14.50
C LEU D 47 -2.94 51.96 -13.33
N PHE D 48 -1.69 51.72 -12.98
CA PHE D 48 -1.07 52.48 -11.91
C PHE D 48 -0.99 53.95 -12.32
N GLU D 49 -0.66 54.21 -13.57
CA GLU D 49 -0.56 55.58 -14.04
C GLU D 49 -1.90 56.31 -13.97
N THR D 50 -2.97 55.63 -14.40
CA THR D 50 -4.27 56.29 -14.41
C THR D 50 -4.72 56.64 -13.00
N ASN D 51 -4.59 55.69 -12.08
CA ASN D 51 -4.91 56.00 -10.69
C ASN D 51 -3.82 55.44 -9.79
N MET D 52 -3.18 56.31 -9.05
CA MET D 52 -2.11 55.87 -8.15
C MET D 52 -2.64 54.97 -7.05
N GLU D 53 -3.79 55.34 -6.48
CA GLU D 53 -4.32 54.59 -5.36
C GLU D 53 -4.69 53.15 -5.68
N ILE D 54 -5.33 52.92 -6.82
CA ILE D 54 -5.76 51.57 -7.18
C ILE D 54 -4.57 50.64 -7.39
N GLY D 55 -3.51 51.16 -7.99
CA GLY D 55 -2.32 50.35 -8.20
C GLY D 55 -1.74 49.91 -6.88
N GLU D 56 -1.71 50.81 -5.90
CA GLU D 56 -1.23 50.43 -4.57
C GLU D 56 -2.11 49.38 -3.92
N TYR D 57 -3.43 49.50 -4.10
CA TYR D 57 -4.34 48.52 -3.53
C TYR D 57 -4.06 47.17 -4.16
N PHE D 58 -3.81 47.18 -5.46
CA PHE D 58 -3.50 45.93 -6.15
C PHE D 58 -2.23 45.34 -5.59
N ASN D 59 -1.21 46.15 -5.35
CA ASN D 59 0.00 45.63 -4.73
C ASN D 59 -0.26 45.09 -3.35
N MET D 60 -1.01 45.84 -2.55
CA MET D 60 -1.26 45.44 -1.17
C MET D 60 -2.10 44.17 -1.04
N PHE D 61 -3.18 44.08 -1.81
CA PHE D 61 -4.05 42.92 -1.74
C PHE D 61 -4.44 42.37 -3.11
N PRO D 62 -3.48 41.71 -3.80
CA PRO D 62 -3.77 41.25 -5.16
C PRO D 62 -4.87 40.23 -5.28
N SER D 63 -4.98 39.26 -4.39
CA SER D 63 -5.99 38.22 -4.56
C SER D 63 -7.42 38.76 -4.52
N GLU D 64 -7.71 39.63 -3.57
CA GLU D 64 -9.04 40.24 -3.51
C GLU D 64 -9.24 41.11 -4.72
N VAL D 65 -8.19 41.84 -5.09
CA VAL D 65 -8.26 42.70 -6.26
C VAL D 65 -8.51 41.86 -7.50
N LEU D 66 -7.93 40.68 -7.58
CA LEU D 66 -8.15 39.79 -8.71
C LEU D 66 -9.61 39.37 -8.84
N THR D 67 -10.28 39.10 -7.72
CA THR D 67 -11.71 38.80 -7.81
C THR D 67 -12.45 40.02 -8.35
N ILE D 68 -12.07 41.21 -7.90
CA ILE D 68 -12.66 42.44 -8.42
C ILE D 68 -12.34 42.59 -9.90
N PHE D 69 -11.11 42.24 -10.30
CA PHE D 69 -10.72 42.34 -11.68
C PHE D 69 -11.63 41.46 -12.48
N ASP D 70 -11.85 40.25 -11.99
CA ASP D 70 -12.69 39.31 -12.70
C ASP D 70 -14.12 39.79 -12.80
N SER D 71 -14.65 40.33 -11.70
CA SER D 71 -16.00 40.87 -11.72
C SER D 71 -16.10 42.03 -12.69
N ALA D 72 -15.06 42.86 -12.74
CA ALA D 72 -15.06 43.99 -13.65
C ALA D 72 -15.07 43.53 -15.11
N LEU D 73 -14.29 42.51 -15.47
CA LEU D 73 -14.38 42.03 -16.84
C LEU D 73 -15.76 41.47 -17.13
N ARG D 74 -16.32 40.73 -16.19
CA ARG D 74 -17.64 40.15 -16.38
C ARG D 74 -18.71 41.23 -16.54
N ARG D 75 -18.65 42.27 -15.71
CA ARG D 75 -19.60 43.37 -15.83
C ARG D 75 -19.41 44.12 -17.14
N SER D 76 -18.15 44.34 -17.52
CA SER D 76 -17.87 45.00 -18.79
C SER D 76 -18.38 44.16 -19.94
N ALA D 77 -18.22 42.84 -19.84
CA ALA D 77 -18.72 41.96 -20.87
C ALA D 77 -20.22 42.07 -20.99
N LEU D 78 -20.91 42.20 -19.86
CA LEU D 78 -22.36 42.39 -19.89
C LEU D 78 -22.74 43.69 -20.59
N THR D 79 -22.02 44.77 -20.33
CA THR D 79 -22.30 46.01 -21.05
C THR D 79 -22.01 45.82 -22.54
N ILE D 80 -20.93 45.12 -22.85
CA ILE D 80 -20.60 44.84 -24.25
C ILE D 80 -21.71 44.00 -24.87
N LEU D 81 -22.24 43.04 -24.13
CA LEU D 81 -23.30 42.19 -24.64
C LEU D 81 -24.53 43.00 -24.96
N GLN D 82 -24.85 43.97 -24.10
CA GLN D 82 -25.97 44.85 -24.39
C GLN D 82 -25.66 45.65 -25.66
N SER D 83 -24.42 46.13 -25.79
CA SER D 83 -24.04 46.91 -26.97
C SER D 83 -24.04 46.17 -28.31
N LEU D 84 -23.57 44.93 -28.35
CA LEU D 84 -23.46 44.25 -29.64
C LEU D 84 -24.77 44.02 -30.35
N SER D 85 -24.79 44.29 -31.64
CA SER D 85 -26.00 44.10 -32.43
C SER D 85 -26.46 42.65 -32.53
N GLN D 86 -25.52 41.73 -32.73
CA GLN D 86 -25.92 40.34 -32.92
C GLN D 86 -25.44 39.40 -31.82
N PRO D 87 -26.40 38.79 -31.11
CA PRO D 87 -26.04 37.80 -30.09
C PRO D 87 -25.37 36.56 -30.67
N GLU D 88 -25.85 36.10 -31.82
CA GLU D 88 -25.27 34.92 -32.43
C GLU D 88 -23.83 35.13 -32.86
N ALA D 89 -23.54 36.27 -33.48
CA ALA D 89 -22.19 36.53 -33.95
C ALA D 89 -21.18 36.65 -32.81
N VAL D 90 -21.56 37.38 -31.76
CA VAL D 90 -20.68 37.49 -30.60
C VAL D 90 -21.38 36.77 -29.48
N SER D 91 -20.99 35.53 -29.22
CA SER D 91 -21.68 34.72 -28.22
C SER D 91 -21.55 35.15 -26.77
N MET D 92 -22.60 34.96 -25.99
CA MET D 92 -22.50 35.25 -24.57
C MET D 92 -21.50 34.27 -23.99
N LYS D 93 -20.67 34.72 -23.05
CA LYS D 93 -19.66 33.84 -22.49
C LYS D 93 -20.04 33.41 -21.09
N GLN D 94 -20.02 32.10 -20.85
CA GLN D 94 -20.38 31.59 -19.54
C GLN D 94 -19.43 32.05 -18.46
N ASN D 95 -18.13 32.03 -18.76
CA ASN D 95 -17.14 32.38 -17.75
C ASN D 95 -15.96 33.14 -18.35
N LEU D 96 -15.27 33.92 -17.52
CA LEU D 96 -14.13 34.71 -17.98
C LEU D 96 -12.94 34.55 -17.06
N HIS D 97 -11.75 34.82 -17.59
CA HIS D 97 -10.54 34.69 -16.80
C HIS D 97 -9.72 35.96 -16.94
N ALA D 98 -8.91 36.29 -15.94
CA ALA D 98 -8.17 37.56 -15.98
C ALA D 98 -6.66 37.41 -16.05
N ARG D 99 -6.03 38.13 -16.97
CA ARG D 99 -4.57 38.10 -17.09
C ARG D 99 -4.00 39.48 -16.83
N ILE D 100 -2.96 39.56 -16.02
CA ILE D 100 -2.33 40.86 -15.76
C ILE D 100 -0.91 40.83 -16.31
N SER D 101 -0.54 41.82 -17.10
CA SER D 101 0.77 41.83 -17.74
C SER D 101 1.41 43.18 -17.56
N GLY D 102 2.70 43.29 -17.88
CA GLY D 102 3.39 44.57 -17.79
C GLY D 102 3.42 45.24 -16.45
N LEU D 103 3.76 44.50 -15.40
CA LEU D 103 3.88 45.08 -14.07
C LEU D 103 4.98 46.14 -14.09
N PRO D 104 4.74 47.26 -13.40
CA PRO D 104 5.75 48.33 -13.36
C PRO D 104 7.01 47.83 -12.71
N VAL D 105 8.17 48.22 -13.21
CA VAL D 105 9.39 47.66 -12.67
C VAL D 105 9.62 48.04 -11.23
N CYS D 106 9.87 47.04 -10.39
CA CYS D 106 10.17 47.27 -8.99
C CYS D 106 10.95 46.03 -8.63
N PRO D 107 11.79 46.09 -7.59
CA PRO D 107 12.46 44.83 -7.27
C PRO D 107 11.45 43.77 -6.86
N GLU D 108 10.48 44.14 -6.02
CA GLU D 108 9.44 43.21 -5.62
C GLU D 108 8.54 42.79 -6.77
N LEU D 109 8.15 43.75 -7.61
CA LEU D 109 7.22 43.44 -8.69
C LEU D 109 7.76 42.47 -9.72
N VAL D 110 9.02 42.60 -10.11
CA VAL D 110 9.57 41.60 -11.02
C VAL D 110 10.83 40.96 -10.47
N ARG D 111 10.78 39.64 -10.26
CA ARG D 111 11.95 38.92 -9.76
C ARG D 111 12.28 37.75 -10.65
N GLU D 112 13.52 37.66 -11.10
CA GLU D 112 13.93 36.49 -11.89
C GLU D 112 13.87 35.26 -11.01
N HIS D 113 14.28 35.42 -9.75
CA HIS D 113 14.28 34.30 -8.81
C HIS D 113 12.89 33.92 -8.33
N ILE D 114 12.75 32.70 -7.83
CA ILE D 114 11.45 32.22 -7.38
C ILE D 114 10.92 33.08 -6.23
N PRO D 115 9.59 33.22 -6.17
CA PRO D 115 9.00 34.07 -5.14
C PRO D 115 9.28 33.57 -3.74
N LYS D 116 9.69 34.47 -2.85
CA LYS D 116 9.93 34.09 -1.45
C LYS D 116 8.63 34.10 -0.66
N THR D 117 8.63 33.41 0.48
CA THR D 117 7.45 33.40 1.34
C THR D 117 7.13 34.78 1.91
N LYS D 118 8.13 35.62 2.04
CA LYS D 118 7.91 36.96 2.55
C LYS D 118 6.94 37.69 1.63
N ASP D 119 7.07 37.47 0.33
CA ASP D 119 6.18 38.13 -0.63
C ASP D 119 5.06 37.22 -1.13
N VAL D 120 4.84 36.10 -0.45
CA VAL D 120 3.72 35.24 -0.85
C VAL D 120 2.42 36.00 -0.65
N GLY D 121 1.48 35.80 -1.56
CA GLY D 121 0.23 36.54 -1.49
C GLY D 121 0.35 37.85 -2.23
N HIS D 122 1.46 38.05 -2.93
CA HIS D 122 1.63 39.28 -3.72
C HIS D 122 1.93 38.98 -5.18
N PHE D 123 1.30 39.73 -6.06
CA PHE D 123 1.51 39.54 -7.49
C PHE D 123 2.92 39.89 -7.86
N LEU D 124 3.58 39.01 -8.62
CA LEU D 124 4.92 39.29 -9.09
C LEU D 124 5.19 38.62 -10.43
N SER D 125 6.20 39.10 -11.14
CA SER D 125 6.51 38.54 -12.43
C SER D 125 7.72 37.63 -12.30
N VAL D 126 7.60 36.41 -12.80
CA VAL D 126 8.69 35.46 -12.72
C VAL D 126 9.05 34.95 -14.10
N THR D 127 10.31 34.61 -14.29
CA THR D 127 10.73 34.06 -15.58
C THR D 127 11.13 32.62 -15.34
N GLY D 128 10.58 31.70 -16.10
CA GLY D 128 10.86 30.28 -15.88
C GLY D 128 10.95 29.45 -17.14
N THR D 129 11.61 28.30 -17.08
CA THR D 129 11.66 27.40 -18.23
C THR D 129 10.95 26.11 -17.85
N VAL D 130 10.00 25.67 -18.68
CA VAL D 130 9.21 24.50 -18.31
C VAL D 130 9.97 23.19 -18.44
N ILE D 131 9.99 22.40 -17.36
CA ILE D 131 10.60 21.10 -17.44
C ILE D 131 9.54 20.02 -17.61
N ARG D 132 8.46 20.14 -16.85
CA ARG D 132 7.43 19.11 -16.90
C ARG D 132 6.03 19.64 -17.20
N THR D 133 5.32 18.98 -18.11
CA THR D 133 3.94 19.37 -18.36
C THR D 133 3.07 18.15 -18.08
N SER D 134 2.19 18.28 -17.10
CA SER D 134 1.28 17.18 -16.78
C SER D 134 0.21 17.02 -17.83
N LEU D 135 -0.27 15.80 -18.03
CA LEU D 135 -1.34 15.59 -18.98
C LEU D 135 -2.62 16.25 -18.48
N VAL D 136 -3.44 16.73 -19.39
CA VAL D 136 -4.65 17.44 -18.98
C VAL D 136 -5.58 16.52 -18.21
N LYS D 137 -6.12 17.03 -17.12
CA LYS D 137 -6.99 16.22 -16.28
C LYS D 137 -8.26 17.01 -16.00
N VAL D 138 -9.34 16.31 -15.71
CA VAL D 138 -10.58 16.99 -15.43
C VAL D 138 -10.75 17.12 -13.95
N LEU D 139 -10.86 18.35 -13.47
CA LEU D 139 -11.06 18.59 -12.06
C LEU D 139 -12.25 19.50 -11.94
N GLU D 140 -13.11 19.28 -10.96
CA GLU D 140 -14.21 20.21 -10.77
C GLU D 140 -13.72 21.26 -9.79
N PHE D 141 -13.53 22.47 -10.28
CA PHE D 141 -13.06 23.56 -9.42
C PHE D 141 -14.11 23.84 -8.36
N GLU D 142 -15.37 23.76 -8.75
CA GLU D 142 -16.44 23.99 -7.81
C GLU D 142 -17.13 22.65 -7.63
N ARG D 143 -17.33 22.25 -6.38
CA ARG D 143 -18.00 20.99 -6.12
C ARG D 143 -19.27 21.26 -5.33
N ASP D 144 -20.41 20.80 -5.84
CA ASP D 144 -21.65 21.00 -5.13
C ASP D 144 -21.74 20.16 -3.87
N TYR D 145 -22.19 20.76 -2.77
CA TYR D 145 -22.36 20.02 -1.54
C TYR D 145 -23.78 20.28 -1.08
N MET D 146 -24.53 19.24 -0.73
CA MET D 146 -25.91 19.46 -0.36
C MET D 146 -26.21 18.98 1.06
N CYS D 147 -26.84 19.84 1.85
CA CYS D 147 -27.14 19.48 3.22
C CYS D 147 -28.34 18.58 3.16
N ASN D 148 -28.17 17.32 3.54
CA ASN D 148 -29.30 16.41 3.56
C ASN D 148 -30.31 16.89 4.58
N LYS D 149 -29.82 17.31 5.75
CA LYS D 149 -30.71 17.75 6.82
C LYS D 149 -31.53 19.01 6.50
N CYS D 150 -30.90 20.01 5.92
CA CYS D 150 -31.60 21.26 5.63
C CYS D 150 -32.19 21.33 4.23
N LYS D 151 -31.87 20.37 3.37
CA LYS D 151 -32.37 20.34 2.00
C LYS D 151 -32.08 21.63 1.22
N HIS D 152 -30.89 22.18 1.39
CA HIS D 152 -30.52 23.40 0.69
C HIS D 152 -29.37 23.14 -0.25
N VAL D 153 -29.48 23.61 -1.49
CA VAL D 153 -28.43 23.39 -2.45
C VAL D 153 -27.44 24.54 -2.45
N PHE D 154 -26.17 24.23 -2.22
CA PHE D 154 -25.13 25.25 -2.24
C PHE D 154 -23.91 24.70 -2.95
N VAL D 155 -23.04 25.57 -3.44
CA VAL D 155 -21.83 25.09 -4.08
C VAL D 155 -20.60 25.46 -3.28
N ILE D 156 -19.79 24.46 -2.94
CA ILE D 156 -18.55 24.73 -2.22
C ILE D 156 -17.40 24.30 -3.11
N LYS D 157 -16.49 25.22 -3.39
CA LYS D 157 -15.38 24.90 -4.29
C LYS D 157 -14.34 23.97 -3.69
N ALA D 158 -13.67 23.20 -4.54
CA ALA D 158 -12.57 22.37 -4.03
C ALA D 158 -11.60 23.41 -3.56
N ASP D 159 -11.09 23.27 -2.34
CA ASP D 159 -10.25 24.34 -1.83
C ASP D 159 -8.93 24.40 -2.55
N PHE D 160 -8.58 25.58 -3.07
CA PHE D 160 -7.28 25.74 -3.66
C PHE D 160 -6.32 25.77 -2.50
N GLU D 161 -5.09 25.28 -2.68
CA GLU D 161 -4.07 25.26 -1.64
C GLU D 161 -4.31 24.13 -0.66
N GLN D 162 -5.30 23.30 -0.95
CA GLN D 162 -5.56 22.13 -0.15
C GLN D 162 -5.25 21.07 -1.15
N TYR D 163 -4.41 21.42 -2.14
CA TYR D 163 -4.13 20.52 -3.25
C TYR D 163 -5.44 20.24 -3.95
N TYR D 164 -6.25 21.28 -4.14
CA TYR D 164 -7.54 21.15 -4.83
C TYR D 164 -8.48 20.09 -4.27
N THR D 165 -8.60 20.04 -2.95
CA THR D 165 -9.44 19.02 -2.34
C THR D 165 -10.65 19.66 -1.67
N PHE D 166 -11.84 19.20 -2.02
CA PHE D 166 -13.06 19.72 -1.41
C PHE D 166 -13.25 19.23 0.01
N CYS D 167 -13.80 20.08 0.86
CA CYS D 167 -14.02 19.70 2.25
C CYS D 167 -15.50 19.74 2.58
N ARG D 168 -16.01 18.68 3.18
CA ARG D 168 -17.42 18.64 3.56
C ARG D 168 -17.72 19.63 4.65
N PRO D 169 -18.79 20.42 4.48
CA PRO D 169 -19.17 21.29 5.59
C PRO D 169 -20.48 20.80 6.20
N SER D 170 -20.44 20.28 7.41
CA SER D 170 -21.66 19.70 7.98
C SER D 170 -22.74 20.75 8.13
N SER D 171 -22.37 21.94 8.60
CA SER D 171 -23.34 23.01 8.68
C SER D 171 -23.39 23.74 7.36
N CYS D 172 -24.59 23.98 6.85
CA CYS D 172 -24.75 24.70 5.59
C CYS D 172 -24.39 26.18 5.72
N PRO D 173 -23.81 26.77 4.67
CA PRO D 173 -23.46 28.20 4.67
C PRO D 173 -24.68 29.10 4.82
N SER D 174 -25.80 28.71 4.24
CA SER D 174 -27.01 29.54 4.28
C SER D 174 -27.59 29.71 5.67
N LEU D 175 -28.36 30.78 5.85
CA LEU D 175 -28.94 31.07 7.16
C LEU D 175 -29.82 29.93 7.61
N GLU D 176 -30.55 29.32 6.67
CA GLU D 176 -31.33 28.14 7.02
C GLU D 176 -30.37 26.97 6.95
N SER D 177 -29.58 26.78 8.00
CA SER D 177 -28.57 25.73 7.99
C SER D 177 -28.77 24.72 9.10
N CYS D 178 -28.80 23.44 8.75
CA CYS D 178 -28.91 22.40 9.76
C CYS D 178 -27.72 21.48 9.59
N ASP D 179 -27.04 21.17 10.69
CA ASP D 179 -25.87 20.34 10.58
C ASP D 179 -26.31 18.99 10.08
N SER D 180 -25.61 18.47 9.08
CA SER D 180 -26.00 17.21 8.50
C SER D 180 -24.94 16.17 8.76
N SER D 181 -25.31 15.10 9.47
CA SER D 181 -24.36 14.04 9.75
C SER D 181 -23.95 13.35 8.47
N LYS D 182 -24.91 13.11 7.59
CA LYS D 182 -24.61 12.46 6.33
C LYS D 182 -24.97 13.44 5.22
N PHE D 183 -24.09 13.59 4.25
CA PHE D 183 -24.34 14.55 3.20
C PHE D 183 -24.75 13.83 1.94
N THR D 184 -25.93 14.16 1.41
CA THR D 184 -26.31 13.57 0.14
C THR D 184 -26.21 14.68 -0.88
N CYS D 185 -25.29 14.55 -1.82
CA CYS D 185 -25.11 15.59 -2.83
C CYS D 185 -25.25 15.01 -4.22
N LEU D 186 -26.10 15.62 -5.04
CA LEU D 186 -26.22 15.18 -6.42
C LEU D 186 -24.93 15.41 -7.17
N SER D 187 -24.27 16.53 -6.90
CA SER D 187 -23.00 16.82 -7.53
C SER D 187 -21.97 15.79 -7.12
N GLY D 188 -21.96 15.40 -5.85
CA GLY D 188 -21.06 14.35 -5.43
C GLY D 188 -21.37 13.05 -6.12
N LEU D 189 -22.65 12.73 -6.26
CA LEU D 189 -23.06 11.50 -6.91
C LEU D 189 -22.67 11.43 -8.38
N SER D 190 -22.86 12.53 -9.11
CA SER D 190 -22.58 12.52 -10.53
C SER D 190 -21.62 13.62 -10.98
N SER D 191 -20.56 13.24 -11.68
CA SER D 191 -19.63 14.23 -12.19
C SER D 191 -20.27 15.11 -13.24
N SER D 192 -19.98 16.40 -13.22
CA SER D 192 -20.57 17.32 -14.18
C SER D 192 -19.49 18.10 -14.93
N PRO D 193 -19.68 18.29 -16.24
CA PRO D 193 -18.70 19.04 -17.04
C PRO D 193 -18.55 20.48 -16.57
N THR D 194 -19.64 21.14 -16.20
CA THR D 194 -19.57 22.50 -15.69
C THR D 194 -18.79 22.58 -14.37
N ARG D 195 -19.02 21.62 -13.49
CA ARG D 195 -18.29 21.59 -12.22
C ARG D 195 -16.82 21.37 -12.46
N CYS D 196 -16.48 20.50 -13.41
CA CYS D 196 -15.09 20.24 -13.74
C CYS D 196 -14.43 21.37 -14.51
N ARG D 197 -13.14 21.58 -14.29
CA ARG D 197 -12.41 22.57 -15.08
C ARG D 197 -11.09 21.94 -15.47
N ASP D 198 -10.51 22.41 -16.57
CA ASP D 198 -9.26 21.81 -17.03
C ASP D 198 -8.13 22.09 -16.04
N TYR D 199 -7.36 21.06 -15.72
CA TYR D 199 -6.23 21.23 -14.81
C TYR D 199 -4.95 20.66 -15.40
N GLN D 200 -3.87 21.44 -15.36
CA GLN D 200 -2.59 20.95 -15.84
C GLN D 200 -1.56 21.41 -14.83
N GLU D 201 -0.44 20.71 -14.73
CA GLU D 201 0.62 21.17 -13.84
C GLU D 201 1.86 21.51 -14.66
N ILE D 202 2.43 22.68 -14.40
CA ILE D 202 3.61 23.08 -15.12
C ILE D 202 4.73 23.24 -14.12
N LYS D 203 5.88 22.64 -14.37
CA LYS D 203 7.00 22.85 -13.48
C LYS D 203 7.90 23.83 -14.19
N ILE D 204 8.14 24.98 -13.58
CA ILE D 204 8.97 25.99 -14.22
C ILE D 204 10.21 26.28 -13.41
N GLN D 205 11.37 26.20 -14.05
CA GLN D 205 12.62 26.42 -13.35
C GLN D 205 13.34 27.60 -13.98
N GLU D 206 14.25 28.21 -13.24
CA GLU D 206 14.95 29.38 -13.74
C GLU D 206 15.76 29.09 -15.00
N GLN D 207 15.74 30.01 -15.95
CA GLN D 207 16.49 29.83 -17.18
C GLN D 207 17.98 29.94 -16.88
N VAL D 208 18.82 29.34 -17.70
CA VAL D 208 20.25 29.32 -17.41
C VAL D 208 20.81 30.73 -17.31
N GLN D 209 20.36 31.61 -18.20
CA GLN D 209 20.78 32.99 -18.11
C GLN D 209 20.25 33.53 -16.79
N ARG D 210 19.01 33.17 -16.46
CA ARG D 210 18.39 33.68 -15.23
C ARG D 210 19.03 33.26 -13.91
N LEU D 211 19.41 31.99 -13.79
CA LEU D 211 19.96 31.51 -12.52
C LEU D 211 21.33 32.11 -12.24
N SER D 212 21.63 32.33 -10.96
CA SER D 212 22.95 32.82 -10.60
C SER D 212 23.97 31.76 -10.92
N VAL D 213 25.14 32.17 -11.35
CA VAL D 213 26.16 31.20 -11.71
C VAL D 213 26.54 30.39 -10.47
N GLY D 214 26.60 29.06 -10.62
CA GLY D 214 26.94 28.22 -9.48
C GLY D 214 25.77 27.94 -8.56
N SER D 215 24.57 28.33 -8.95
CA SER D 215 23.38 28.10 -8.14
C SER D 215 22.37 27.24 -8.88
N ILE D 216 21.84 26.23 -8.20
CA ILE D 216 20.84 25.36 -8.81
C ILE D 216 19.56 26.12 -9.12
N PRO D 217 18.95 25.86 -10.29
CA PRO D 217 17.66 26.49 -10.58
C PRO D 217 16.57 25.97 -9.66
N ARG D 218 15.64 26.84 -9.30
CA ARG D 218 14.56 26.43 -8.42
C ARG D 218 13.27 26.31 -9.20
N SER D 219 12.55 25.20 -9.00
CA SER D 219 11.33 24.97 -9.75
C SER D 219 10.09 25.11 -8.89
N MET D 220 9.13 25.88 -9.36
CA MET D 220 7.89 26.06 -8.61
C MET D 220 6.72 25.55 -9.43
N LYS D 221 5.78 24.90 -8.78
CA LYS D 221 4.60 24.41 -9.47
C LYS D 221 3.79 25.57 -10.00
N VAL D 222 3.26 25.42 -11.21
CA VAL D 222 2.39 26.45 -11.75
C VAL D 222 1.07 25.76 -11.97
N ILE D 223 0.00 26.36 -11.45
CA ILE D 223 -1.32 25.78 -11.63
C ILE D 223 -1.98 26.52 -12.77
N LEU D 224 -2.38 25.78 -13.80
CA LEU D 224 -3.00 26.39 -14.96
C LEU D 224 -4.45 26.02 -14.94
N GLU D 225 -5.33 26.98 -15.18
CA GLU D 225 -6.75 26.71 -15.12
C GLU D 225 -7.45 26.93 -16.44
N ASP D 226 -8.25 25.96 -16.89
CA ASP D 226 -9.03 26.15 -18.11
C ASP D 226 -8.20 26.47 -19.34
N ASP D 227 -8.36 27.67 -19.88
CA ASP D 227 -7.67 28.05 -21.10
C ASP D 227 -6.15 27.98 -20.95
N LEU D 228 -5.64 28.25 -19.76
CA LEU D 228 -4.19 28.24 -19.55
C LEU D 228 -3.60 26.86 -19.82
N VAL D 229 -4.32 25.80 -19.47
CA VAL D 229 -3.81 24.46 -19.76
C VAL D 229 -3.66 24.19 -21.25
N ASP D 230 -2.57 23.53 -21.64
CA ASP D 230 -2.29 23.16 -23.05
C ASP D 230 -1.68 24.29 -23.86
N SER D 231 -1.70 25.52 -23.34
CA SER D 231 -1.03 26.62 -24.01
C SER D 231 0.46 26.39 -23.92
N CYS D 232 0.92 25.95 -22.76
CA CYS D 232 2.34 25.73 -22.53
C CYS D 232 2.91 24.50 -23.21
N LYS D 233 4.20 24.53 -23.53
CA LYS D 233 4.85 23.37 -24.12
C LYS D 233 6.05 23.06 -23.23
N SER D 234 6.32 21.78 -23.00
CA SER D 234 7.50 21.42 -22.22
C SER D 234 8.74 21.84 -22.98
N GLY D 235 9.73 22.36 -22.27
CA GLY D 235 10.94 22.82 -22.93
C GLY D 235 10.81 24.20 -23.53
N ASP D 236 9.68 24.86 -23.29
CA ASP D 236 9.50 26.22 -23.77
C ASP D 236 9.52 27.18 -22.60
N ASP D 237 10.37 28.20 -22.67
CA ASP D 237 10.44 29.17 -21.60
C ASP D 237 9.18 29.99 -21.53
N LEU D 238 8.75 30.32 -20.32
CA LEU D 238 7.53 31.10 -20.14
C LEU D 238 7.72 32.27 -19.21
N THR D 239 7.02 33.37 -19.46
CA THR D 239 7.07 34.49 -18.53
C THR D 239 5.75 34.38 -17.81
N ILE D 240 5.79 34.19 -16.51
CA ILE D 240 4.55 34.00 -15.79
C ILE D 240 4.31 35.14 -14.83
N TYR D 241 3.15 35.76 -14.93
CA TYR D 241 2.82 36.83 -14.02
C TYR D 241 1.72 36.26 -13.17
N GLY D 242 1.92 36.16 -11.87
CA GLY D 242 0.84 35.70 -11.03
C GLY D 242 0.92 35.97 -9.55
N ILE D 243 -0.19 35.85 -8.86
CA ILE D 243 -0.14 35.95 -7.41
C ILE D 243 0.46 34.64 -6.98
N VAL D 244 1.28 34.65 -5.95
CA VAL D 244 1.83 33.39 -5.46
C VAL D 244 1.05 32.94 -4.24
N MET D 245 0.47 31.74 -4.31
CA MET D 245 -0.24 31.21 -3.17
C MET D 245 0.38 29.88 -2.76
N GLN D 246 0.85 29.79 -1.53
CA GLN D 246 1.52 28.58 -1.10
C GLN D 246 0.52 27.44 -1.07
N ARG D 247 0.89 26.29 -1.61
CA ARG D 247 -0.04 25.17 -1.70
C ARG D 247 0.37 24.08 -0.76
N TRP D 248 -0.55 23.60 0.07
CA TRP D 248 -0.17 22.61 1.08
C TRP D 248 -1.00 21.34 1.10
N LYS D 249 -0.36 20.23 1.45
CA LYS D 249 -1.10 18.99 1.60
C LYS D 249 -1.87 19.19 2.89
N PRO D 250 -3.08 18.61 2.99
CA PRO D 250 -3.73 18.75 4.28
C PRO D 250 -2.84 18.21 5.38
N PHE D 251 -2.64 19.00 6.43
CA PHE D 251 -1.75 18.61 7.51
C PHE D 251 -2.35 17.69 8.55
N GLN D 252 -1.50 17.02 9.31
CA GLN D 252 -1.97 16.16 10.38
C GLN D 252 -1.20 16.59 11.60
N GLN D 253 -1.73 16.32 12.79
CA GLN D 253 -1.04 16.79 13.99
C GLN D 253 0.32 16.15 14.11
N ASP D 254 1.34 16.94 14.48
CA ASP D 254 2.71 16.44 14.64
C ASP D 254 3.30 15.95 13.32
N VAL D 255 2.75 16.42 12.20
CA VAL D 255 3.27 16.05 10.89
C VAL D 255 3.58 17.35 10.15
N ARG D 256 4.80 17.47 9.62
CA ARG D 256 5.18 18.70 8.94
C ARG D 256 4.30 18.88 7.71
N CYS D 257 3.79 20.09 7.53
CA CYS D 257 2.98 20.37 6.36
C CYS D 257 3.94 20.55 5.21
N GLU D 258 3.73 19.83 4.13
CA GLU D 258 4.58 20.05 2.97
C GLU D 258 3.91 21.13 2.18
N VAL D 259 4.48 22.32 2.23
CA VAL D 259 3.87 23.44 1.56
C VAL D 259 4.88 24.03 0.59
N GLU D 260 4.49 24.23 -0.65
CA GLU D 260 5.41 24.77 -1.64
C GLU D 260 4.84 26.06 -2.17
N ILE D 261 5.69 27.08 -2.36
CA ILE D 261 5.18 28.29 -2.96
C ILE D 261 4.76 27.89 -4.35
N VAL D 262 3.53 28.21 -4.70
CA VAL D 262 3.02 27.87 -6.01
C VAL D 262 2.53 29.17 -6.60
N LEU D 263 2.90 29.44 -7.84
CA LEU D 263 2.41 30.64 -8.48
C LEU D 263 1.21 30.28 -9.32
N LYS D 264 0.06 30.85 -9.00
CA LYS D 264 -1.09 30.63 -9.85
C LYS D 264 -0.76 31.35 -11.13
N ALA D 265 -1.01 30.72 -12.26
CA ALA D 265 -0.63 31.33 -13.53
C ALA D 265 -1.71 32.29 -13.99
N ASN D 266 -1.77 33.47 -13.40
CA ASN D 266 -2.75 34.46 -13.81
C ASN D 266 -2.49 34.88 -15.25
N TYR D 267 -1.24 35.08 -15.61
CA TYR D 267 -0.91 35.41 -16.99
C TYR D 267 0.20 34.53 -17.51
N ILE D 268 0.05 34.04 -18.73
CA ILE D 268 1.09 33.23 -19.34
C ILE D 268 1.59 33.91 -20.60
N GLN D 269 2.90 34.04 -20.72
CA GLN D 269 3.49 34.60 -21.93
C GLN D 269 4.54 33.58 -22.29
N VAL D 270 4.87 33.42 -23.57
CA VAL D 270 5.95 32.52 -23.90
C VAL D 270 7.25 33.28 -23.99
N ASN D 271 8.12 33.09 -23.00
CA ASN D 271 9.42 33.75 -23.01
C ASN D 271 10.25 33.30 -24.19
N ASN D 272 10.19 32.01 -24.51
CA ASN D 272 10.98 31.51 -25.61
C ASN D 272 10.59 32.15 -26.93
N GLU D 273 9.29 32.24 -27.19
CA GLU D 273 8.85 32.91 -28.41
C GLU D 273 9.12 34.40 -28.42
N GLN D 274 8.82 35.06 -27.31
CA GLN D 274 9.07 36.50 -27.20
C GLN D 274 9.68 36.82 -25.84
N SER D 275 10.79 37.55 -25.83
CA SER D 275 11.45 37.84 -24.57
C SER D 275 10.55 38.65 -23.66
N SER D 276 9.83 39.62 -24.23
CA SER D 276 8.91 40.42 -23.44
C SER D 276 7.68 39.62 -23.06
N MET E 1 14.41 -11.74 38.40
CA MET E 1 15.72 -11.78 39.04
C MET E 1 15.79 -10.82 40.21
N ASN E 2 16.31 -11.27 41.34
CA ASN E 2 16.48 -10.39 42.50
C ASN E 2 17.45 -9.29 42.14
N SER E 3 18.51 -9.61 41.42
CA SER E 3 19.49 -8.62 40.95
C SER E 3 20.38 -8.09 42.07
N ASP E 4 20.27 -8.67 43.25
CA ASP E 4 21.15 -8.29 44.35
C ASP E 4 22.54 -8.66 43.89
N GLN E 5 22.67 -9.84 43.31
CA GLN E 5 23.97 -10.30 42.83
C GLN E 5 24.50 -9.45 41.70
N VAL E 6 23.64 -9.02 40.78
CA VAL E 6 24.07 -8.15 39.69
C VAL E 6 24.57 -6.81 40.25
N THR E 7 23.89 -6.28 41.26
CA THR E 7 24.32 -5.04 41.88
C THR E 7 25.68 -5.25 42.53
N LEU E 8 25.88 -6.42 43.11
CA LEU E 8 27.18 -6.74 43.68
C LEU E 8 28.16 -6.73 42.54
N VAL E 9 27.71 -7.19 41.37
CA VAL E 9 28.57 -7.23 40.20
C VAL E 9 29.04 -5.82 39.88
N GLY E 10 28.14 -4.85 40.00
CA GLY E 10 28.50 -3.47 39.75
C GLY E 10 29.54 -2.97 40.73
N GLN E 11 29.42 -3.34 42.00
CA GLN E 11 30.43 -2.95 42.98
C GLN E 11 31.79 -3.57 42.66
N VAL E 12 31.81 -4.84 42.26
CA VAL E 12 33.06 -5.47 41.87
C VAL E 12 33.60 -4.75 40.66
N PHE E 13 32.71 -4.39 39.73
CA PHE E 13 33.13 -3.70 38.53
C PHE E 13 33.78 -2.38 38.89
N GLU E 14 33.26 -1.68 39.89
CA GLU E 14 33.81 -0.37 40.22
C GLU E 14 35.26 -0.49 40.64
N SER E 15 35.58 -1.49 41.47
CA SER E 15 36.97 -1.71 41.85
C SER E 15 37.77 -2.11 40.61
N TYR E 16 37.19 -2.96 39.78
CA TYR E 16 37.86 -3.42 38.57
C TYR E 16 38.14 -2.28 37.60
N VAL E 17 37.20 -1.35 37.49
CA VAL E 17 37.34 -0.24 36.55
C VAL E 17 38.15 0.91 37.11
N SER E 18 38.54 0.85 38.38
CA SER E 18 39.22 1.99 38.97
C SER E 18 40.51 2.29 38.20
N GLU E 19 41.25 1.25 37.85
CA GLU E 19 42.48 1.45 37.07
C GLU E 19 42.18 2.05 35.70
N TYR E 20 41.14 1.54 35.02
CA TYR E 20 40.76 2.08 33.72
C TYR E 20 40.31 3.52 33.86
N HIS E 21 39.58 3.82 34.92
CA HIS E 21 39.01 5.15 35.10
C HIS E 21 40.02 6.27 35.22
N LYS E 22 41.13 6.03 35.89
CA LYS E 22 42.06 7.13 36.10
C LYS E 22 42.54 7.68 34.77
N ASN E 23 42.90 6.81 33.84
CA ASN E 23 43.26 7.30 32.51
C ASN E 23 42.03 7.90 31.86
N ASP E 24 40.89 7.20 31.95
CA ASP E 24 39.65 7.72 31.41
C ASP E 24 39.18 8.93 32.21
N ILE E 25 39.37 8.86 33.53
CA ILE E 25 38.91 9.94 34.40
C ILE E 25 39.63 11.24 34.11
N LEU E 26 40.92 11.16 33.85
CA LEU E 26 41.69 12.38 33.63
C LEU E 26 41.21 13.15 32.42
N LEU E 27 41.14 14.47 32.54
CA LEU E 27 40.71 15.31 31.41
C LEU E 27 39.21 15.46 31.26
N ILE E 28 38.43 14.82 32.13
CA ILE E 28 36.99 15.00 32.08
C ILE E 28 36.67 16.45 32.38
N LEU E 29 37.31 17.00 33.41
CA LEU E 29 37.13 18.43 33.70
C LEU E 29 37.72 19.15 32.52
N LYS E 30 38.82 18.63 32.00
CA LYS E 30 39.48 19.25 30.85
C LYS E 30 38.56 19.25 29.64
N GLU E 31 37.79 18.17 29.46
CA GLU E 31 36.93 18.07 28.30
C GLU E 31 35.94 19.22 28.31
N ARG E 32 35.83 19.92 27.18
CA ARG E 32 34.93 21.05 27.10
C ARG E 32 33.48 20.67 27.29
N ASP E 33 33.06 19.57 26.66
CA ASP E 33 31.65 19.24 26.73
C ASP E 33 31.28 18.29 27.83
N GLU E 34 30.61 18.81 28.87
CA GLU E 34 30.11 17.96 29.93
C GLU E 34 29.01 17.10 29.34
N ASP E 35 28.25 17.67 28.42
CA ASP E 35 27.13 16.95 27.79
C ASP E 35 27.60 15.71 27.06
N ALA E 36 28.78 15.76 26.46
CA ALA E 36 29.25 14.63 25.67
C ALA E 36 29.36 13.38 26.52
N HIS E 37 28.94 12.25 25.95
CA HIS E 37 28.94 11.00 26.68
C HIS E 37 30.15 10.19 26.26
N TYR E 38 30.93 9.70 27.22
CA TYR E 38 32.17 9.02 26.85
C TYR E 38 32.25 7.55 27.19
N PRO E 39 32.60 6.72 26.20
CA PRO E 39 32.74 5.30 26.44
C PRO E 39 34.01 4.93 27.20
N VAL E 40 33.93 3.96 28.09
CA VAL E 40 35.12 3.49 28.79
C VAL E 40 35.26 2.05 28.34
N VAL E 41 36.43 1.69 27.82
CA VAL E 41 36.58 0.34 27.30
C VAL E 41 37.19 -0.56 28.36
N VAL E 42 36.47 -1.63 28.70
CA VAL E 42 36.95 -2.56 29.70
C VAL E 42 37.09 -3.93 29.07
N ASN E 43 38.23 -4.58 29.29
CA ASN E 43 38.43 -5.87 28.65
C ASN E 43 37.48 -6.92 29.19
N ALA E 44 36.83 -7.66 28.29
CA ALA E 44 35.94 -8.74 28.71
C ALA E 44 36.74 -9.80 29.44
N MET E 45 37.91 -10.11 28.90
CA MET E 45 38.77 -11.08 29.57
C MET E 45 39.19 -10.54 30.92
N THR E 46 39.48 -9.25 30.99
CA THR E 46 39.85 -8.64 32.25
C THR E 46 38.73 -8.73 33.28
N LEU E 47 37.49 -8.49 32.89
CA LEU E 47 36.39 -8.65 33.83
C LEU E 47 36.27 -10.11 34.26
N PHE E 48 36.45 -11.03 33.32
CA PHE E 48 36.35 -12.44 33.65
C PHE E 48 37.41 -12.84 34.66
N GLU E 49 38.64 -12.37 34.47
CA GLU E 49 39.68 -12.66 35.45
C GLU E 49 39.46 -11.99 36.81
N THR E 50 38.97 -10.75 36.82
CA THR E 50 38.80 -10.06 38.09
C THR E 50 37.80 -10.82 38.92
N ASN E 51 36.67 -11.19 38.32
CA ASN E 51 35.72 -12.04 39.04
C ASN E 51 35.10 -13.02 38.08
N MET E 52 35.13 -14.30 38.44
CA MET E 52 34.47 -15.28 37.62
C MET E 52 32.98 -15.02 37.63
N GLU E 53 32.44 -14.63 38.78
CA GLU E 53 31.02 -14.41 38.89
C GLU E 53 30.53 -13.29 37.98
N ILE E 54 31.25 -12.18 37.93
CA ILE E 54 30.85 -11.11 37.01
C ILE E 54 30.95 -11.55 35.55
N GLY E 55 32.00 -12.28 35.19
CA GLY E 55 32.11 -12.76 33.83
C GLY E 55 31.01 -13.73 33.46
N GLU E 56 30.71 -14.65 34.35
CA GLU E 56 29.64 -15.62 34.09
C GLU E 56 28.29 -14.90 34.00
N TYR E 57 28.09 -13.89 34.84
CA TYR E 57 26.85 -13.13 34.80
C TYR E 57 26.71 -12.39 33.49
N PHE E 58 27.82 -11.85 32.99
CA PHE E 58 27.79 -11.16 31.70
C PHE E 58 27.39 -12.14 30.61
N ASN E 59 27.91 -13.36 30.66
CA ASN E 59 27.48 -14.33 29.67
C ASN E 59 26.00 -14.64 29.82
N MET E 60 25.54 -14.84 31.05
CA MET E 60 24.13 -15.15 31.29
C MET E 60 23.13 -14.04 31.00
N PHE E 61 23.42 -12.82 31.42
CA PHE E 61 22.52 -11.69 31.21
C PHE E 61 23.29 -10.50 30.68
N PRO E 62 23.65 -10.51 29.38
CA PRO E 62 24.50 -9.41 28.92
C PRO E 62 23.93 -8.02 29.07
N SER E 63 22.66 -7.84 28.73
CA SER E 63 22.06 -6.52 28.80
C SER E 63 22.02 -6.02 30.23
N GLU E 64 21.61 -6.87 31.16
CA GLU E 64 21.54 -6.48 32.55
C GLU E 64 22.90 -6.15 33.11
N VAL E 65 23.89 -6.96 32.78
CA VAL E 65 25.23 -6.71 33.27
C VAL E 65 25.75 -5.40 32.72
N LEU E 66 25.51 -5.14 31.44
CA LEU E 66 25.96 -3.89 30.85
C LEU E 66 25.33 -2.64 31.45
N THR E 67 24.03 -2.69 31.73
CA THR E 67 23.39 -1.55 32.36
C THR E 67 23.98 -1.33 33.74
N ILE E 68 24.22 -2.42 34.46
CA ILE E 68 24.84 -2.30 35.77
C ILE E 68 26.27 -1.75 35.62
N PHE E 69 26.97 -2.16 34.58
CA PHE E 69 28.33 -1.66 34.36
C PHE E 69 28.31 -0.17 34.10
N ASP E 70 27.34 0.30 33.33
CA ASP E 70 27.23 1.73 33.05
C ASP E 70 26.93 2.51 34.32
N SER E 71 26.05 1.98 35.18
CA SER E 71 25.76 2.64 36.46
C SER E 71 27.00 2.66 37.32
N ALA E 72 27.75 1.57 37.32
CA ALA E 72 29.00 1.51 38.09
C ALA E 72 30.00 2.52 37.57
N LEU E 73 30.06 2.69 36.25
CA LEU E 73 30.96 3.66 35.66
C LEU E 73 30.58 5.04 36.14
N ARG E 74 29.28 5.32 36.21
CA ARG E 74 28.82 6.61 36.70
C ARG E 74 29.23 6.78 38.16
N ARG E 75 29.08 5.72 38.95
CA ARG E 75 29.46 5.77 40.35
C ARG E 75 30.95 6.01 40.52
N SER E 76 31.76 5.35 39.70
CA SER E 76 33.20 5.52 39.77
C SER E 76 33.60 6.95 39.41
N ALA E 77 32.93 7.53 38.43
CA ALA E 77 33.20 8.90 38.05
C ALA E 77 32.90 9.81 39.22
N LEU E 78 31.83 9.51 39.94
CA LEU E 78 31.45 10.32 41.08
C LEU E 78 32.57 10.29 42.11
N THR E 79 33.16 9.13 42.32
CA THR E 79 34.29 9.02 43.25
C THR E 79 35.46 9.85 42.73
N ILE E 80 35.73 9.76 41.43
CA ILE E 80 36.81 10.55 40.83
C ILE E 80 36.50 12.02 40.97
N LEU E 81 35.23 12.38 40.79
CA LEU E 81 34.81 13.76 40.90
C LEU E 81 35.09 14.27 42.30
N GLN E 82 34.89 13.41 43.29
CA GLN E 82 35.08 13.81 44.68
C GLN E 82 36.50 14.28 44.91
N SER E 83 37.48 13.58 44.32
CA SER E 83 38.87 14.01 44.45
C SER E 83 39.43 14.51 43.13
N LEU E 84 39.89 15.76 43.10
CA LEU E 84 40.50 16.30 41.89
C LEU E 84 41.61 17.29 42.26
N SER E 85 42.64 17.37 41.43
CA SER E 85 43.71 18.33 41.70
C SER E 85 43.20 19.77 41.64
N GLN E 86 42.39 20.09 40.64
CA GLN E 86 41.81 21.42 40.54
C GLN E 86 40.31 21.33 40.28
N PRO E 87 39.52 22.10 41.04
CA PRO E 87 38.06 21.99 40.88
C PRO E 87 37.62 22.42 39.48
N GLU E 88 38.16 23.51 38.97
CA GLU E 88 37.84 23.96 37.62
C GLU E 88 38.34 22.99 36.55
N ALA E 89 39.53 22.42 36.74
CA ALA E 89 40.10 21.51 35.76
C ALA E 89 39.31 20.23 35.55
N VAL E 90 38.74 19.68 36.62
CA VAL E 90 38.04 18.40 36.51
C VAL E 90 36.85 18.43 35.58
N SER E 91 36.68 17.38 34.80
CA SER E 91 35.54 17.29 33.91
C SER E 91 34.65 16.17 34.41
N MET E 92 33.36 16.47 34.55
CA MET E 92 32.42 15.46 35.03
C MET E 92 31.45 15.10 33.92
N LYS E 93 31.35 13.81 33.61
CA LYS E 93 30.44 13.37 32.57
C LYS E 93 29.28 12.64 33.21
N GLN E 94 28.07 13.09 32.92
CA GLN E 94 26.89 12.41 33.43
C GLN E 94 26.76 11.00 32.88
N ASN E 95 27.05 10.84 31.58
CA ASN E 95 26.86 9.54 30.97
C ASN E 95 28.18 8.85 30.65
N LEU E 96 28.31 7.63 31.13
CA LEU E 96 29.54 6.86 30.89
C LEU E 96 29.10 5.53 30.34
N HIS E 97 29.91 4.92 29.50
CA HIS E 97 29.50 3.68 28.86
C HIS E 97 30.53 2.59 29.06
N ALA E 98 30.07 1.34 29.05
CA ALA E 98 31.00 0.23 29.18
C ALA E 98 31.11 -0.47 27.85
N ARG E 99 32.34 -0.59 27.36
CA ARG E 99 32.56 -1.22 26.06
C ARG E 99 33.45 -2.42 26.28
N ILE E 100 33.08 -3.58 25.73
CA ILE E 100 33.88 -4.77 26.02
C ILE E 100 34.82 -5.19 24.89
N SER E 101 36.06 -5.48 25.23
CA SER E 101 37.05 -5.85 24.21
C SER E 101 37.78 -7.12 24.63
N GLY E 102 38.35 -7.84 23.68
CA GLY E 102 39.01 -9.09 24.01
C GLY E 102 38.15 -10.12 24.70
N LEU E 103 36.91 -10.29 24.22
CA LEU E 103 36.00 -11.25 24.81
C LEU E 103 36.51 -12.69 24.64
N PRO E 104 36.23 -13.55 25.62
CA PRO E 104 36.72 -14.93 25.56
C PRO E 104 36.15 -15.69 24.37
N VAL E 105 36.97 -16.51 23.74
CA VAL E 105 36.52 -17.21 22.55
C VAL E 105 36.08 -18.63 22.84
N CYS E 106 34.84 -18.94 22.50
CA CYS E 106 34.31 -20.28 22.70
C CYS E 106 33.55 -20.49 21.40
N PRO E 107 33.34 -21.75 20.99
CA PRO E 107 32.67 -21.90 19.68
C PRO E 107 31.29 -21.25 19.66
N GLU E 108 30.50 -21.43 20.71
CA GLU E 108 29.21 -20.75 20.77
C GLU E 108 29.38 -19.24 20.87
N LEU E 109 30.35 -18.78 21.67
CA LEU E 109 30.55 -17.36 21.87
C LEU E 109 30.93 -16.60 20.60
N VAL E 110 31.84 -17.17 19.82
CA VAL E 110 32.27 -16.51 18.60
C VAL E 110 31.88 -17.33 17.38
N ARG E 111 31.01 -16.78 16.54
CA ARG E 111 30.60 -17.49 15.33
C ARG E 111 30.79 -16.64 14.09
N GLU E 112 31.60 -17.11 13.13
CA GLU E 112 31.72 -16.39 11.88
C GLU E 112 30.40 -16.43 11.16
N HIS E 113 29.75 -17.58 11.15
CA HIS E 113 28.50 -17.76 10.42
C HIS E 113 27.26 -17.23 11.15
N ILE E 114 26.13 -17.24 10.46
CA ILE E 114 24.90 -16.69 11.03
C ILE E 114 24.52 -17.38 12.33
N PRO E 115 24.20 -16.59 13.37
CA PRO E 115 23.73 -17.22 14.61
C PRO E 115 22.40 -17.93 14.42
N LYS E 116 22.28 -19.11 15.00
CA LYS E 116 21.05 -19.89 14.88
C LYS E 116 19.96 -19.43 15.84
N THR E 117 18.78 -20.01 15.71
CA THR E 117 17.70 -19.68 16.64
C THR E 117 18.09 -20.06 18.06
N LYS E 118 18.80 -21.18 18.23
CA LYS E 118 19.28 -21.54 19.56
C LYS E 118 20.25 -20.47 20.05
N ASP E 119 21.10 -19.97 19.17
CA ASP E 119 22.06 -18.91 19.54
C ASP E 119 21.40 -17.59 19.90
N VAL E 120 20.18 -17.35 19.41
CA VAL E 120 19.51 -16.07 19.66
C VAL E 120 19.28 -15.79 21.14
N GLY E 121 19.39 -14.52 21.53
CA GLY E 121 19.23 -14.16 22.92
C GLY E 121 20.53 -14.30 23.70
N HIS E 122 21.62 -14.59 23.00
CA HIS E 122 22.91 -14.77 23.67
C HIS E 122 23.97 -13.89 23.06
N PHE E 123 24.99 -13.55 23.84
CA PHE E 123 26.09 -12.75 23.32
C PHE E 123 26.83 -13.50 22.24
N LEU E 124 27.17 -12.83 21.15
CA LEU E 124 27.88 -13.46 20.06
C LEU E 124 28.99 -12.58 19.51
N SER E 125 30.02 -13.18 18.95
CA SER E 125 31.07 -12.40 18.34
C SER E 125 31.08 -12.71 16.86
N VAL E 126 31.03 -11.69 16.02
CA VAL E 126 30.96 -11.92 14.58
C VAL E 126 32.15 -11.37 13.83
N THR E 127 32.74 -12.18 12.97
CA THR E 127 33.84 -11.68 12.15
C THR E 127 33.29 -11.55 10.75
N GLY E 128 33.27 -10.33 10.23
CA GLY E 128 32.72 -10.12 8.91
C GLY E 128 33.12 -8.82 8.27
N THR E 129 32.93 -8.69 6.97
CA THR E 129 33.22 -7.42 6.30
C THR E 129 31.89 -6.73 6.12
N VAL E 130 31.77 -5.49 6.57
CA VAL E 130 30.47 -4.83 6.50
C VAL E 130 30.15 -4.42 5.07
N ILE E 131 29.06 -4.96 4.53
CA ILE E 131 28.65 -4.58 3.19
C ILE E 131 28.18 -3.14 3.08
N ARG E 132 27.36 -2.69 4.02
CA ARG E 132 26.83 -1.33 3.97
C ARG E 132 26.63 -0.73 5.35
N THR E 133 26.87 0.57 5.49
CA THR E 133 26.61 1.23 6.77
C THR E 133 25.67 2.40 6.55
N SER E 134 24.60 2.46 7.33
CA SER E 134 23.69 3.60 7.24
C SER E 134 24.28 4.83 7.90
N LEU E 135 23.76 6.00 7.57
CA LEU E 135 24.29 7.25 8.13
C LEU E 135 24.01 7.37 9.62
N VAL E 136 24.81 8.18 10.32
CA VAL E 136 24.62 8.34 11.75
C VAL E 136 23.22 8.88 11.97
N LYS E 137 22.49 8.27 12.90
CA LYS E 137 21.11 8.68 13.13
C LYS E 137 20.96 8.86 14.62
N VAL E 138 19.89 9.52 15.04
CA VAL E 138 19.63 9.68 16.46
C VAL E 138 18.35 8.97 16.81
N LEU E 139 18.25 8.47 18.04
CA LEU E 139 17.02 7.84 18.48
C LEU E 139 16.67 8.34 19.86
N GLU E 140 15.41 8.25 20.23
CA GLU E 140 15.03 8.62 21.58
C GLU E 140 15.28 7.39 22.43
N PHE E 141 16.51 7.22 22.88
CA PHE E 141 16.87 6.03 23.66
C PHE E 141 16.05 6.03 24.92
N GLU E 142 15.95 7.18 25.56
CA GLU E 142 15.12 7.28 26.74
C GLU E 142 14.08 8.33 26.45
N ARG E 143 12.81 8.00 26.69
CA ARG E 143 11.79 9.00 26.50
C ARG E 143 11.02 9.17 27.79
N ASP E 144 10.90 10.40 28.25
CA ASP E 144 10.11 10.65 29.44
C ASP E 144 8.64 10.54 29.06
N TYR E 145 7.86 9.90 29.91
CA TYR E 145 6.43 9.84 29.67
C TYR E 145 5.74 10.39 30.90
N MET E 146 4.86 11.36 30.72
CA MET E 146 4.11 11.82 31.88
C MET E 146 2.64 11.78 31.55
N CYS E 147 1.85 11.03 32.30
CA CYS E 147 0.42 11.03 32.07
C CYS E 147 -0.08 12.36 32.58
N ASN E 148 -0.92 13.02 31.79
CA ASN E 148 -1.37 14.35 32.19
C ASN E 148 -2.15 14.31 33.49
N LYS E 149 -3.08 13.37 33.62
CA LYS E 149 -3.82 13.22 34.88
C LYS E 149 -2.93 12.80 36.04
N CYS E 150 -2.06 11.83 35.80
CA CYS E 150 -1.16 11.35 36.85
C CYS E 150 -0.18 12.39 37.31
N LYS E 151 0.37 13.17 36.39
CA LYS E 151 1.34 14.23 36.71
C LYS E 151 2.60 13.76 37.42
N HIS E 152 3.09 12.57 37.06
CA HIS E 152 4.34 12.08 37.63
C HIS E 152 5.16 11.64 36.44
N VAL E 153 6.48 11.78 36.52
CA VAL E 153 7.30 11.48 35.36
C VAL E 153 7.90 10.08 35.39
N PHE E 154 7.67 9.31 34.35
CA PHE E 154 8.18 7.94 34.29
C PHE E 154 8.85 7.68 32.94
N VAL E 155 9.99 7.00 32.92
CA VAL E 155 10.69 6.76 31.67
C VAL E 155 10.93 5.29 31.37
N ILE E 156 10.63 4.87 30.14
CA ILE E 156 10.89 3.48 29.76
C ILE E 156 11.82 3.37 28.56
N LYS E 157 12.83 2.52 28.68
CA LYS E 157 13.76 2.30 27.57
C LYS E 157 13.08 1.55 26.44
N ALA E 158 13.45 1.86 25.21
CA ALA E 158 12.86 1.21 24.05
C ALA E 158 13.19 -0.27 23.92
N ASP E 159 12.20 -1.08 23.54
CA ASP E 159 12.43 -2.52 23.35
C ASP E 159 13.02 -2.84 21.99
N PHE E 160 13.55 -4.04 21.81
CA PHE E 160 14.19 -4.41 20.55
C PHE E 160 13.19 -4.86 19.48
N GLU E 161 12.34 -3.96 19.04
CA GLU E 161 11.39 -4.26 17.97
C GLU E 161 11.99 -3.59 16.76
N GLN E 162 11.53 -3.94 15.56
CA GLN E 162 12.18 -3.37 14.39
C GLN E 162 12.11 -1.87 14.58
N TYR E 163 13.19 -1.15 14.26
CA TYR E 163 13.27 0.32 14.43
C TYR E 163 13.48 0.70 15.88
N TYR E 164 13.71 -0.29 16.76
CA TYR E 164 13.91 -0.04 18.20
C TYR E 164 12.76 0.76 18.78
N THR E 165 11.53 0.41 18.42
CA THR E 165 10.36 1.15 18.88
C THR E 165 9.99 0.95 20.34
N PHE E 166 9.32 1.93 20.94
CA PHE E 166 8.85 1.77 22.31
C PHE E 166 7.32 1.82 22.36
N CYS E 167 6.75 1.27 23.42
CA CYS E 167 5.30 1.30 23.57
C CYS E 167 4.93 2.13 24.79
N ARG E 168 3.92 2.98 24.66
CA ARG E 168 3.52 3.84 25.76
C ARG E 168 3.02 3.04 26.97
N PRO E 169 3.44 3.43 28.18
CA PRO E 169 3.07 2.69 29.39
C PRO E 169 1.59 2.73 29.76
N SER E 170 1.04 1.58 30.16
CA SER E 170 -0.35 1.53 30.61
C SER E 170 -0.63 2.31 31.87
N SER E 171 0.30 2.29 32.82
CA SER E 171 0.03 2.94 34.11
C SER E 171 1.04 3.98 34.54
N CYS E 172 0.59 4.92 35.36
CA CYS E 172 1.49 5.95 35.87
C CYS E 172 2.50 5.41 36.88
N PRO E 173 3.71 5.99 36.90
CA PRO E 173 4.78 5.51 37.79
C PRO E 173 4.50 5.64 39.28
N SER E 174 3.87 6.72 39.73
CA SER E 174 3.69 6.93 41.17
C SER E 174 2.52 6.21 41.80
N LEU E 175 2.61 4.89 41.94
CA LEU E 175 1.57 4.11 42.63
C LEU E 175 0.14 4.28 42.11
N GLU E 176 -0.02 4.40 40.79
CA GLU E 176 -1.37 4.49 40.24
C GLU E 176 -1.42 4.05 38.78
N SER E 177 -2.60 3.68 38.31
CA SER E 177 -2.73 3.33 36.90
C SER E 177 -3.40 4.46 36.14
N CYS E 178 -2.62 5.20 35.37
CA CYS E 178 -3.20 6.25 34.55
C CYS E 178 -2.59 6.19 33.15
N ASP E 179 -3.43 6.25 32.14
CA ASP E 179 -2.95 6.14 30.77
C ASP E 179 -3.25 7.37 29.95
N SER E 180 -2.24 7.94 29.32
CA SER E 180 -2.47 9.08 28.46
C SER E 180 -1.92 8.84 27.07
N SER E 181 -2.72 9.15 26.06
CA SER E 181 -2.24 9.02 24.69
C SER E 181 -1.06 9.94 24.48
N LYS E 182 -1.16 11.15 25.03
CA LYS E 182 -0.05 12.09 24.93
C LYS E 182 0.76 12.03 26.20
N PHE E 183 2.03 11.68 26.06
CA PHE E 183 2.89 11.60 27.21
C PHE E 183 3.91 12.71 27.11
N THR E 184 3.97 13.58 28.12
CA THR E 184 4.90 14.69 28.07
C THR E 184 6.32 14.22 28.23
N CYS E 185 7.25 14.85 27.51
CA CYS E 185 8.63 14.40 27.55
C CYS E 185 9.55 15.51 27.97
N LEU E 186 10.67 15.14 28.61
CA LEU E 186 11.64 16.14 29.00
C LEU E 186 12.20 16.80 27.77
N SER E 187 12.48 16.02 26.73
CA SER E 187 12.98 16.57 25.48
C SER E 187 11.96 17.49 24.82
N GLY E 188 10.69 17.13 24.87
CA GLY E 188 9.66 17.99 24.34
C GLY E 188 9.60 19.31 25.10
N LEU E 189 9.68 19.24 26.42
CA LEU E 189 9.64 20.46 27.25
C LEU E 189 10.84 21.38 27.01
N SER E 190 12.04 20.82 26.93
CA SER E 190 13.25 21.62 26.72
C SER E 190 14.27 20.72 26.06
N SER E 191 15.23 21.28 25.34
CA SER E 191 16.15 20.39 24.63
C SER E 191 16.90 19.55 25.64
N SER E 192 16.92 18.24 25.44
CA SER E 192 17.67 17.38 26.32
C SER E 192 18.60 16.46 25.57
N PRO E 193 19.92 16.63 25.78
CA PRO E 193 20.89 15.73 25.15
C PRO E 193 20.72 14.31 25.65
N THR E 194 20.41 14.14 26.93
CA THR E 194 20.27 12.82 27.51
C THR E 194 19.16 12.00 26.85
N ARG E 195 18.02 12.63 26.57
CA ARG E 195 16.90 11.89 26.01
C ARG E 195 17.20 11.31 24.65
N CYS E 196 17.88 12.06 23.79
CA CYS E 196 18.17 11.58 22.46
C CYS E 196 19.58 11.04 22.39
N ARG E 197 19.71 9.74 22.13
CA ARG E 197 21.03 9.14 22.03
C ARG E 197 21.20 8.55 20.65
N ASP E 198 22.36 8.78 20.03
CA ASP E 198 22.55 8.33 18.66
C ASP E 198 22.49 6.83 18.46
N TYR E 199 21.90 6.40 17.35
CA TYR E 199 21.84 4.97 17.04
C TYR E 199 22.24 4.77 15.58
N GLN E 200 22.85 3.64 15.27
CA GLN E 200 23.22 3.37 13.88
C GLN E 200 22.89 1.96 13.48
N GLU E 201 22.69 1.74 12.18
CA GLU E 201 22.42 0.40 11.69
C GLU E 201 23.42 0.04 10.60
N ILE E 202 24.03 -1.13 10.69
CA ILE E 202 24.92 -1.57 9.62
C ILE E 202 24.64 -3.03 9.33
N LYS E 203 24.94 -3.48 8.13
CA LYS E 203 24.76 -4.89 7.83
C LYS E 203 26.12 -5.50 7.62
N ILE E 204 26.38 -6.62 8.29
CA ILE E 204 27.68 -7.24 8.18
C ILE E 204 27.58 -8.53 7.38
N GLN E 205 28.42 -8.66 6.37
CA GLN E 205 28.42 -9.88 5.61
C GLN E 205 29.49 -10.72 6.26
N GLU E 206 29.16 -11.97 6.60
CA GLU E 206 30.13 -12.82 7.28
C GLU E 206 31.28 -13.12 6.35
N GLN E 207 32.42 -13.49 6.92
CA GLN E 207 33.59 -13.67 6.07
C GLN E 207 33.30 -14.64 4.95
N VAL E 208 33.65 -14.25 3.74
CA VAL E 208 33.38 -15.07 2.57
C VAL E 208 34.16 -16.37 2.58
N GLN E 209 35.27 -16.39 3.31
CA GLN E 209 36.11 -17.57 3.36
C GLN E 209 35.56 -18.58 4.34
N ARG E 210 34.39 -19.14 4.03
CA ARG E 210 33.80 -20.16 4.86
C ARG E 210 34.44 -21.50 4.54
N LEU E 211 34.23 -22.49 5.40
CA LEU E 211 34.77 -23.81 5.13
C LEU E 211 34.17 -24.35 3.84
N SER E 212 32.88 -24.10 3.63
CA SER E 212 32.25 -24.52 2.39
C SER E 212 31.88 -23.34 1.49
N VAL E 213 32.35 -23.38 0.25
CA VAL E 213 32.00 -22.33 -0.71
C VAL E 213 30.50 -22.37 -0.99
N GLY E 214 29.94 -23.58 -1.04
CA GLY E 214 28.53 -23.75 -1.34
C GLY E 214 27.60 -23.08 -0.36
N SER E 215 27.94 -23.07 0.93
CA SER E 215 27.05 -22.50 1.92
C SER E 215 26.77 -21.04 1.61
N ILE E 216 25.53 -20.63 1.76
CA ILE E 216 25.15 -19.26 1.38
C ILE E 216 25.82 -18.16 2.19
N PRO E 217 26.23 -17.08 1.51
CA PRO E 217 26.78 -15.95 2.25
C PRO E 217 25.66 -15.32 3.07
N ARG E 218 25.93 -14.94 4.31
CA ARG E 218 24.87 -14.43 5.18
C ARG E 218 25.12 -13.00 5.65
N SER E 219 24.07 -12.20 5.67
CA SER E 219 24.22 -10.83 6.11
C SER E 219 23.44 -10.57 7.41
N MET E 220 24.11 -10.05 8.43
CA MET E 220 23.47 -9.81 9.71
C MET E 220 23.47 -8.36 10.14
N LYS E 221 22.30 -7.86 10.54
CA LYS E 221 22.22 -6.48 11.01
C LYS E 221 22.96 -6.29 12.32
N VAL E 222 23.68 -5.19 12.45
CA VAL E 222 24.39 -4.88 13.69
C VAL E 222 23.89 -3.52 14.15
N ILE E 223 23.50 -3.39 15.41
CA ILE E 223 22.95 -2.13 15.89
C ILE E 223 23.96 -1.41 16.76
N LEU E 224 24.24 -0.15 16.43
CA LEU E 224 25.22 0.61 17.19
C LEU E 224 24.49 1.49 18.20
N GLU E 225 24.97 1.50 19.43
CA GLU E 225 24.28 2.26 20.47
C GLU E 225 25.12 3.40 21.03
N ASP E 226 24.53 4.59 21.14
CA ASP E 226 25.22 5.74 21.74
C ASP E 226 26.51 6.16 21.03
N ASP E 227 27.60 6.24 21.77
CA ASP E 227 28.87 6.71 21.21
C ASP E 227 29.44 5.79 20.14
N LEU E 228 28.99 4.55 20.10
CA LEU E 228 29.48 3.59 19.12
C LEU E 228 29.22 3.99 17.67
N VAL E 229 28.19 4.78 17.43
CA VAL E 229 27.84 5.11 16.05
C VAL E 229 28.96 5.77 15.27
N ASP E 230 29.10 5.41 13.99
CA ASP E 230 30.10 6.01 13.09
C ASP E 230 31.53 5.50 13.29
N SER E 231 31.73 4.61 14.25
CA SER E 231 33.05 4.02 14.44
C SER E 231 33.45 3.12 13.27
N CYS E 232 32.50 2.33 12.77
CA CYS E 232 32.80 1.39 11.70
C CYS E 232 33.05 2.04 10.35
N LYS E 233 33.89 1.41 9.54
CA LYS E 233 34.13 1.91 8.20
C LYS E 233 33.62 0.88 7.21
N SER E 234 32.80 1.30 6.27
CA SER E 234 32.20 0.37 5.31
C SER E 234 33.22 -0.30 4.41
N GLY E 235 32.99 -1.57 4.10
CA GLY E 235 33.91 -2.29 3.22
C GLY E 235 35.15 -2.80 3.92
N ASP E 236 35.13 -2.81 5.25
CA ASP E 236 36.30 -3.24 6.00
C ASP E 236 35.96 -4.39 6.92
N ASP E 237 36.92 -5.27 7.16
CA ASP E 237 36.66 -6.37 8.09
C ASP E 237 36.41 -5.75 9.45
N LEU E 238 35.38 -6.22 10.13
CA LEU E 238 35.03 -5.65 11.43
C LEU E 238 34.81 -6.79 12.43
N THR E 239 35.33 -6.63 13.64
CA THR E 239 35.09 -7.62 14.67
C THR E 239 34.05 -7.05 15.57
N ILE E 240 32.92 -7.71 15.71
CA ILE E 240 31.85 -7.12 16.50
C ILE E 240 31.52 -7.96 17.71
N TYR E 241 31.51 -7.31 18.87
CA TYR E 241 31.10 -8.04 20.06
C TYR E 241 29.74 -7.49 20.37
N GLY E 242 28.73 -8.35 20.41
CA GLY E 242 27.38 -7.88 20.63
C GLY E 242 26.42 -8.91 21.14
N ILE E 243 25.28 -8.47 21.66
CA ILE E 243 24.27 -9.43 22.07
C ILE E 243 23.37 -9.70 20.90
N VAL E 244 23.41 -10.92 20.37
CA VAL E 244 22.47 -11.24 19.30
C VAL E 244 21.10 -11.35 19.94
N MET E 245 20.08 -10.80 19.29
CA MET E 245 18.76 -10.80 19.87
C MET E 245 17.66 -10.87 18.84
N GLN E 246 16.49 -11.32 19.25
CA GLN E 246 15.37 -11.38 18.33
C GLN E 246 14.91 -10.02 17.90
N ARG E 247 14.57 -9.87 16.63
CA ARG E 247 14.02 -8.61 16.17
C ARG E 247 12.65 -9.06 15.76
N TRP E 248 11.62 -8.41 16.25
CA TRP E 248 10.30 -8.91 15.92
C TRP E 248 9.45 -7.95 15.14
N LYS E 249 8.94 -8.40 14.00
CA LYS E 249 8.02 -7.57 13.25
C LYS E 249 6.68 -7.69 13.93
N PRO E 250 5.81 -6.68 13.75
CA PRO E 250 4.55 -6.83 14.48
C PRO E 250 3.81 -8.06 13.99
N PHE E 251 3.35 -8.89 14.91
CA PHE E 251 2.69 -10.13 14.54
C PHE E 251 1.33 -9.88 13.91
N GLN E 252 1.00 -10.67 12.89
CA GLN E 252 -0.29 -10.53 12.24
C GLN E 252 -1.05 -11.83 12.37
N GLN E 253 -2.33 -11.75 12.73
CA GLN E 253 -3.10 -12.96 12.96
C GLN E 253 -3.16 -13.83 11.73
N ASP E 254 -2.93 -15.13 11.91
CA ASP E 254 -2.96 -16.10 10.80
C ASP E 254 -2.02 -15.75 9.67
N VAL E 255 -0.85 -15.21 10.01
CA VAL E 255 0.15 -14.90 9.01
C VAL E 255 1.37 -15.54 9.63
N ARG E 256 2.24 -16.16 8.85
CA ARG E 256 3.37 -16.86 9.46
C ARG E 256 4.21 -15.90 10.28
N CYS E 257 4.51 -16.28 11.51
CA CYS E 257 5.27 -15.39 12.37
C CYS E 257 6.70 -15.27 11.87
N GLU E 258 7.20 -14.04 11.83
CA GLU E 258 8.59 -13.84 11.41
C GLU E 258 9.40 -13.14 12.48
N VAL E 259 10.55 -13.69 12.80
CA VAL E 259 11.43 -13.06 13.77
C VAL E 259 12.80 -13.08 13.10
N GLU E 260 13.69 -12.18 13.49
CA GLU E 260 14.99 -12.11 12.84
C GLU E 260 16.15 -12.05 13.83
N ILE E 261 17.30 -12.56 13.42
CA ILE E 261 18.45 -12.57 14.30
C ILE E 261 19.23 -11.30 14.08
N VAL E 262 19.15 -10.37 15.02
CA VAL E 262 19.85 -9.09 14.87
C VAL E 262 20.78 -8.82 16.04
N LEU E 263 22.04 -8.55 15.75
CA LEU E 263 23.00 -8.28 16.81
C LEU E 263 22.97 -6.84 17.27
N LYS E 264 22.98 -6.61 18.58
CA LYS E 264 23.08 -5.24 19.07
C LYS E 264 24.48 -5.19 19.60
N ALA E 265 25.32 -4.29 19.11
CA ALA E 265 26.73 -4.31 19.50
C ALA E 265 27.13 -3.67 20.80
N ASN E 266 27.74 -4.45 21.69
CA ASN E 266 28.28 -3.90 22.92
C ASN E 266 29.44 -3.00 22.55
N TYR E 267 30.29 -3.47 21.64
CA TYR E 267 31.45 -2.71 21.22
C TYR E 267 31.82 -3.05 19.79
N ILE E 268 32.49 -2.14 19.11
CA ILE E 268 32.94 -2.39 17.75
C ILE E 268 34.46 -2.30 17.72
N GLN E 269 35.12 -3.29 17.14
CA GLN E 269 36.58 -3.27 17.02
C GLN E 269 36.84 -3.51 15.56
N VAL E 270 37.84 -2.87 14.98
CA VAL E 270 38.02 -3.06 13.54
C VAL E 270 38.97 -4.21 13.26
N ASN E 271 38.44 -5.29 12.68
CA ASN E 271 39.27 -6.44 12.34
C ASN E 271 40.30 -6.07 11.30
N ASN E 272 39.93 -5.23 10.36
CA ASN E 272 40.86 -4.79 9.33
C ASN E 272 42.02 -4.05 9.97
N GLU E 273 41.73 -3.21 10.96
CA GLU E 273 42.81 -2.52 11.67
C GLU E 273 43.71 -3.49 12.42
N GLN E 274 43.12 -4.52 13.03
CA GLN E 274 43.91 -5.52 13.73
C GLN E 274 44.82 -6.24 12.74
N SER E 275 44.29 -6.56 11.57
CA SER E 275 45.09 -7.21 10.54
C SER E 275 46.22 -6.30 10.06
N SER E 276 45.92 -5.02 9.90
CA SER E 276 46.92 -4.07 9.44
C SER E 276 47.65 -3.38 10.58
N GLN F 3 -54.04 -8.00 -20.00
CA GLN F 3 -54.17 -8.00 -18.55
C GLN F 3 -55.11 -6.91 -18.08
N SER F 4 -55.34 -6.83 -16.77
CA SER F 4 -56.20 -5.79 -16.24
C SER F 4 -55.66 -4.39 -16.47
N MET F 5 -54.36 -4.19 -16.22
CA MET F 5 -53.77 -2.87 -16.38
C MET F 5 -53.79 -2.35 -17.82
N GLN F 6 -53.42 -3.20 -18.76
CA GLN F 6 -53.39 -2.80 -20.17
C GLN F 6 -54.01 -3.87 -21.05
N SER F 7 -54.77 -3.46 -22.06
CA SER F 7 -55.38 -4.43 -22.97
C SER F 7 -54.29 -5.20 -23.69
N THR F 8 -53.25 -4.50 -24.12
CA THR F 8 -52.13 -5.17 -24.77
C THR F 8 -50.88 -4.90 -23.95
N LEU F 9 -50.10 -5.95 -23.69
CA LEU F 9 -48.85 -5.77 -22.96
C LEU F 9 -47.96 -4.85 -23.76
N ASP F 10 -47.91 -5.03 -25.07
CA ASP F 10 -47.13 -4.15 -25.92
C ASP F 10 -47.61 -2.71 -25.93
N ARG F 11 -48.92 -2.48 -25.92
CA ARG F 11 -49.40 -1.11 -26.01
C ARG F 11 -48.97 -0.25 -24.82
N PHE F 12 -49.11 -0.74 -23.60
CA PHE F 12 -48.64 0.03 -22.45
C PHE F 12 -47.12 0.16 -22.38
N ILE F 13 -46.41 -0.95 -22.58
CA ILE F 13 -44.95 -0.92 -22.51
C ILE F 13 -44.40 -1.53 -23.78
N PRO F 14 -43.44 -0.84 -24.42
CA PRO F 14 -42.98 -1.36 -25.71
C PRO F 14 -42.45 -2.77 -25.61
N TYR F 15 -41.66 -3.09 -24.59
CA TYR F 15 -41.25 -4.46 -24.41
C TYR F 15 -42.17 -5.07 -23.39
N LYS F 16 -42.64 -6.29 -23.66
CA LYS F 16 -43.48 -6.97 -22.69
C LYS F 16 -42.69 -7.18 -21.42
N GLY F 17 -41.44 -7.60 -21.53
CA GLY F 17 -40.59 -7.70 -20.34
C GLY F 17 -39.89 -6.37 -20.16
N TRP F 18 -40.64 -5.32 -19.89
CA TRP F 18 -40.05 -4.00 -19.82
C TRP F 18 -39.03 -3.82 -18.72
N LYS F 19 -39.33 -4.32 -17.52
CA LYS F 19 -38.44 -4.08 -16.39
C LYS F 19 -37.05 -4.70 -16.54
N LEU F 20 -36.98 -5.93 -17.03
CA LEU F 20 -35.68 -6.54 -17.24
C LEU F 20 -34.87 -5.82 -18.32
N TYR F 21 -35.51 -5.50 -19.44
CA TYR F 21 -34.82 -4.77 -20.49
C TYR F 21 -34.43 -3.36 -20.11
N PHE F 22 -35.35 -2.64 -19.49
CA PHE F 22 -35.10 -1.24 -19.17
C PHE F 22 -35.26 -0.97 -17.70
N SER F 23 -34.22 -0.43 -17.08
CA SER F 23 -34.30 -0.08 -15.67
C SER F 23 -35.34 1.01 -15.48
N GLU F 24 -35.35 1.97 -16.40
CA GLU F 24 -36.30 3.05 -16.31
C GLU F 24 -37.73 2.56 -16.52
N VAL F 25 -38.66 3.10 -15.73
CA VAL F 25 -40.06 2.74 -15.91
C VAL F 25 -40.67 3.54 -17.05
N TYR F 26 -41.72 3.02 -17.66
CA TYR F 26 -42.38 3.72 -18.76
C TYR F 26 -43.12 4.96 -18.28
N SER F 27 -42.95 6.09 -18.96
CA SER F 27 -43.72 7.28 -18.63
C SER F 27 -44.33 7.82 -19.91
N ASP F 28 -45.64 8.06 -19.90
CA ASP F 28 -46.29 8.63 -21.07
C ASP F 28 -45.74 10.02 -21.32
N SER F 29 -45.56 10.79 -20.26
CA SER F 29 -45.03 12.15 -20.37
C SER F 29 -43.60 12.21 -20.91
N SER F 30 -42.77 11.26 -20.55
CA SER F 30 -41.35 11.34 -20.92
C SER F 30 -41.04 11.42 -22.40
N PRO F 31 -40.07 12.28 -22.77
CA PRO F 31 -39.66 12.42 -24.17
C PRO F 31 -39.03 11.15 -24.73
N LEU F 32 -38.42 10.35 -23.88
CA LEU F 32 -37.73 9.16 -24.36
C LEU F 32 -38.66 8.17 -25.06
N ILE F 33 -39.87 7.98 -24.56
CA ILE F 33 -40.79 7.08 -25.24
C ILE F 33 -41.15 7.54 -26.65
N GLU F 34 -41.34 8.85 -26.83
CA GLU F 34 -41.61 9.36 -28.17
C GLU F 34 -40.40 9.13 -29.06
N LYS F 35 -39.20 9.31 -28.51
CA LYS F 35 -38.00 9.06 -29.29
C LYS F 35 -37.93 7.60 -29.69
N ILE F 36 -38.33 6.71 -28.79
CA ILE F 36 -38.30 5.28 -29.08
C ILE F 36 -39.20 5.02 -30.27
N GLN F 37 -40.37 5.65 -30.29
CA GLN F 37 -41.29 5.45 -31.39
C GLN F 37 -40.71 5.92 -32.72
N ALA F 38 -40.04 7.07 -32.70
CA ALA F 38 -39.41 7.57 -33.92
C ALA F 38 -38.30 6.66 -34.41
N PHE F 39 -37.48 6.18 -33.48
CA PHE F 39 -36.40 5.27 -33.85
C PHE F 39 -37.03 4.00 -34.39
N GLU F 40 -38.10 3.54 -33.76
CA GLU F 40 -38.76 2.31 -34.18
C GLU F 40 -39.31 2.44 -35.58
N LYS F 41 -39.94 3.57 -35.88
CA LYS F 41 -40.51 3.76 -37.20
C LYS F 41 -39.42 3.74 -38.25
N PHE F 42 -38.30 4.38 -37.94
CA PHE F 42 -37.18 4.37 -38.86
C PHE F 42 -36.68 2.94 -39.03
N PHE F 43 -36.59 2.22 -37.93
CA PHE F 43 -36.12 0.85 -37.98
C PHE F 43 -37.05 -0.06 -38.77
N THR F 44 -38.37 0.14 -38.64
CA THR F 44 -39.33 -0.67 -39.39
C THR F 44 -39.15 -0.44 -40.89
N ARG F 45 -38.94 0.82 -41.27
CA ARG F 45 -38.69 1.12 -42.68
C ARG F 45 -37.38 0.46 -43.15
N HIS F 46 -36.39 0.41 -42.27
CA HIS F 46 -35.11 -0.19 -42.62
C HIS F 46 -35.05 -1.69 -42.38
N ILE F 47 -36.10 -2.26 -41.80
CA ILE F 47 -36.12 -3.70 -41.47
C ILE F 47 -36.05 -4.62 -42.69
N ASP F 48 -36.69 -4.22 -43.79
CA ASP F 48 -36.70 -5.04 -45.00
C ASP F 48 -35.27 -5.21 -45.49
N LEU F 49 -34.48 -4.13 -45.44
CA LEU F 49 -33.08 -4.23 -45.81
C LEU F 49 -32.36 -5.14 -44.82
N TYR F 50 -32.68 -5.00 -43.53
CA TYR F 50 -32.06 -5.85 -42.52
C TYR F 50 -32.44 -7.30 -42.67
N ASP F 51 -31.52 -8.20 -42.36
CA ASP F 51 -31.87 -9.62 -42.40
C ASP F 51 -32.10 -10.02 -40.97
N LYS F 52 -33.27 -10.55 -40.67
CA LYS F 52 -33.61 -10.87 -39.29
C LYS F 52 -32.70 -11.89 -38.65
N ASP F 53 -32.38 -12.97 -39.35
CA ASP F 53 -31.59 -14.03 -38.75
C ASP F 53 -30.20 -13.53 -38.38
N GLU F 54 -29.59 -12.74 -39.25
CA GLU F 54 -28.28 -12.19 -38.98
C GLU F 54 -28.34 -11.27 -37.78
N ILE F 55 -29.37 -10.46 -37.71
CA ILE F 55 -29.50 -9.51 -36.61
C ILE F 55 -29.66 -10.28 -35.30
N GLU F 56 -30.44 -11.37 -35.33
CA GLU F 56 -30.66 -12.14 -34.13
C GLU F 56 -29.38 -12.74 -33.58
N ARG F 57 -28.55 -13.33 -34.43
CA ARG F 57 -27.29 -13.85 -33.94
C ARG F 57 -26.33 -12.77 -33.44
N LYS F 58 -26.27 -11.64 -34.14
CA LYS F 58 -25.39 -10.56 -33.74
C LYS F 58 -25.77 -9.99 -32.39
N GLY F 59 -27.07 -9.79 -32.17
CA GLY F 59 -27.51 -9.18 -30.93
C GLY F 59 -27.34 -7.67 -31.01
N SER F 60 -26.96 -7.17 -32.17
CA SER F 60 -26.79 -5.74 -32.38
C SER F 60 -26.97 -5.45 -33.86
N ILE F 61 -27.33 -4.21 -34.19
CA ILE F 61 -27.47 -3.83 -35.60
C ILE F 61 -26.65 -2.58 -35.88
N LEU F 62 -25.80 -2.62 -36.90
CA LEU F 62 -25.03 -1.43 -37.25
C LEU F 62 -25.89 -0.45 -38.03
N VAL F 63 -25.96 0.79 -37.57
CA VAL F 63 -26.74 1.82 -38.27
C VAL F 63 -25.92 3.07 -38.49
N ASP F 64 -25.91 3.57 -39.72
CA ASP F 64 -25.20 4.80 -40.00
C ASP F 64 -25.91 5.98 -39.36
N PHE F 65 -25.17 6.95 -38.85
CA PHE F 65 -25.79 8.16 -38.35
C PHE F 65 -26.43 8.86 -39.52
N LYS F 66 -25.80 8.78 -40.69
CA LYS F 66 -26.38 9.37 -41.89
C LYS F 66 -27.74 8.72 -42.17
N GLU F 67 -27.85 7.42 -41.99
CA GLU F 67 -29.14 6.76 -42.18
C GLU F 67 -30.15 7.29 -41.18
N LEU F 68 -29.72 7.50 -39.94
CA LEU F 68 -30.62 8.00 -38.92
C LEU F 68 -31.12 9.39 -39.27
N THR F 69 -30.23 10.26 -39.73
CA THR F 69 -30.64 11.60 -40.12
C THR F 69 -31.59 11.59 -41.31
N GLU F 70 -31.28 10.76 -42.30
CA GLU F 70 -32.15 10.69 -43.49
C GLU F 70 -33.55 10.17 -43.17
N GLY F 71 -33.68 9.21 -42.25
CA GLY F 71 -34.97 8.66 -41.96
C GLY F 71 -35.85 9.79 -41.46
N GLY F 72 -37.02 9.95 -42.07
CA GLY F 72 -37.88 11.06 -41.72
C GLY F 72 -38.45 11.15 -40.33
N GLU F 73 -38.92 10.04 -39.78
CA GLU F 73 -39.59 10.10 -38.49
C GLU F 73 -38.73 10.59 -37.34
N VAL F 74 -37.48 10.15 -37.29
CA VAL F 74 -36.60 10.60 -36.23
C VAL F 74 -36.39 12.09 -36.33
N THR F 75 -36.15 12.58 -37.54
CA THR F 75 -35.95 14.01 -37.73
C THR F 75 -37.21 14.80 -37.39
N ASN F 76 -38.37 14.29 -37.74
CA ASN F 76 -39.59 14.98 -37.39
C ASN F 76 -39.80 15.04 -35.88
N LEU F 77 -39.63 13.92 -35.20
CA LEU F 77 -39.90 13.89 -33.76
C LEU F 77 -38.92 14.71 -32.94
N ILE F 78 -37.63 14.57 -33.25
CA ILE F 78 -36.64 15.41 -32.57
C ILE F 78 -35.95 16.14 -33.69
N PRO F 79 -35.93 17.48 -33.63
CA PRO F 79 -35.40 18.21 -34.78
C PRO F 79 -33.96 17.91 -35.11
N ASP F 80 -33.07 17.82 -34.12
CA ASP F 80 -31.71 17.45 -34.41
C ASP F 80 -31.33 16.19 -33.67
N ILE F 81 -31.02 15.13 -34.40
CA ILE F 81 -30.57 13.90 -33.78
C ILE F 81 -29.22 14.14 -33.12
N ALA F 82 -28.35 14.89 -33.79
CA ALA F 82 -27.02 15.14 -33.26
C ALA F 82 -27.08 15.89 -31.95
N THR F 83 -27.92 16.90 -31.87
CA THR F 83 -28.02 17.70 -30.64
C THR F 83 -28.51 16.80 -29.53
N GLU F 84 -29.49 15.97 -29.83
CA GLU F 84 -30.05 15.08 -28.83
C GLU F 84 -29.00 14.09 -28.35
N LEU F 85 -28.18 13.60 -29.27
CA LEU F 85 -27.14 12.70 -28.87
C LEU F 85 -26.15 13.38 -27.95
N ARG F 86 -25.72 14.61 -28.23
CA ARG F 86 -24.80 15.19 -27.26
C ARG F 86 -25.41 15.44 -25.89
N ASP F 87 -26.62 16.00 -25.83
CA ASP F 87 -27.17 16.31 -24.52
C ASP F 87 -27.51 15.08 -23.67
N ALA F 88 -28.09 14.07 -24.28
CA ALA F 88 -28.47 12.87 -23.55
C ALA F 88 -27.98 11.65 -24.31
N PRO F 89 -26.67 11.39 -24.27
CA PRO F 89 -26.17 10.28 -25.09
C PRO F 89 -26.73 8.95 -24.67
N GLU F 90 -26.79 8.71 -23.37
CA GLU F 90 -27.31 7.45 -22.87
C GLU F 90 -28.76 7.28 -23.25
N LYS F 91 -29.55 8.33 -23.10
CA LYS F 91 -30.97 8.18 -23.36
C LYS F 91 -31.22 7.84 -24.81
N THR F 92 -30.55 8.54 -25.72
CA THR F 92 -30.77 8.31 -27.13
C THR F 92 -30.29 6.92 -27.57
N LEU F 93 -29.14 6.50 -27.06
CA LEU F 93 -28.61 5.20 -27.42
C LEU F 93 -29.55 4.10 -26.94
N ALA F 94 -30.04 4.24 -25.71
CA ALA F 94 -30.95 3.26 -25.15
C ALA F 94 -32.25 3.23 -25.92
N CYS F 95 -32.73 4.42 -26.31
CA CYS F 95 -33.99 4.49 -27.03
C CYS F 95 -33.84 3.75 -28.33
N MET F 96 -32.69 3.93 -28.98
CA MET F 96 -32.45 3.26 -30.24
C MET F 96 -32.44 1.76 -30.05
N GLY F 97 -31.76 1.29 -29.00
CA GLY F 97 -31.67 -0.14 -28.76
C GLY F 97 -32.99 -0.80 -28.47
N LEU F 98 -33.81 -0.16 -27.64
CA LEU F 98 -35.11 -0.71 -27.35
C LEU F 98 -35.94 -0.74 -28.60
N ALA F 99 -35.86 0.32 -29.40
CA ALA F 99 -36.68 0.41 -30.59
C ALA F 99 -36.38 -0.70 -31.60
N ILE F 100 -35.10 -0.96 -31.84
CA ILE F 100 -34.76 -2.05 -32.74
C ILE F 100 -35.16 -3.40 -32.15
N HIS F 101 -34.98 -3.56 -30.85
CA HIS F 101 -35.36 -4.79 -30.21
C HIS F 101 -36.86 -4.98 -30.37
N GLN F 102 -37.62 -3.91 -30.23
CA GLN F 102 -39.07 -3.99 -30.41
C GLN F 102 -39.46 -4.35 -31.82
N VAL F 103 -38.75 -3.78 -32.79
CA VAL F 103 -39.03 -4.13 -34.17
C VAL F 103 -38.74 -5.60 -34.34
N LEU F 104 -37.66 -6.07 -33.73
CA LEU F 104 -37.32 -7.49 -33.79
C LEU F 104 -38.35 -8.40 -33.09
N THR F 105 -38.90 -7.96 -31.96
CA THR F 105 -39.94 -8.75 -31.31
C THR F 105 -41.15 -8.84 -32.21
N LYS F 106 -41.51 -7.73 -32.84
CA LYS F 106 -42.63 -7.71 -33.76
C LYS F 106 -42.33 -8.61 -34.95
N ASP F 107 -41.09 -8.57 -35.42
CA ASP F 107 -40.67 -9.44 -36.53
C ASP F 107 -40.76 -10.89 -36.11
N LEU F 108 -40.40 -11.20 -34.86
CA LEU F 108 -40.53 -12.57 -34.36
C LEU F 108 -41.99 -13.01 -34.33
N GLU F 109 -42.89 -12.11 -33.92
CA GLU F 109 -44.31 -12.43 -33.93
C GLU F 109 -44.74 -12.67 -35.36
N ARG F 110 -44.21 -11.88 -36.28
CA ARG F 110 -44.51 -12.06 -37.69
C ARG F 110 -43.99 -13.42 -38.16
N HIS F 111 -42.83 -13.83 -37.67
CA HIS F 111 -42.25 -15.12 -38.06
C HIS F 111 -43.19 -16.22 -37.69
N ALA F 112 -43.74 -16.16 -36.48
CA ALA F 112 -44.63 -17.20 -36.03
C ALA F 112 -45.84 -17.23 -36.93
N ALA F 113 -46.38 -16.06 -37.24
CA ALA F 113 -47.59 -16.01 -38.05
C ALA F 113 -47.35 -16.58 -39.45
N GLU F 114 -46.24 -16.22 -40.07
CA GLU F 114 -45.96 -16.73 -41.41
C GLU F 114 -45.75 -18.25 -41.45
N LEU F 115 -45.02 -18.80 -40.48
CA LEU F 115 -44.85 -20.25 -40.45
C LEU F 115 -46.17 -20.97 -40.21
N GLN F 116 -47.02 -20.42 -39.34
CA GLN F 116 -48.33 -21.03 -39.11
C GLN F 116 -49.15 -21.00 -40.39
N ALA F 117 -49.09 -19.90 -41.14
CA ALA F 117 -49.78 -19.85 -42.42
C ALA F 117 -49.20 -20.84 -43.42
N GLN F 118 -47.88 -20.91 -43.50
CA GLN F 118 -47.23 -21.81 -44.46
C GLN F 118 -47.49 -23.28 -44.17
N GLU F 119 -47.38 -23.66 -42.90
CA GLU F 119 -47.58 -25.05 -42.53
C GLU F 119 -48.58 -25.14 -41.41
N GLY F 120 -49.57 -26.01 -41.53
CA GLY F 120 -50.60 -26.10 -40.52
C GLY F 120 -49.97 -26.49 -39.20
N LEU F 121 -50.38 -25.81 -38.13
CA LEU F 121 -49.76 -26.06 -36.85
C LEU F 121 -50.79 -26.49 -35.83
N SER F 122 -50.43 -27.41 -34.95
CA SER F 122 -51.35 -27.80 -33.89
C SER F 122 -51.64 -26.60 -33.02
N ASN F 123 -50.60 -25.85 -32.66
CA ASN F 123 -50.80 -24.63 -31.88
C ASN F 123 -51.57 -23.58 -32.67
N ASP F 124 -51.22 -23.40 -33.95
CA ASP F 124 -51.90 -22.42 -34.80
C ASP F 124 -51.99 -21.04 -34.16
N GLY F 125 -50.87 -20.53 -33.67
CA GLY F 125 -50.90 -19.27 -32.96
C GLY F 125 -50.55 -19.64 -31.54
N GLU F 126 -50.68 -18.70 -30.61
CA GLU F 126 -50.37 -18.96 -29.19
C GLU F 126 -48.97 -19.52 -29.02
N THR F 127 -48.01 -18.97 -29.75
CA THR F 127 -46.65 -19.48 -29.70
C THR F 127 -45.71 -18.45 -29.09
N MET F 128 -44.95 -18.86 -28.09
CA MET F 128 -43.98 -17.95 -27.48
C MET F 128 -42.91 -17.61 -28.50
N VAL F 129 -42.53 -16.35 -28.57
CA VAL F 129 -41.49 -15.94 -29.50
C VAL F 129 -40.26 -15.48 -28.74
N ASN F 130 -39.10 -16.02 -29.09
CA ASN F 130 -37.91 -15.69 -28.33
C ASN F 130 -37.02 -14.74 -29.09
N VAL F 131 -36.78 -13.57 -28.50
CA VAL F 131 -35.96 -12.57 -29.15
C VAL F 131 -34.75 -12.22 -28.30
N PRO F 132 -33.55 -12.29 -28.90
CA PRO F 132 -32.36 -11.87 -28.16
C PRO F 132 -32.33 -10.35 -28.03
N HIS F 133 -31.66 -9.83 -27.01
CA HIS F 133 -31.56 -8.38 -26.88
C HIS F 133 -30.83 -7.82 -28.08
N ILE F 134 -31.36 -6.74 -28.66
CA ILE F 134 -30.69 -6.11 -29.79
C ILE F 134 -30.36 -4.68 -29.42
N HIS F 135 -29.13 -4.25 -29.66
CA HIS F 135 -28.81 -2.84 -29.42
C HIS F 135 -28.36 -2.13 -30.68
N ALA F 136 -28.91 -0.95 -30.92
CA ALA F 136 -28.54 -0.19 -32.10
C ALA F 136 -27.11 0.30 -32.04
N ARG F 137 -26.42 0.26 -33.17
CA ARG F 137 -25.05 0.76 -33.22
C ARG F 137 -25.03 1.96 -34.14
N VAL F 138 -24.44 3.06 -33.70
CA VAL F 138 -24.34 4.25 -34.54
C VAL F 138 -22.91 4.50 -34.97
N TYR F 139 -22.70 4.66 -36.27
CA TYR F 139 -21.36 4.92 -36.78
C TYR F 139 -21.39 6.09 -37.73
N ASN F 140 -20.22 6.67 -38.03
CA ASN F 140 -20.14 7.86 -38.89
C ASN F 140 -20.96 9.03 -38.33
N TYR F 141 -20.84 9.27 -37.03
CA TYR F 141 -21.51 10.41 -36.42
C TYR F 141 -20.96 11.65 -37.08
N GLU F 142 -21.81 12.60 -37.42
CA GLU F 142 -21.35 13.77 -38.19
C GLU F 142 -20.30 14.75 -37.64
N PRO F 143 -20.35 15.10 -36.34
CA PRO F 143 -19.35 16.09 -35.90
C PRO F 143 -17.88 15.73 -36.08
N LEU F 144 -17.47 14.48 -35.80
CA LEU F 144 -16.09 14.05 -36.03
C LEU F 144 -15.05 14.94 -35.36
N THR F 145 -15.28 15.29 -34.10
CA THR F 145 -14.37 16.20 -33.39
C THR F 145 -12.97 15.63 -33.19
N GLN F 146 -11.97 16.50 -33.29
CA GLN F 146 -10.59 16.08 -33.09
C GLN F 146 -10.27 15.81 -31.63
N LEU F 147 -9.28 14.97 -31.38
CA LEU F 147 -8.91 14.62 -30.01
C LEU F 147 -8.41 15.81 -29.19
N LYS F 148 -7.67 16.71 -29.82
CA LYS F 148 -7.17 17.90 -29.13
C LYS F 148 -8.31 18.76 -28.62
N ASN F 149 -9.39 18.84 -29.39
CA ASN F 149 -10.54 19.64 -29.00
C ASN F 149 -11.16 19.17 -27.70
N VAL F 150 -11.17 17.87 -27.45
CA VAL F 150 -11.83 17.35 -26.26
C VAL F 150 -11.26 17.99 -25.00
N ARG F 151 -12.14 18.48 -24.14
CA ARG F 151 -11.73 19.18 -22.91
C ARG F 151 -12.78 18.85 -21.85
N ALA F 152 -12.74 19.55 -20.72
CA ALA F 152 -13.71 19.32 -19.66
C ALA F 152 -15.13 19.57 -20.14
N ASN F 153 -15.32 20.60 -20.97
CA ASN F 153 -16.64 20.88 -21.52
C ASN F 153 -17.14 19.74 -22.39
N TYR F 154 -16.25 19.14 -23.15
CA TYR F 154 -16.63 18.04 -24.04
C TYR F 154 -17.19 16.84 -23.30
N TYR F 155 -16.75 16.65 -22.06
CA TYR F 155 -17.21 15.51 -21.28
C TYR F 155 -18.73 15.53 -21.11
N GLY F 156 -19.35 14.36 -21.22
CA GLY F 156 -20.79 14.27 -21.09
C GLY F 156 -21.54 14.51 -22.39
N LYS F 157 -20.80 14.71 -23.48
CA LYS F 157 -21.42 14.93 -24.78
C LYS F 157 -21.01 13.83 -25.74
N TYR F 158 -21.98 13.23 -26.43
CA TYR F 158 -21.64 12.21 -27.41
C TYR F 158 -20.83 12.86 -28.51
N ILE F 159 -19.72 12.25 -28.88
CA ILE F 159 -18.85 12.82 -29.91
C ILE F 159 -18.32 11.74 -30.82
N ALA F 160 -17.86 12.14 -32.00
CA ALA F 160 -17.25 11.17 -32.89
C ALA F 160 -15.78 11.48 -32.90
N LEU F 161 -14.95 10.45 -32.80
CA LEU F 161 -13.52 10.69 -32.73
C LEU F 161 -12.84 10.10 -33.96
N ARG F 162 -11.99 10.89 -34.59
CA ARG F 162 -11.26 10.39 -35.74
C ARG F 162 -9.87 10.01 -35.30
N GLY F 163 -9.54 8.73 -35.37
CA GLY F 163 -8.25 8.28 -34.88
C GLY F 163 -7.79 6.93 -35.37
N THR F 164 -6.52 6.60 -35.13
CA THR F 164 -6.02 5.28 -35.48
C THR F 164 -5.76 4.52 -34.20
N VAL F 165 -6.39 3.36 -34.04
CA VAL F 165 -6.10 2.56 -32.86
C VAL F 165 -4.71 1.99 -32.99
N VAL F 166 -3.93 2.06 -31.91
CA VAL F 166 -2.61 1.47 -31.94
C VAL F 166 -2.53 0.25 -31.04
N ARG F 167 -3.56 0.07 -30.22
CA ARG F 167 -3.52 -1.03 -29.26
C ARG F 167 -4.85 -1.72 -29.10
N VAL F 168 -4.84 -3.01 -28.78
CA VAL F 168 -6.07 -3.74 -28.54
C VAL F 168 -5.90 -4.47 -27.21
N SER F 169 -7.01 -4.87 -26.61
CA SER F 169 -6.93 -5.63 -25.37
C SER F 169 -7.65 -6.95 -25.58
N ASN F 170 -7.23 -7.98 -24.87
CA ASN F 170 -7.88 -9.28 -24.97
C ASN F 170 -9.31 -9.16 -24.47
N ILE F 171 -10.23 -9.87 -25.10
CA ILE F 171 -11.63 -9.72 -24.73
C ILE F 171 -11.86 -10.11 -23.29
N LYS F 172 -12.60 -9.29 -22.57
CA LYS F 172 -12.93 -9.60 -21.19
C LYS F 172 -14.43 -9.57 -21.08
N PRO F 173 -15.03 -10.67 -20.64
CA PRO F 173 -16.48 -10.55 -20.46
C PRO F 173 -16.79 -9.54 -19.37
N LEU F 174 -17.75 -8.66 -19.63
CA LEU F 174 -18.11 -7.64 -18.66
C LEU F 174 -19.55 -7.86 -18.30
N CYS F 175 -19.87 -7.82 -17.01
CA CYS F 175 -21.23 -8.13 -16.63
C CYS F 175 -22.09 -6.91 -16.79
N THR F 176 -22.85 -6.88 -17.87
CA THR F 176 -23.77 -5.77 -18.07
C THR F 176 -24.85 -5.82 -17.01
N LYS F 177 -25.36 -7.01 -16.74
CA LYS F 177 -26.38 -7.18 -15.74
C LYS F 177 -25.98 -8.27 -14.78
N MET F 178 -26.12 -8.04 -13.48
CA MET F 178 -25.84 -9.11 -12.53
C MET F 178 -27.12 -9.49 -11.83
N ALA F 179 -27.49 -10.77 -11.92
CA ALA F 179 -28.72 -11.22 -11.30
C ALA F 179 -28.59 -11.13 -9.79
N PHE F 180 -29.60 -10.58 -9.15
CA PHE F 180 -29.55 -10.43 -7.71
C PHE F 180 -30.77 -11.03 -7.05
N LEU F 181 -30.55 -11.92 -6.10
CA LEU F 181 -31.67 -12.48 -5.37
C LEU F 181 -31.57 -11.96 -3.96
N CYS F 182 -32.61 -11.28 -3.49
CA CYS F 182 -32.57 -10.84 -2.11
C CYS F 182 -32.70 -12.03 -1.19
N ALA F 183 -32.08 -11.97 -0.01
CA ALA F 183 -32.06 -13.13 0.86
C ALA F 183 -33.44 -13.59 1.31
N ALA F 184 -34.32 -12.64 1.62
CA ALA F 184 -35.65 -12.99 2.10
C ALA F 184 -36.68 -13.24 0.99
N CYS F 185 -36.30 -13.01 -0.27
CA CYS F 185 -37.27 -13.15 -1.36
C CYS F 185 -36.90 -14.15 -2.44
N GLY F 186 -37.89 -14.91 -2.88
CA GLY F 186 -37.67 -15.86 -3.96
C GLY F 186 -37.30 -15.20 -5.28
N GLU F 187 -37.89 -14.05 -5.57
CA GLU F 187 -37.64 -13.40 -6.86
C GLU F 187 -36.19 -12.98 -7.07
N ILE F 188 -35.69 -13.21 -8.28
CA ILE F 188 -34.33 -12.79 -8.59
C ILE F 188 -34.38 -11.87 -9.81
N GLN F 189 -33.82 -10.68 -9.69
CA GLN F 189 -33.83 -9.73 -10.80
C GLN F 189 -32.45 -9.23 -11.16
N SER F 190 -32.11 -9.28 -12.45
CA SER F 190 -30.82 -8.78 -12.89
C SER F 190 -30.74 -7.27 -12.74
N PHE F 191 -29.63 -6.78 -12.24
CA PHE F 191 -29.47 -5.35 -12.05
C PHE F 191 -28.41 -4.85 -13.01
N PRO F 192 -28.79 -3.88 -13.85
CA PRO F 192 -27.78 -3.31 -14.75
C PRO F 192 -26.68 -2.64 -13.98
N LEU F 193 -25.45 -2.87 -14.39
CA LEU F 193 -24.32 -2.29 -13.70
C LEU F 193 -23.96 -1.03 -14.45
N PRO F 194 -23.95 0.11 -13.76
CA PRO F 194 -23.72 1.36 -14.50
C PRO F 194 -22.33 1.35 -15.08
N ASP F 195 -22.18 1.58 -16.39
CA ASP F 195 -20.88 1.56 -17.07
C ASP F 195 -20.07 0.29 -16.78
N GLY F 196 -20.75 -0.84 -16.68
CA GLY F 196 -20.07 -2.09 -16.34
C GLY F 196 -19.34 -2.02 -15.02
N LYS F 197 -19.89 -1.31 -14.05
CA LYS F 197 -19.23 -1.14 -12.76
C LYS F 197 -20.13 -1.69 -11.67
N TYR F 198 -19.58 -2.51 -10.78
CA TYR F 198 -20.40 -3.14 -9.78
C TYR F 198 -21.11 -2.17 -8.85
N SER F 199 -22.39 -2.41 -8.63
CA SER F 199 -23.16 -1.55 -7.73
C SER F 199 -24.22 -2.44 -7.09
N LEU F 200 -24.71 -2.04 -5.92
CA LEU F 200 -25.77 -2.79 -5.29
C LEU F 200 -27.00 -1.93 -5.12
N PRO F 201 -28.17 -2.42 -5.55
CA PRO F 201 -29.39 -1.64 -5.32
C PRO F 201 -29.69 -1.54 -3.85
N THR F 202 -30.09 -0.37 -3.38
CA THR F 202 -30.46 -0.21 -1.98
C THR F 202 -31.68 -1.05 -1.64
N LYS F 203 -32.65 -1.10 -2.54
CA LYS F 203 -33.89 -1.81 -2.26
C LYS F 203 -34.09 -2.96 -3.23
N CYS F 204 -34.63 -4.06 -2.75
CA CYS F 204 -34.92 -5.19 -3.63
C CYS F 204 -35.98 -4.82 -4.65
N PRO F 205 -35.81 -5.27 -5.91
CA PRO F 205 -36.75 -4.92 -6.98
C PRO F 205 -38.16 -5.43 -6.72
N VAL F 206 -38.27 -6.63 -6.15
CA VAL F 206 -39.57 -7.21 -5.88
C VAL F 206 -40.32 -6.28 -4.91
N PRO F 207 -41.58 -5.98 -5.22
CA PRO F 207 -42.37 -5.10 -4.34
C PRO F 207 -42.61 -5.67 -2.96
N VAL F 208 -42.90 -6.96 -2.85
CA VAL F 208 -43.24 -7.57 -1.56
C VAL F 208 -42.09 -7.54 -0.53
N CYS F 209 -40.86 -7.76 -0.97
CA CYS F 209 -39.73 -7.67 -0.04
C CYS F 209 -38.76 -6.63 -0.51
N ARG F 210 -38.40 -5.70 0.37
CA ARG F 210 -37.50 -4.62 -0.01
C ARG F 210 -36.13 -4.77 0.62
N GLY F 211 -35.80 -5.97 1.08
CA GLY F 211 -34.54 -6.15 1.79
C GLY F 211 -33.28 -5.79 1.03
N ARG F 212 -32.38 -5.08 1.70
CA ARG F 212 -31.12 -4.66 1.06
C ARG F 212 -30.18 -5.78 0.66
N SER F 213 -30.09 -6.83 1.48
CA SER F 213 -29.12 -7.90 1.22
C SER F 213 -29.37 -8.60 -0.11
N PHE F 214 -28.30 -8.88 -0.84
CA PHE F 214 -28.44 -9.50 -2.15
C PHE F 214 -27.45 -10.62 -2.35
N THR F 215 -27.80 -11.59 -3.19
CA THR F 215 -26.87 -12.66 -3.52
C THR F 215 -26.59 -12.56 -5.01
N ALA F 216 -25.31 -12.57 -5.38
CA ALA F 216 -24.98 -12.39 -6.78
C ALA F 216 -24.96 -13.73 -7.46
N LEU F 217 -25.94 -13.99 -8.30
CA LEU F 217 -26.00 -15.25 -9.01
C LEU F 217 -25.28 -15.19 -10.35
N ARG F 218 -23.95 -15.24 -10.33
CA ARG F 218 -23.19 -15.22 -11.57
C ARG F 218 -23.51 -16.46 -12.38
N SER F 219 -23.67 -17.59 -11.70
CA SER F 219 -23.99 -18.85 -12.37
C SER F 219 -25.30 -18.82 -13.12
N SER F 220 -26.29 -18.13 -12.55
CA SER F 220 -27.62 -18.13 -13.17
C SER F 220 -27.67 -17.53 -14.56
N PRO F 221 -28.53 -18.09 -15.43
CA PRO F 221 -28.68 -17.56 -16.79
C PRO F 221 -29.22 -16.14 -16.79
N LEU F 222 -29.90 -15.74 -15.72
CA LEU F 222 -30.44 -14.40 -15.61
C LEU F 222 -29.33 -13.36 -15.68
N THR F 223 -28.17 -13.67 -15.09
CA THR F 223 -27.04 -12.75 -15.20
C THR F 223 -26.66 -12.59 -16.67
N VAL F 224 -26.38 -11.37 -17.09
CA VAL F 224 -26.01 -11.13 -18.47
C VAL F 224 -24.56 -10.67 -18.58
N THR F 225 -23.78 -11.40 -19.37
CA THR F 225 -22.39 -11.02 -19.56
C THR F 225 -22.22 -10.62 -21.01
N MET F 226 -21.59 -9.47 -21.24
CA MET F 226 -21.38 -9.00 -22.59
C MET F 226 -19.89 -8.93 -22.87
N ASP F 227 -19.47 -9.46 -24.01
CA ASP F 227 -18.06 -9.41 -24.35
C ASP F 227 -17.63 -7.97 -24.46
N TRP F 228 -16.46 -7.66 -23.91
CA TRP F 228 -16.00 -6.28 -23.89
C TRP F 228 -14.56 -6.22 -24.35
N GLN F 229 -14.20 -5.17 -25.07
CA GLN F 229 -12.83 -5.03 -25.55
C GLN F 229 -12.38 -3.63 -25.28
N SER F 230 -11.07 -3.39 -25.21
CA SER F 230 -10.58 -2.03 -25.05
C SER F 230 -9.58 -1.69 -26.14
N ILE F 231 -9.76 -0.55 -26.78
CA ILE F 231 -8.82 -0.13 -27.82
C ILE F 231 -8.26 1.26 -27.53
N LYS F 232 -6.94 1.40 -27.57
CA LYS F 232 -6.37 2.72 -27.36
C LYS F 232 -6.29 3.41 -28.69
N ILE F 233 -6.98 4.53 -28.83
CA ILE F 233 -7.02 5.21 -30.12
C ILE F 233 -6.33 6.55 -30.05
N GLN F 234 -5.39 6.80 -30.95
CA GLN F 234 -4.72 8.08 -30.98
C GLN F 234 -4.99 8.82 -32.27
N GLU F 235 -5.14 10.13 -32.19
CA GLU F 235 -5.33 10.91 -33.40
C GLU F 235 -4.10 10.77 -34.27
N LEU F 236 -4.30 10.63 -35.57
CA LEU F 236 -3.16 10.55 -36.47
C LEU F 236 -3.07 11.78 -37.34
N MET F 237 -1.92 12.45 -37.30
CA MET F 237 -1.73 13.67 -38.07
C MET F 237 -0.36 13.66 -38.70
N SER F 238 -0.19 14.40 -39.79
CA SER F 238 1.14 14.51 -40.39
C SER F 238 2.01 15.32 -39.46
N ASP F 239 3.32 15.08 -39.47
CA ASP F 239 4.21 15.77 -38.56
C ASP F 239 4.17 17.27 -38.81
N ASP F 240 4.14 17.67 -40.08
CA ASP F 240 4.02 19.09 -40.40
C ASP F 240 2.70 19.64 -39.90
N GLN F 241 1.61 18.90 -40.10
CA GLN F 241 0.29 19.35 -39.68
C GLN F 241 0.19 19.50 -38.17
N ARG F 242 0.73 18.54 -37.43
CA ARG F 242 0.69 18.60 -35.98
C ARG F 242 1.68 19.62 -35.44
N GLU F 243 1.41 20.14 -34.25
CA GLU F 243 2.37 21.05 -33.64
C GLU F 243 3.61 20.24 -33.33
N ALA F 244 4.78 20.80 -33.59
CA ALA F 244 6.02 20.08 -33.36
C ALA F 244 6.31 19.85 -31.88
N GLY F 245 6.83 18.67 -31.54
CA GLY F 245 7.22 18.40 -30.16
C GLY F 245 6.14 17.95 -29.20
N ARG F 246 4.91 17.76 -29.68
CA ARG F 246 3.86 17.24 -28.81
C ARG F 246 3.31 15.91 -29.32
N ILE F 247 3.24 14.93 -28.43
CA ILE F 247 2.72 13.63 -28.82
C ILE F 247 1.24 13.70 -29.18
N PRO F 248 0.82 12.90 -30.19
CA PRO F 248 -0.61 12.88 -30.48
C PRO F 248 -1.41 12.37 -29.30
N ARG F 249 -2.54 13.01 -29.01
CA ARG F 249 -3.36 12.61 -27.88
C ARG F 249 -3.90 11.22 -28.08
N THR F 250 -3.92 10.42 -27.01
CA THR F 250 -4.49 9.09 -27.11
C THR F 250 -5.66 9.00 -26.16
N ILE F 251 -6.82 8.60 -26.67
CA ILE F 251 -8.00 8.45 -25.83
C ILE F 251 -8.46 7.00 -25.84
N GLU F 252 -8.62 6.42 -24.64
CA GLU F 252 -9.06 5.04 -24.54
C GLU F 252 -10.48 4.88 -25.06
N CYS F 253 -10.73 3.82 -25.81
CA CYS F 253 -12.05 3.57 -26.35
C CYS F 253 -12.39 2.13 -26.01
N GLU F 254 -13.67 1.80 -26.03
CA GLU F 254 -14.07 0.43 -25.72
C GLU F 254 -15.11 -0.15 -26.65
N LEU F 255 -15.15 -1.48 -26.76
CA LEU F 255 -16.09 -2.14 -27.66
C LEU F 255 -16.97 -3.06 -26.83
N VAL F 256 -18.22 -3.25 -27.22
CA VAL F 256 -19.11 -4.17 -26.50
C VAL F 256 -19.88 -5.09 -27.43
N HIS F 257 -20.30 -6.26 -26.95
CA HIS F 257 -21.12 -7.17 -27.77
C HIS F 257 -20.45 -7.57 -29.08
N ASP F 258 -21.17 -7.45 -30.19
CA ASP F 258 -20.64 -7.81 -31.49
C ASP F 258 -19.52 -6.91 -31.99
N LEU F 259 -19.42 -5.72 -31.43
CA LEU F 259 -18.38 -4.77 -31.81
C LEU F 259 -17.00 -5.33 -31.55
N VAL F 260 -16.85 -6.13 -30.50
CA VAL F 260 -15.54 -6.66 -30.14
C VAL F 260 -14.91 -7.55 -31.19
N ASP F 261 -13.57 -7.51 -31.27
CA ASP F 261 -12.82 -8.34 -32.23
C ASP F 261 -12.91 -7.87 -33.67
N SER F 262 -13.43 -6.67 -33.88
CA SER F 262 -13.48 -6.11 -35.23
C SER F 262 -12.37 -5.08 -35.31
N CYS F 263 -11.54 -5.01 -34.27
CA CYS F 263 -10.49 -4.01 -34.24
C CYS F 263 -9.09 -4.60 -34.27
N VAL F 264 -8.25 -4.07 -35.15
CA VAL F 264 -6.87 -4.56 -35.26
C VAL F 264 -5.94 -3.37 -35.01
N PRO F 265 -4.87 -3.58 -34.21
CA PRO F 265 -3.98 -2.47 -33.89
C PRO F 265 -3.25 -1.93 -35.11
N GLY F 266 -3.03 -0.62 -35.15
CA GLY F 266 -2.38 -0.01 -36.31
C GLY F 266 -3.33 0.28 -37.44
N ASP F 267 -4.64 0.12 -37.20
CA ASP F 267 -5.63 0.33 -38.24
C ASP F 267 -6.51 1.51 -37.87
N THR F 268 -6.83 2.36 -38.84
CA THR F 268 -7.62 3.54 -38.51
C THR F 268 -9.08 3.19 -38.38
N VAL F 269 -9.63 3.41 -37.19
CA VAL F 269 -11.03 3.10 -36.95
C VAL F 269 -11.70 4.32 -36.33
N THR F 270 -12.83 4.76 -36.89
CA THR F 270 -13.54 5.87 -36.27
C THR F 270 -14.50 5.31 -35.23
N ILE F 271 -14.42 5.81 -34.01
CA ILE F 271 -15.26 5.32 -32.94
C ILE F 271 -16.22 6.42 -32.53
N THR F 272 -17.52 6.12 -32.51
CA THR F 272 -18.51 7.11 -32.14
C THR F 272 -19.20 6.69 -30.85
N GLY F 273 -19.31 7.61 -29.90
CA GLY F 273 -19.92 7.27 -28.63
C GLY F 273 -19.81 8.35 -27.57
N ILE F 274 -20.15 8.01 -26.34
CA ILE F 274 -20.15 9.04 -25.29
C ILE F 274 -18.93 8.98 -24.37
N VAL F 275 -18.23 10.10 -24.24
CA VAL F 275 -17.08 10.16 -23.34
C VAL F 275 -17.51 10.12 -21.89
N LYS F 276 -16.77 9.40 -21.07
CA LYS F 276 -17.12 9.28 -19.66
C LYS F 276 -15.95 9.61 -18.77
N VAL F 277 -16.21 10.17 -17.60
CA VAL F 277 -15.15 10.48 -16.66
C VAL F 277 -14.52 9.17 -16.21
N SER F 278 -13.19 9.15 -16.11
CA SER F 278 -12.51 7.89 -15.79
C SER F 278 -12.77 7.32 -14.41
N ASN F 279 -13.05 6.02 -14.35
CA ASN F 279 -13.22 5.34 -13.06
C ASN F 279 -11.86 4.95 -12.54
N ALA F 280 -11.79 4.54 -11.28
CA ALA F 280 -10.52 4.12 -10.66
C ALA F 280 -9.45 5.18 -10.76
N GLU F 281 -9.82 6.43 -10.51
CA GLU F 281 -8.88 7.53 -10.56
C GLU F 281 -8.97 8.08 -9.17
N GLU F 282 -8.01 8.87 -8.71
CA GLU F 282 -8.02 9.28 -7.31
C GLU F 282 -9.26 10.06 -6.86
N GLY F 283 -9.76 10.96 -7.70
CA GLY F 283 -10.99 11.64 -7.32
C GLY F 283 -12.16 10.68 -7.20
N SER F 284 -12.29 9.75 -8.15
CA SER F 284 -13.35 8.74 -8.06
C SER F 284 -13.15 7.77 -6.91
N ARG F 285 -11.92 7.29 -6.71
CA ARG F 285 -11.65 6.32 -5.66
C ARG F 285 -11.85 6.84 -4.26
N ASN F 286 -11.41 8.07 -4.01
CA ASN F 286 -11.50 8.59 -2.66
C ASN F 286 -12.39 9.81 -2.58
N LYS F 287 -13.30 9.82 -1.62
CA LYS F 287 -14.13 10.98 -1.42
C LYS F 287 -13.26 12.07 -0.80
N ASN F 288 -13.59 13.33 -1.03
CA ASN F 288 -12.76 14.44 -0.53
C ASN F 288 -11.31 14.30 -0.99
N ASP F 289 -11.13 14.08 -2.28
CA ASP F 289 -9.79 13.96 -2.84
C ASP F 289 -9.71 14.84 -4.06
N LYS F 290 -8.50 15.22 -4.46
CA LYS F 290 -8.35 16.00 -5.69
C LYS F 290 -8.88 15.17 -6.83
N CYS F 291 -9.66 15.78 -7.70
CA CYS F 291 -10.26 15.02 -8.78
C CYS F 291 -9.38 15.09 -10.00
N MET F 292 -8.88 13.95 -10.43
CA MET F 292 -8.10 13.92 -11.65
C MET F 292 -8.86 12.97 -12.54
N PHE F 293 -9.23 13.39 -13.74
CA PHE F 293 -10.05 12.52 -14.58
C PHE F 293 -9.61 12.52 -16.02
N LEU F 294 -9.97 11.46 -16.74
CA LEU F 294 -9.62 11.36 -18.15
C LEU F 294 -10.87 10.92 -18.85
N LEU F 295 -10.94 11.12 -20.15
CA LEU F 295 -12.16 10.78 -20.86
C LEU F 295 -12.03 9.47 -21.59
N TYR F 296 -12.91 8.52 -21.31
CA TYR F 296 -12.88 7.26 -22.03
C TYR F 296 -14.20 7.15 -22.77
N ILE F 297 -14.15 6.83 -24.05
CA ILE F 297 -15.39 6.84 -24.84
C ILE F 297 -15.83 5.46 -25.32
N GLU F 298 -17.08 5.11 -25.02
CA GLU F 298 -17.60 3.84 -25.50
C GLU F 298 -17.85 3.91 -26.98
N ALA F 299 -17.84 2.78 -27.67
CA ALA F 299 -18.19 2.86 -29.06
C ALA F 299 -19.57 2.32 -29.24
N ASN F 300 -20.50 3.16 -29.66
CA ASN F 300 -21.83 2.67 -29.97
C ASN F 300 -21.67 1.80 -31.20
N SER F 301 -20.86 2.26 -32.15
CA SER F 301 -20.66 1.52 -33.39
C SER F 301 -19.19 1.47 -33.75
N ILE F 302 -18.78 0.45 -34.49
CA ILE F 302 -17.41 0.39 -34.94
C ILE F 302 -17.36 0.56 -36.45
N SER F 303 -16.64 1.56 -36.92
CA SER F 303 -16.48 1.72 -38.36
C SER F 303 -15.01 1.82 -38.65
N ASN F 304 -14.49 0.95 -39.50
CA ASN F 304 -13.05 0.97 -39.74
C ASN F 304 -12.75 1.50 -41.12
N SER F 305 -12.05 2.63 -41.18
CA SER F 305 -11.66 3.16 -42.48
C SER F 305 -10.68 2.21 -43.14
N LYS F 306 -9.76 1.66 -42.36
CA LYS F 306 -8.80 0.71 -42.89
C LYS F 306 -9.50 -0.54 -43.38
N GLY F 307 -10.48 -1.03 -42.63
CA GLY F 307 -11.22 -2.20 -43.05
C GLY F 307 -11.98 -1.96 -44.34
N GLN F 308 -12.61 -0.80 -44.45
CA GLN F 308 -13.33 -0.46 -45.67
C GLN F 308 -12.39 -0.33 -46.86
N LYS F 309 -11.24 0.30 -46.64
CA LYS F 309 -10.25 0.49 -47.72
C LYS F 309 -10.87 0.90 -49.06
#